data_9IS8
#
_entry.id   9IS8
#
_cell.length_a   1.00
_cell.length_b   1.00
_cell.length_c   1.00
_cell.angle_alpha   90.00
_cell.angle_beta   90.00
_cell.angle_gamma   90.00
#
_symmetry.space_group_name_H-M   'P 1'
#
loop_
_entity.id
_entity.type
_entity.pdbx_description
1 polymer 'Potassium channel AKT1'
2 polymer 'Potassium channel KAT3'
3 non-polymer '(2S)-3-(hexadecanoyloxy)-2-[(9Z)-octadec-9-enoyloxy]propyl 2-(trimethylammonio)ethyl phosphate'
4 non-polymer 'POTASSIUM ION'
#
loop_
_entity_poly.entity_id
_entity_poly.type
_entity_poly.pdbx_seq_one_letter_code
_entity_poly.pdbx_strand_id
1 'polypeptide(L)'
;MRGGALLCGQVQDEIEQLSRESSHFSLSTGILPSLGARSNRRVKLRRFVVSPYDHKYRIWEAFLVVLVVYTAWVSPFEFG
FLRKPRPPLSITDNIVNAFFAIDIIMTFFVGYLDKSTYLIVDDRKQIAFKYLRSWFLLDLVSTIPSEAAMRISSQSYGLF
NMLRLWRLRRVGALFARLEKDRNFNYFWVRCAKLVCVTLFAVHCAACFYYLIAARNSNPAKTWIGANVANFLEESLWMRY
VTSMYWSITTLTTVGYGDLHPVNTKEMIFDIFYMLFNLGLTAYLIGNMTNLVVHGTSRTRNFRDTIQAASNFAHRNHLPP
RLQDQMLAHLCLKYRTDSEGLQQQETLDALPKAIRSSISHFLFYSLMDKVYLFRGVSNDLLFQLVSEMKAEYFPPKEDVI
LQNEAPTDFYILVNGTADLVDVDTGTESIVREVKAGDIIGEIGVLCYRPQLFTVRTKRLCQLLRMNRTTFLNIIQANVGD
GTIIMNNLLQHLKEMNDPVMTNVLLEIENMLARGKMDLPLNLCFAAIREDDLLLHQLLKRGLDPNESDNNGRTPLHIAAS
KGTLNCVLLLLEYHADPNCRDAEGSVPLWEAMVEGHEKVVKVLLEHGSTIDAGDVGHFACTAAEQGNLKLLKEIVLHGGD
VTRPRATGTSALHTAVCEENIEMVKYLLEQGADVNKQDMHGWTPRDLAEQQGHEDIKALFREKLHERRVHIETSSSVPIL
KTGIRFLGRFTSEPNIRPASREVSFRIRETRARRKTNNFDNSLFGILANQSVPKNGLATVDEGRTGNPVRVTISCAEKDD
IAGKLVLLPGSFKELLELGSNKFGIVATKVMNKDNNAEIDDVDVIRDGDHLIFATDSLEGSDEVDAGSAAASGGSGSDYK
DDDDK
;
A,C,D
2 'polypeptide(L)'
;MSTTTTEARSPLPLLLRRGRSSTALSASTAEARSPLSILQFRRRSSKDVRNITSVSSSLLPAFGTFIEDDNPSSKPFIVL
HFDRRYRLWELFLVILVGYSAWASLFELAFEKAAEGALLTIDLVVDFFFAVDIILTFFVSYLDNTTYLNVTDHKLIAKRY
LKSVAFVMDVASTLPIQFIYKTITGDVGRGQAFGFLNLLRLWRLRRVAELFKRLEKDAHFNYFVIRVIKLLCVTIFWIHL
AGCILYWIAYHYPRPTDTWIGSQVEDFKERSVWLGYTYSMYWSIVTLTTVGYGDLHAVNSREKTFNMFYMLFNIDLTSYI
IGIMTNLVVHGALRTFAMRSAINDILRYTSKNRLPDTMREQMLAHMQLKFKTAELRQEEVLQDLPKAIRSSINQHLFRSI
IEEAYLFKGFPEGLLVQLVSQIQAEYFPPKMEIILQNEIPTDFYVIVSGGVDIIASKGVSEQVLAKLGPGSMAGEIGVVF
NIPQPFTVRTRRLSQVIRIGHHKFKEMVQSDNDVDAKMIIANFMTYLKGLNDELKKEIPFLRDLLDDADAQVQETVQSEE
TPQSNDEEIVTVSRHENGQIEERRREGVPKRVIIHGQAPPNQDNKNNGDSNGRLIILPDSIQLLFDLAEKKLGKRGSTIA
MADGAHVEQIDALRENDHLYIFLEGSDEVDAGSAAASGGSGSWSHPQFEKGGGARGGSGGGSWSHPQFEK
;
B
#
# COMPACT_ATOMS: atom_id res chain seq x y z
N PRO A 52 -41.99 1.13 1.70
CA PRO A 52 -40.94 0.78 0.75
C PRO A 52 -39.55 1.18 1.22
N TYR A 53 -39.50 2.07 2.21
CA TYR A 53 -38.23 2.50 2.77
C TYR A 53 -38.23 2.65 4.28
N ASP A 54 -39.39 2.66 4.94
CA ASP A 54 -39.44 3.07 6.32
C ASP A 54 -38.94 1.96 7.25
N HIS A 55 -38.99 2.25 8.54
CA HIS A 55 -38.66 1.27 9.55
C HIS A 55 -39.56 0.04 9.50
N LYS A 56 -40.86 0.22 9.26
CA LYS A 56 -41.78 -0.91 9.19
C LYS A 56 -41.39 -1.89 8.09
N TYR A 57 -40.43 -1.53 7.24
CA TYR A 57 -39.84 -2.44 6.27
C TYR A 57 -38.33 -2.56 6.49
N ARG A 58 -37.86 -2.18 7.66
CA ARG A 58 -36.48 -2.43 8.05
C ARG A 58 -36.36 -3.18 9.36
N ILE A 59 -37.29 -3.03 10.29
CA ILE A 59 -37.34 -3.96 11.40
C ILE A 59 -37.87 -5.30 10.95
N TRP A 60 -38.44 -5.36 9.75
CA TRP A 60 -38.96 -6.61 9.20
C TRP A 60 -37.92 -7.29 8.33
N GLU A 61 -37.47 -6.61 7.28
CA GLU A 61 -36.52 -7.24 6.36
C GLU A 61 -35.21 -7.57 7.05
N ALA A 62 -34.95 -6.97 8.21
CA ALA A 62 -33.83 -7.37 9.05
C ALA A 62 -34.28 -8.30 10.15
N PHE A 63 -35.54 -8.70 10.16
CA PHE A 63 -35.99 -9.80 10.99
C PHE A 63 -35.98 -11.10 10.23
N LEU A 64 -36.14 -11.04 8.91
CA LEU A 64 -35.96 -12.21 8.07
C LEU A 64 -34.52 -12.60 7.91
N VAL A 65 -33.59 -11.84 8.49
CA VAL A 65 -32.18 -12.20 8.46
C VAL A 65 -31.78 -13.09 9.63
N VAL A 66 -32.41 -12.92 10.80
CA VAL A 66 -32.20 -13.91 11.83
C VAL A 66 -32.95 -15.19 11.50
N LEU A 67 -33.95 -15.12 10.62
CA LEU A 67 -34.60 -16.33 10.15
C LEU A 67 -33.86 -16.95 8.98
N VAL A 68 -32.89 -16.28 8.42
CA VAL A 68 -32.07 -16.84 7.35
C VAL A 68 -30.88 -17.53 8.00
N VAL A 69 -30.36 -16.94 9.07
CA VAL A 69 -29.30 -17.59 9.81
C VAL A 69 -29.80 -18.89 10.40
N TYR A 70 -31.08 -18.97 10.74
CA TYR A 70 -31.62 -20.21 11.24
C TYR A 70 -31.69 -21.26 10.14
N THR A 71 -32.13 -20.87 8.96
CA THR A 71 -32.21 -21.82 7.87
C THR A 71 -30.83 -22.26 7.40
N ALA A 72 -29.85 -21.36 7.45
CA ALA A 72 -28.49 -21.70 7.06
C ALA A 72 -27.85 -22.69 8.00
N TRP A 73 -28.39 -22.85 9.20
CA TRP A 73 -27.94 -23.92 10.05
C TRP A 73 -28.79 -25.17 9.90
N VAL A 74 -30.10 -25.00 9.77
CA VAL A 74 -30.98 -26.17 9.78
C VAL A 74 -30.94 -26.96 8.48
N SER A 75 -30.85 -26.30 7.34
CA SER A 75 -30.98 -27.01 6.09
C SER A 75 -29.84 -28.01 5.89
N PRO A 76 -28.56 -27.61 6.00
CA PRO A 76 -27.50 -28.61 5.88
C PRO A 76 -27.54 -29.64 6.99
N PHE A 77 -27.99 -29.27 8.18
CA PHE A 77 -28.10 -30.24 9.25
C PHE A 77 -29.16 -31.28 8.93
N GLU A 78 -30.22 -30.84 8.28
CA GLU A 78 -31.27 -31.81 7.92
C GLU A 78 -30.69 -32.71 6.88
N PHE A 79 -30.03 -32.12 5.90
CA PHE A 79 -29.43 -32.93 4.85
C PHE A 79 -28.57 -34.02 5.43
N GLY A 80 -27.57 -33.64 6.22
CA GLY A 80 -26.64 -34.58 6.80
C GLY A 80 -27.24 -35.56 7.79
N PHE A 81 -27.81 -35.07 8.89
CA PHE A 81 -28.01 -35.92 10.06
C PHE A 81 -29.42 -36.48 10.19
N LEU A 82 -30.34 -36.14 9.30
CA LEU A 82 -31.72 -36.59 9.46
C LEU A 82 -32.28 -37.13 8.15
N ARG A 83 -33.20 -38.09 8.28
CA ARG A 83 -33.83 -38.70 7.13
C ARG A 83 -35.32 -38.47 7.05
N LYS A 84 -35.98 -38.10 8.14
CA LYS A 84 -37.41 -37.90 8.17
C LYS A 84 -37.73 -36.75 9.11
N PRO A 85 -38.86 -36.08 8.91
CA PRO A 85 -39.16 -34.88 9.71
C PRO A 85 -39.52 -35.20 11.15
N ARG A 86 -38.51 -35.39 12.00
CA ARG A 86 -38.78 -35.58 13.42
C ARG A 86 -39.47 -34.33 13.99
N PRO A 87 -40.24 -34.49 15.07
CA PRO A 87 -41.11 -33.41 15.54
C PRO A 87 -40.36 -32.12 15.82
N PRO A 88 -39.35 -32.11 16.70
CA PRO A 88 -38.88 -30.82 17.24
C PRO A 88 -38.38 -29.85 16.19
N LEU A 89 -38.24 -30.29 14.94
CA LEU A 89 -37.83 -29.42 13.85
C LEU A 89 -38.81 -29.40 12.70
N SER A 90 -39.76 -30.31 12.67
CA SER A 90 -40.73 -30.32 11.58
C SER A 90 -41.89 -29.38 11.83
N ILE A 91 -41.90 -28.67 12.95
CA ILE A 91 -42.89 -27.63 13.21
C ILE A 91 -42.28 -26.25 13.29
N THR A 92 -41.08 -26.12 13.85
CA THR A 92 -40.38 -24.85 13.80
C THR A 92 -39.78 -24.54 12.44
N ASP A 93 -40.04 -25.38 11.45
CA ASP A 93 -39.58 -25.11 10.10
C ASP A 93 -40.71 -24.74 9.17
N ASN A 94 -41.96 -24.99 9.57
CA ASN A 94 -43.11 -24.42 8.89
C ASN A 94 -43.42 -23.02 9.35
N ILE A 95 -43.23 -22.73 10.64
CA ILE A 95 -43.29 -21.36 11.13
C ILE A 95 -42.44 -20.47 10.24
N VAL A 96 -41.17 -20.82 10.10
CA VAL A 96 -40.28 -20.03 9.27
C VAL A 96 -40.76 -20.03 7.84
N ASN A 97 -41.46 -21.07 7.43
CA ASN A 97 -42.00 -21.06 6.08
C ASN A 97 -43.13 -20.06 5.93
N ALA A 98 -44.03 -20.00 6.91
CA ALA A 98 -45.07 -18.97 6.89
C ALA A 98 -44.46 -17.58 6.86
N PHE A 99 -43.55 -17.29 7.79
CA PHE A 99 -42.89 -15.99 7.79
C PHE A 99 -42.25 -15.67 6.46
N PHE A 100 -41.79 -16.67 5.74
CA PHE A 100 -41.27 -16.43 4.40
C PHE A 100 -42.34 -16.47 3.34
N ALA A 101 -43.50 -17.05 3.65
CA ALA A 101 -44.65 -16.95 2.77
C ALA A 101 -45.33 -15.60 2.86
N ILE A 102 -45.29 -14.98 4.02
CA ILE A 102 -45.86 -13.65 4.23
C ILE A 102 -45.10 -12.65 3.37
N ASP A 103 -43.82 -12.91 3.13
CA ASP A 103 -43.00 -11.96 2.42
C ASP A 103 -43.08 -12.06 0.91
N ILE A 104 -43.53 -13.19 0.37
CA ILE A 104 -43.68 -13.25 -1.08
C ILE A 104 -44.96 -12.59 -1.55
N ILE A 105 -45.82 -12.15 -0.65
CA ILE A 105 -46.96 -11.31 -1.04
C ILE A 105 -46.74 -9.87 -0.60
N MET A 106 -46.20 -9.65 0.58
CA MET A 106 -45.84 -8.31 1.02
C MET A 106 -44.68 -7.74 0.23
N THR A 107 -44.20 -8.44 -0.77
CA THR A 107 -43.21 -7.90 -1.70
C THR A 107 -43.83 -7.41 -3.00
N PHE A 108 -45.14 -7.54 -3.17
CA PHE A 108 -45.84 -6.89 -4.25
C PHE A 108 -46.17 -5.44 -3.90
N PHE A 109 -46.47 -5.17 -2.63
CA PHE A 109 -46.76 -3.82 -2.19
C PHE A 109 -45.49 -3.16 -1.68
N VAL A 110 -44.43 -3.20 -2.47
CA VAL A 110 -43.15 -2.63 -2.06
C VAL A 110 -42.56 -1.89 -3.24
N GLY A 111 -42.25 -0.61 -3.04
CA GLY A 111 -41.70 0.22 -4.09
C GLY A 111 -40.23 -0.09 -4.29
N TYR A 112 -39.87 -0.38 -5.53
CA TYR A 112 -38.49 -0.61 -5.92
C TYR A 112 -37.99 0.61 -6.67
N LEU A 113 -36.83 1.13 -6.28
CA LEU A 113 -36.28 2.34 -6.87
C LEU A 113 -35.05 1.96 -7.69
N ASP A 114 -35.07 2.32 -8.97
CA ASP A 114 -33.90 2.18 -9.82
C ASP A 114 -33.19 3.52 -9.94
N LYS A 115 -31.89 3.47 -10.20
CA LYS A 115 -31.15 4.70 -10.41
C LYS A 115 -31.58 5.37 -11.71
N SER A 116 -32.15 4.60 -12.64
CA SER A 116 -32.77 5.19 -13.81
C SER A 116 -33.87 6.17 -13.42
N THR A 117 -34.80 5.73 -12.57
CA THR A 117 -35.84 6.61 -12.06
C THR A 117 -35.38 7.42 -10.85
N TYR A 118 -34.31 6.99 -10.18
CA TYR A 118 -33.70 7.72 -9.06
C TYR A 118 -34.63 7.82 -7.86
N LEU A 119 -35.85 7.28 -7.98
CA LEU A 119 -36.83 7.30 -6.91
C LEU A 119 -37.71 6.06 -7.03
N ILE A 120 -38.60 5.88 -6.05
CA ILE A 120 -39.47 4.72 -6.05
C ILE A 120 -40.40 4.78 -7.26
N VAL A 121 -41.01 3.63 -7.57
CA VAL A 121 -41.82 3.54 -8.79
C VAL A 121 -43.30 3.67 -8.47
N ASP A 122 -43.77 2.98 -7.43
CA ASP A 122 -45.14 3.01 -6.92
C ASP A 122 -46.13 2.38 -7.90
N ASP A 123 -45.71 1.96 -9.08
CA ASP A 123 -46.61 1.36 -10.06
C ASP A 123 -46.87 -0.08 -9.65
N ARG A 124 -48.13 -0.39 -9.31
CA ARG A 124 -48.49 -1.72 -8.86
C ARG A 124 -48.10 -2.79 -9.89
N LYS A 125 -48.57 -2.64 -11.13
CA LYS A 125 -48.29 -3.64 -12.14
C LYS A 125 -46.80 -3.75 -12.43
N GLN A 126 -46.09 -2.63 -12.38
CA GLN A 126 -44.65 -2.68 -12.62
C GLN A 126 -43.94 -3.47 -11.53
N ILE A 127 -44.30 -3.24 -10.27
CA ILE A 127 -43.71 -4.02 -9.17
C ILE A 127 -44.03 -5.49 -9.37
N ALA A 128 -45.29 -5.79 -9.68
CA ALA A 128 -45.70 -7.18 -9.88
C ALA A 128 -44.83 -7.86 -10.93
N PHE A 129 -44.75 -7.27 -12.13
CA PHE A 129 -43.99 -7.88 -13.21
C PHE A 129 -42.49 -7.87 -12.97
N LYS A 130 -41.97 -6.90 -12.20
CA LYS A 130 -40.54 -6.87 -11.92
C LYS A 130 -40.16 -7.98 -10.95
N TYR A 131 -40.96 -8.17 -9.90
CA TYR A 131 -40.70 -9.26 -8.98
C TYR A 131 -40.90 -10.60 -9.65
N LEU A 132 -42.02 -10.77 -10.35
CA LEU A 132 -42.37 -12.03 -11.00
C LEU A 132 -41.41 -12.38 -12.13
N ARG A 133 -40.43 -11.54 -12.41
CA ARG A 133 -39.48 -11.81 -13.47
C ARG A 133 -38.39 -12.77 -13.05
N SER A 134 -37.65 -12.45 -11.99
CA SER A 134 -36.47 -13.23 -11.62
C SER A 134 -36.60 -13.93 -10.27
N TRP A 135 -36.79 -13.20 -9.18
CA TRP A 135 -36.80 -13.82 -7.87
C TRP A 135 -38.24 -14.13 -7.43
N PHE A 136 -38.95 -14.88 -8.25
CA PHE A 136 -40.26 -15.31 -7.79
C PHE A 136 -40.37 -16.82 -7.67
N LEU A 137 -40.10 -17.56 -8.75
CA LEU A 137 -40.19 -19.01 -8.69
C LEU A 137 -39.25 -19.57 -7.64
N LEU A 138 -38.05 -19.01 -7.54
CA LEU A 138 -37.12 -19.42 -6.50
C LEU A 138 -37.72 -19.17 -5.12
N ASP A 139 -38.15 -17.94 -4.86
CA ASP A 139 -38.74 -17.65 -3.57
C ASP A 139 -40.01 -18.45 -3.34
N LEU A 140 -40.70 -18.84 -4.41
CA LEU A 140 -41.91 -19.61 -4.23
C LEU A 140 -41.59 -21.04 -3.82
N VAL A 141 -40.63 -21.66 -4.51
CA VAL A 141 -40.31 -23.05 -4.19
C VAL A 141 -39.63 -23.15 -2.84
N SER A 142 -38.78 -22.18 -2.50
CA SER A 142 -38.06 -22.18 -1.24
C SER A 142 -38.98 -22.38 -0.04
N THR A 143 -40.25 -22.00 -0.14
CA THR A 143 -41.14 -22.06 1.00
C THR A 143 -42.23 -23.12 0.86
N ILE A 144 -42.07 -24.09 -0.03
CA ILE A 144 -43.00 -25.22 0.02
C ILE A 144 -42.69 -26.05 1.26
N PRO A 145 -43.68 -26.42 2.06
CA PRO A 145 -43.41 -27.22 3.25
C PRO A 145 -42.84 -28.58 2.86
N SER A 146 -41.80 -28.98 3.57
CA SER A 146 -41.20 -30.29 3.31
C SER A 146 -42.21 -31.40 3.52
N GLU A 147 -43.01 -31.29 4.58
CA GLU A 147 -44.01 -32.28 4.95
C GLU A 147 -44.93 -32.66 3.80
N ALA A 148 -45.06 -31.82 2.79
CA ALA A 148 -45.88 -32.14 1.61
C ALA A 148 -45.02 -32.64 0.47
N ALA A 149 -43.86 -32.04 0.26
CA ALA A 149 -42.96 -32.49 -0.79
C ALA A 149 -42.48 -33.91 -0.60
N MET A 150 -42.68 -34.50 0.57
CA MET A 150 -42.40 -35.91 0.76
C MET A 150 -43.52 -36.82 0.28
N ARG A 151 -44.75 -36.29 0.23
CA ARG A 151 -45.86 -37.09 -0.25
C ARG A 151 -45.74 -37.39 -1.74
N ILE A 152 -45.09 -36.51 -2.51
CA ILE A 152 -44.97 -36.74 -3.94
C ILE A 152 -43.87 -37.75 -4.23
N SER A 153 -42.78 -37.71 -3.48
CA SER A 153 -41.67 -38.63 -3.66
C SER A 153 -40.84 -38.63 -2.39
N SER A 154 -40.88 -39.74 -1.65
CA SER A 154 -40.01 -39.85 -0.49
C SER A 154 -38.56 -39.92 -0.93
N GLN A 155 -37.67 -39.94 0.07
CA GLN A 155 -36.23 -40.04 -0.15
C GLN A 155 -35.68 -38.72 -0.72
N SER A 156 -36.58 -37.80 -1.06
CA SER A 156 -36.18 -36.48 -1.54
C SER A 156 -36.21 -35.43 -0.45
N TYR A 157 -36.50 -35.83 0.79
CA TYR A 157 -36.62 -34.88 1.88
C TYR A 157 -35.33 -34.08 2.07
N GLY A 158 -34.22 -34.79 2.28
CA GLY A 158 -32.97 -34.09 2.55
C GLY A 158 -32.59 -33.13 1.45
N LEU A 159 -32.57 -33.61 0.21
CA LEU A 159 -32.18 -32.76 -0.90
C LEU A 159 -33.19 -31.64 -1.15
N PHE A 160 -34.43 -31.81 -0.73
CA PHE A 160 -35.39 -30.72 -0.85
C PHE A 160 -35.05 -29.56 0.08
N ASN A 161 -34.84 -29.84 1.37
CA ASN A 161 -34.54 -28.75 2.29
C ASN A 161 -33.09 -28.36 2.15
N MET A 162 -32.66 -28.17 0.92
CA MET A 162 -31.44 -27.45 0.62
C MET A 162 -31.66 -26.51 -0.53
N LEU A 163 -32.79 -26.63 -1.23
CA LEU A 163 -33.27 -25.53 -2.06
C LEU A 163 -33.41 -24.27 -1.23
N ARG A 164 -33.96 -24.38 -0.03
CA ARG A 164 -34.11 -23.18 0.77
C ARG A 164 -32.81 -22.82 1.44
N LEU A 165 -31.72 -22.83 0.68
CA LEU A 165 -30.54 -22.05 0.99
C LEU A 165 -30.45 -20.89 0.03
N TRP A 166 -31.35 -20.85 -0.96
CA TRP A 166 -31.50 -19.70 -1.82
C TRP A 166 -31.75 -18.44 -1.01
N ARG A 167 -32.32 -18.58 0.19
CA ARG A 167 -32.61 -17.43 1.03
C ARG A 167 -31.35 -16.67 1.42
N LEU A 168 -30.19 -17.31 1.35
CA LEU A 168 -28.95 -16.67 1.76
C LEU A 168 -28.64 -15.42 0.98
N ARG A 169 -29.34 -15.19 -0.13
CA ARG A 169 -29.18 -13.93 -0.84
C ARG A 169 -29.53 -12.74 0.04
N ARG A 170 -30.41 -12.91 1.02
CA ARG A 170 -30.75 -11.83 1.92
C ARG A 170 -29.63 -11.50 2.89
N VAL A 171 -28.77 -12.46 3.23
CA VAL A 171 -27.62 -12.17 4.08
C VAL A 171 -26.55 -11.52 3.22
N GLY A 172 -26.37 -12.07 2.02
CA GLY A 172 -25.49 -11.42 1.07
C GLY A 172 -25.84 -9.98 0.80
N ALA A 173 -27.14 -9.67 0.77
CA ALA A 173 -27.59 -8.31 0.54
C ALA A 173 -27.35 -7.43 1.77
N LEU A 174 -27.67 -7.94 2.96
CA LEU A 174 -27.49 -7.15 4.16
C LEU A 174 -26.02 -6.79 4.34
N PHE A 175 -25.11 -7.69 4.00
CA PHE A 175 -23.70 -7.36 4.15
C PHE A 175 -23.28 -6.28 3.16
N ALA A 176 -23.68 -6.44 1.90
CA ALA A 176 -23.40 -5.40 0.91
C ALA A 176 -23.97 -4.06 1.34
N ARG A 177 -25.07 -4.08 2.08
CA ARG A 177 -25.62 -2.82 2.59
C ARG A 177 -24.75 -2.28 3.72
N LEU A 178 -24.43 -3.12 4.70
CA LEU A 178 -23.65 -2.69 5.85
C LEU A 178 -22.28 -2.16 5.46
N GLU A 179 -21.67 -2.68 4.41
CA GLU A 179 -20.34 -2.20 4.07
C GLU A 179 -20.39 -0.79 3.50
N LYS A 180 -21.37 -0.51 2.64
CA LYS A 180 -21.52 0.81 2.03
C LYS A 180 -22.44 1.63 2.93
N ASP A 181 -21.91 2.04 4.07
CA ASP A 181 -22.67 2.76 5.09
C ASP A 181 -21.67 3.13 6.18
N ARG A 182 -22.00 4.18 6.95
CA ARG A 182 -21.18 4.60 8.07
C ARG A 182 -22.04 4.56 9.32
N ASN A 183 -21.43 4.91 10.46
CA ASN A 183 -21.86 4.56 11.81
C ASN A 183 -21.50 3.11 12.14
N PHE A 184 -20.94 2.36 11.19
CA PHE A 184 -20.55 0.98 11.39
C PHE A 184 -19.05 0.85 11.20
N ASN A 185 -18.38 0.33 12.23
CA ASN A 185 -16.93 0.17 12.17
C ASN A 185 -16.56 -0.81 11.07
N TYR A 186 -16.02 -0.30 9.96
CA TYR A 186 -15.72 -1.15 8.82
C TYR A 186 -14.75 -2.28 9.17
N PHE A 187 -13.95 -2.11 10.20
CA PHE A 187 -13.10 -3.19 10.65
C PHE A 187 -13.89 -4.36 11.21
N TRP A 188 -15.11 -4.13 11.68
CA TRP A 188 -15.92 -5.20 12.20
C TRP A 188 -17.11 -5.54 11.31
N VAL A 189 -17.05 -5.22 10.03
CA VAL A 189 -17.98 -5.76 9.03
C VAL A 189 -17.24 -6.45 7.91
N ARG A 190 -15.91 -6.46 7.95
CA ARG A 190 -15.12 -7.38 7.16
C ARG A 190 -14.47 -8.45 8.00
N CYS A 191 -14.22 -8.16 9.27
CA CYS A 191 -13.85 -9.18 10.24
C CYS A 191 -15.07 -9.90 10.80
N ALA A 192 -16.20 -9.79 10.10
CA ALA A 192 -17.37 -10.59 10.40
C ALA A 192 -18.00 -11.24 9.19
N LYS A 193 -17.85 -10.68 8.00
CA LYS A 193 -18.34 -11.38 6.82
C LYS A 193 -17.52 -12.62 6.55
N LEU A 194 -16.20 -12.49 6.64
CA LEU A 194 -15.33 -13.64 6.47
C LEU A 194 -15.54 -14.66 7.57
N VAL A 195 -15.90 -14.22 8.77
CA VAL A 195 -16.13 -15.16 9.84
C VAL A 195 -17.39 -15.98 9.58
N CYS A 196 -18.44 -15.35 9.05
CA CYS A 196 -19.62 -16.13 8.70
C CYS A 196 -19.36 -17.04 7.52
N VAL A 197 -18.62 -16.58 6.52
CA VAL A 197 -18.26 -17.48 5.43
C VAL A 197 -17.53 -18.69 5.97
N THR A 198 -16.57 -18.47 6.86
CA THR A 198 -15.81 -19.56 7.44
C THR A 198 -16.70 -20.50 8.24
N LEU A 199 -17.54 -19.95 9.10
CA LEU A 199 -18.40 -20.82 9.92
C LEU A 199 -19.35 -21.61 9.07
N PHE A 200 -19.94 -21.00 8.05
CA PHE A 200 -20.86 -21.73 7.19
C PHE A 200 -20.13 -22.81 6.40
N ALA A 201 -18.94 -22.51 5.89
CA ALA A 201 -18.16 -23.52 5.17
C ALA A 201 -17.84 -24.69 6.07
N VAL A 202 -17.35 -24.41 7.27
CA VAL A 202 -17.07 -25.46 8.25
C VAL A 202 -18.30 -26.30 8.49
N HIS A 203 -19.45 -25.65 8.63
CA HIS A 203 -20.68 -26.37 8.96
C HIS A 203 -21.12 -27.28 7.82
N CYS A 204 -21.20 -26.76 6.60
CA CYS A 204 -21.72 -27.59 5.53
C CYS A 204 -20.73 -28.68 5.16
N ALA A 205 -19.43 -28.41 5.33
CA ALA A 205 -18.46 -29.47 5.14
C ALA A 205 -18.65 -30.58 6.15
N ALA A 206 -18.89 -30.23 7.41
CA ALA A 206 -19.13 -31.26 8.42
C ALA A 206 -20.36 -32.06 8.10
N CYS A 207 -21.42 -31.40 7.64
CA CYS A 207 -22.66 -32.11 7.37
C CYS A 207 -22.62 -32.95 6.11
N PHE A 208 -21.80 -32.58 5.13
CA PHE A 208 -21.60 -33.47 3.99
C PHE A 208 -20.72 -34.65 4.35
N TYR A 209 -19.66 -34.39 5.11
CA TYR A 209 -18.71 -35.43 5.42
C TYR A 209 -19.29 -36.45 6.38
N TYR A 210 -20.29 -36.06 7.17
CA TYR A 210 -20.95 -37.07 7.98
C TYR A 210 -21.94 -37.88 7.16
N LEU A 211 -22.62 -37.24 6.21
CA LEU A 211 -23.53 -37.98 5.35
C LEU A 211 -22.79 -39.04 4.56
N ILE A 212 -21.65 -38.68 4.00
CA ILE A 212 -20.83 -39.64 3.26
C ILE A 212 -20.59 -40.90 4.07
N ALA A 213 -20.34 -40.75 5.37
CA ALA A 213 -20.10 -41.90 6.23
C ALA A 213 -21.38 -42.60 6.66
N ALA A 214 -22.49 -41.88 6.75
CA ALA A 214 -23.73 -42.51 7.20
C ALA A 214 -24.34 -43.34 6.08
N ARG A 215 -24.25 -42.86 4.85
CA ARG A 215 -24.78 -43.60 3.71
C ARG A 215 -23.73 -44.56 3.17
N ASN A 216 -23.22 -45.44 4.02
CA ASN A 216 -22.16 -46.36 3.65
C ASN A 216 -22.40 -47.70 4.31
N SER A 217 -22.28 -48.77 3.54
CA SER A 217 -22.36 -50.10 4.10
C SER A 217 -21.11 -50.40 4.92
N ASN A 218 -21.25 -51.31 5.88
CA ASN A 218 -20.19 -51.60 6.83
C ASN A 218 -19.72 -50.29 7.47
N PRO A 219 -20.49 -49.74 8.39
CA PRO A 219 -20.13 -48.44 8.97
C PRO A 219 -18.82 -48.44 9.74
N ALA A 220 -18.25 -49.63 9.97
CA ALA A 220 -16.97 -49.72 10.66
C ALA A 220 -15.79 -49.42 9.75
N LYS A 221 -16.04 -49.08 8.49
CA LYS A 221 -14.98 -48.70 7.56
C LYS A 221 -15.09 -47.24 7.14
N THR A 222 -15.75 -46.42 7.95
CA THR A 222 -15.93 -45.02 7.67
C THR A 222 -14.84 -44.22 8.37
N TRP A 223 -14.91 -42.90 8.24
CA TRP A 223 -13.96 -42.07 8.96
C TRP A 223 -14.33 -41.95 10.43
N ILE A 224 -15.60 -42.07 10.75
CA ILE A 224 -16.05 -41.93 12.13
C ILE A 224 -16.21 -43.28 12.79
N GLY A 225 -16.65 -44.30 12.04
CA GLY A 225 -16.68 -45.64 12.59
C GLY A 225 -15.31 -46.18 12.96
N ALA A 226 -14.26 -45.66 12.33
CA ALA A 226 -12.93 -46.10 12.70
C ALA A 226 -12.60 -45.72 14.14
N ASN A 227 -13.07 -44.56 14.59
CA ASN A 227 -12.79 -44.12 15.95
C ASN A 227 -13.75 -44.77 16.95
N VAL A 228 -15.04 -44.48 16.81
CA VAL A 228 -16.05 -44.99 17.73
C VAL A 228 -16.76 -46.14 17.03
N ALA A 229 -16.75 -47.31 17.67
CA ALA A 229 -17.28 -48.52 17.05
C ALA A 229 -18.73 -48.33 16.61
N ASN A 230 -19.58 -47.89 17.52
CA ASN A 230 -20.99 -47.71 17.24
C ASN A 230 -21.32 -46.22 17.31
N PHE A 231 -21.12 -45.53 16.20
CA PHE A 231 -21.49 -44.12 16.12
C PHE A 231 -22.92 -43.91 15.69
N LEU A 232 -23.59 -44.93 15.14
CA LEU A 232 -25.00 -44.81 14.84
C LEU A 232 -25.87 -44.93 16.07
N GLU A 233 -25.28 -45.22 17.23
CA GLU A 233 -26.01 -45.25 18.49
C GLU A 233 -25.49 -44.21 19.47
N GLU A 234 -25.21 -43.01 18.99
CA GLU A 234 -24.80 -41.90 19.84
C GLU A 234 -25.70 -40.71 19.59
N SER A 235 -25.71 -39.81 20.55
CA SER A 235 -26.57 -38.64 20.49
C SER A 235 -26.20 -37.77 19.31
N LEU A 236 -27.21 -37.21 18.66
CA LEU A 236 -26.98 -36.29 17.56
C LEU A 236 -26.02 -35.18 17.94
N TRP A 237 -26.04 -34.78 19.22
CA TRP A 237 -25.05 -33.83 19.70
C TRP A 237 -23.64 -34.38 19.54
N MET A 238 -23.43 -35.65 19.89
CA MET A 238 -22.10 -36.23 19.80
C MET A 238 -21.61 -36.27 18.36
N ARG A 239 -22.42 -36.78 17.44
CA ARG A 239 -21.99 -36.89 16.07
C ARG A 239 -21.78 -35.52 15.44
N TYR A 240 -22.64 -34.55 15.77
CA TYR A 240 -22.43 -33.23 15.22
C TYR A 240 -21.16 -32.62 15.75
N VAL A 241 -20.86 -32.81 17.04
CA VAL A 241 -19.66 -32.23 17.60
C VAL A 241 -18.43 -32.88 16.99
N THR A 242 -18.44 -34.19 16.78
CA THR A 242 -17.30 -34.85 16.18
C THR A 242 -17.08 -34.39 14.74
N SER A 243 -18.16 -34.34 13.94
CA SER A 243 -18.04 -33.85 12.58
C SER A 243 -17.48 -32.44 12.56
N MET A 244 -18.03 -31.56 13.38
CA MET A 244 -17.56 -30.18 13.40
C MET A 244 -16.10 -30.10 13.82
N TYR A 245 -15.70 -30.95 14.77
CA TYR A 245 -14.33 -30.95 15.25
C TYR A 245 -13.38 -31.34 14.14
N TRP A 246 -13.71 -32.40 13.40
CA TRP A 246 -12.91 -32.76 12.23
C TRP A 246 -12.86 -31.61 11.24
N SER A 247 -14.00 -31.00 10.97
CA SER A 247 -14.08 -30.00 9.92
C SER A 247 -13.23 -28.79 10.25
N ILE A 248 -13.17 -28.41 11.53
CA ILE A 248 -12.33 -27.29 11.93
C ILE A 248 -10.86 -27.66 12.03
N THR A 249 -10.54 -28.87 12.49
CA THR A 249 -9.16 -29.30 12.46
C THR A 249 -8.61 -29.36 11.05
N THR A 250 -9.45 -29.60 10.05
CA THR A 250 -9.01 -29.58 8.67
C THR A 250 -9.00 -28.19 8.06
N LEU A 251 -10.07 -27.40 8.24
CA LEU A 251 -10.08 -26.03 7.76
C LEU A 251 -8.83 -25.28 8.20
N THR A 252 -8.49 -25.39 9.47
CA THR A 252 -7.41 -24.62 10.06
C THR A 252 -6.04 -25.17 9.73
N THR A 253 -5.97 -26.34 9.09
CA THR A 253 -4.74 -27.02 8.75
C THR A 253 -3.96 -27.47 9.96
N VAL A 254 -4.62 -27.66 11.10
CA VAL A 254 -3.94 -28.34 12.19
C VAL A 254 -3.75 -29.80 11.85
N GLY A 255 -4.85 -30.51 11.63
CA GLY A 255 -4.76 -31.88 11.18
C GLY A 255 -4.12 -32.77 12.21
N TYR A 256 -4.81 -33.01 13.32
CA TYR A 256 -4.23 -33.86 14.35
C TYR A 256 -3.96 -35.26 13.83
N GLY A 257 -4.90 -35.85 13.13
CA GLY A 257 -4.67 -37.13 12.51
C GLY A 257 -5.62 -38.22 12.92
N ASP A 258 -6.25 -38.11 14.08
CA ASP A 258 -7.45 -38.91 14.26
C ASP A 258 -8.54 -38.31 13.39
N LEU A 259 -9.56 -39.12 13.09
CA LEU A 259 -10.63 -38.66 12.22
C LEU A 259 -10.08 -38.21 10.87
N HIS A 260 -9.57 -39.16 10.13
CA HIS A 260 -9.11 -38.87 8.78
C HIS A 260 -9.85 -39.76 7.81
N PRO A 261 -9.81 -39.48 6.51
CA PRO A 261 -10.44 -40.38 5.54
C PRO A 261 -9.90 -41.79 5.66
N VAL A 262 -10.75 -42.75 5.28
CA VAL A 262 -10.40 -44.16 5.34
C VAL A 262 -10.54 -44.84 3.99
N ASN A 263 -11.64 -44.60 3.29
CA ASN A 263 -11.86 -45.17 1.97
C ASN A 263 -11.76 -44.06 0.93
N THR A 264 -12.04 -44.41 -0.32
CA THR A 264 -11.75 -43.51 -1.42
C THR A 264 -12.78 -42.41 -1.60
N LYS A 265 -14.05 -42.66 -1.28
CA LYS A 265 -15.04 -41.58 -1.35
C LYS A 265 -14.66 -40.45 -0.42
N GLU A 266 -14.28 -40.78 0.81
CA GLU A 266 -13.89 -39.75 1.75
C GLU A 266 -12.59 -39.09 1.33
N MET A 267 -11.65 -39.85 0.79
CA MET A 267 -10.42 -39.24 0.30
C MET A 267 -10.71 -38.24 -0.80
N ILE A 268 -11.65 -38.57 -1.68
CA ILE A 268 -11.95 -37.67 -2.80
C ILE A 268 -12.63 -36.42 -2.29
N PHE A 269 -13.63 -36.58 -1.40
CA PHE A 269 -14.25 -35.41 -0.81
C PHE A 269 -13.22 -34.53 -0.13
N ASP A 270 -12.29 -35.14 0.60
CA ASP A 270 -11.32 -34.38 1.36
C ASP A 270 -10.32 -33.66 0.47
N ILE A 271 -9.96 -34.27 -0.66
CA ILE A 271 -9.11 -33.58 -1.62
C ILE A 271 -9.73 -32.24 -1.99
N PHE A 272 -11.01 -32.24 -2.34
CA PHE A 272 -11.65 -31.00 -2.76
C PHE A 272 -11.86 -30.05 -1.61
N TYR A 273 -12.15 -30.59 -0.42
CA TYR A 273 -12.30 -29.73 0.74
C TYR A 273 -10.99 -29.00 1.06
N MET A 274 -9.88 -29.71 1.04
CA MET A 274 -8.59 -29.06 1.29
C MET A 274 -8.23 -28.08 0.20
N LEU A 275 -8.52 -28.43 -1.06
CA LEU A 275 -8.27 -27.48 -2.13
C LEU A 275 -9.08 -26.21 -1.93
N PHE A 276 -10.32 -26.32 -1.48
CA PHE A 276 -11.12 -25.14 -1.18
C PHE A 276 -10.51 -24.34 -0.05
N ASN A 277 -10.12 -25.02 1.04
CA ASN A 277 -9.58 -24.31 2.19
C ASN A 277 -8.27 -23.60 1.87
N LEU A 278 -7.48 -24.17 0.98
CA LEU A 278 -6.23 -23.52 0.60
C LEU A 278 -6.49 -22.16 0.00
N GLY A 279 -7.51 -22.05 -0.84
CA GLY A 279 -7.86 -20.76 -1.40
C GLY A 279 -8.52 -19.86 -0.39
N LEU A 280 -9.40 -20.41 0.45
CA LEU A 280 -10.08 -19.60 1.45
C LEU A 280 -9.10 -18.98 2.43
N THR A 281 -8.06 -19.71 2.81
CA THR A 281 -7.11 -19.17 3.76
C THR A 281 -6.28 -18.05 3.14
N ALA A 282 -5.84 -18.23 1.91
CA ALA A 282 -5.14 -17.15 1.22
C ALA A 282 -6.03 -15.94 1.08
N TYR A 283 -7.32 -16.14 0.82
CA TYR A 283 -8.23 -15.02 0.73
C TYR A 283 -8.38 -14.31 2.08
N LEU A 284 -8.45 -15.07 3.16
CA LEU A 284 -8.53 -14.46 4.48
C LEU A 284 -7.29 -13.62 4.79
N ILE A 285 -6.11 -14.16 4.51
CA ILE A 285 -4.89 -13.42 4.79
C ILE A 285 -4.78 -12.21 3.88
N GLY A 286 -5.33 -12.29 2.68
CA GLY A 286 -5.34 -11.12 1.83
C GLY A 286 -6.19 -9.98 2.37
N ASN A 287 -7.28 -10.30 3.05
CA ASN A 287 -8.14 -9.29 3.64
C ASN A 287 -7.60 -8.75 4.95
N MET A 288 -7.12 -9.63 5.83
CA MET A 288 -6.57 -9.16 7.10
C MET A 288 -5.36 -8.26 6.91
N THR A 289 -4.76 -8.26 5.72
CA THR A 289 -3.71 -7.30 5.44
C THR A 289 -4.26 -5.92 5.15
N ASN A 290 -5.41 -5.86 4.48
CA ASN A 290 -6.08 -4.57 4.31
C ASN A 290 -6.53 -3.99 5.64
N LEU A 291 -7.33 -4.74 6.39
CA LEU A 291 -7.87 -4.25 7.64
C LEU A 291 -6.80 -3.86 8.66
N VAL A 292 -5.54 -4.17 8.40
CA VAL A 292 -4.51 -3.76 9.33
C VAL A 292 -4.13 -2.30 9.11
N VAL A 293 -4.05 -1.85 7.86
CA VAL A 293 -3.87 -0.42 7.58
C VAL A 293 -5.27 0.17 7.48
N HIS A 294 -5.85 0.44 8.64
CA HIS A 294 -7.21 0.98 8.72
C HIS A 294 -7.33 1.73 10.02
N GLY A 295 -7.76 2.99 9.94
CA GLY A 295 -7.57 3.89 11.06
C GLY A 295 -6.11 4.10 11.43
N THR A 296 -5.21 3.46 10.70
CA THR A 296 -3.77 3.53 10.90
C THR A 296 -3.18 4.57 9.96
N SER A 297 -3.98 5.57 9.62
CA SER A 297 -3.53 6.60 8.69
C SER A 297 -3.65 7.99 9.28
N ARG A 298 -4.22 8.13 10.46
CA ARG A 298 -4.17 9.40 11.18
C ARG A 298 -3.24 9.37 12.36
N THR A 299 -2.96 8.19 12.91
CA THR A 299 -1.91 8.05 13.91
C THR A 299 -0.56 7.77 13.29
N ARG A 300 -0.52 7.48 11.99
CA ARG A 300 0.73 7.25 11.30
C ARG A 300 1.19 8.46 10.53
N ASN A 301 0.30 9.36 10.16
CA ASN A 301 0.70 10.65 9.62
C ASN A 301 1.12 11.60 10.72
N PHE A 302 0.54 11.45 11.92
CA PHE A 302 0.94 12.30 13.03
C PHE A 302 2.39 12.06 13.41
N ARG A 303 2.82 10.82 13.28
CA ARG A 303 4.22 10.52 13.59
C ARG A 303 5.09 11.21 12.56
N ASP A 304 4.71 11.14 11.30
CA ASP A 304 5.47 11.78 10.24
C ASP A 304 5.48 13.30 10.41
N THR A 305 4.34 13.87 10.80
CA THR A 305 4.30 15.30 11.06
C THR A 305 5.27 15.69 12.17
N ILE A 306 5.26 14.96 13.28
CA ILE A 306 6.16 15.29 14.39
C ILE A 306 7.61 15.12 13.97
N GLN A 307 7.90 14.08 13.21
CA GLN A 307 9.27 13.87 12.77
C GLN A 307 9.74 14.98 11.85
N ALA A 308 8.89 15.39 10.91
CA ALA A 308 9.24 16.48 10.01
C ALA A 308 9.42 17.77 10.78
N ALA A 309 8.61 18.01 11.81
CA ALA A 309 8.78 19.21 12.61
C ALA A 309 10.08 19.18 13.39
N SER A 310 10.46 18.03 13.93
CA SER A 310 11.74 17.94 14.62
C SER A 310 12.90 18.18 13.67
N ASN A 311 12.83 17.62 12.47
CA ASN A 311 13.89 17.86 11.49
C ASN A 311 13.95 19.32 11.08
N PHE A 312 12.78 19.95 10.89
CA PHE A 312 12.74 21.36 10.56
C PHE A 312 13.39 22.19 11.66
N ALA A 313 13.05 21.92 12.91
CA ALA A 313 13.65 22.66 14.02
C ALA A 313 15.14 22.35 14.15
N HIS A 314 15.58 21.21 13.64
CA HIS A 314 17.00 20.88 13.69
C HIS A 314 17.78 21.68 12.66
N ARG A 315 17.38 21.57 11.39
CA ARG A 315 18.16 22.16 10.30
C ARG A 315 18.39 23.65 10.50
N ASN A 316 17.35 24.36 10.95
CA ASN A 316 17.42 25.81 11.06
C ASN A 316 17.88 26.28 12.43
N HIS A 317 18.24 25.37 13.33
CA HIS A 317 18.76 25.71 14.65
C HIS A 317 17.81 26.62 15.42
N LEU A 318 16.54 26.28 15.43
CA LEU A 318 15.54 27.06 16.16
C LEU A 318 15.82 26.99 17.65
N PRO A 319 15.63 28.10 18.37
CA PRO A 319 15.87 28.09 19.81
C PRO A 319 14.86 27.22 20.52
N PRO A 320 15.18 26.71 21.71
CA PRO A 320 14.26 25.80 22.39
C PRO A 320 13.13 26.52 23.09
N ARG A 321 12.54 27.49 22.42
CA ARG A 321 11.29 28.10 22.87
C ARG A 321 10.25 28.12 21.77
N LEU A 322 10.67 28.27 20.52
CA LEU A 322 9.73 28.15 19.41
C LEU A 322 9.51 26.69 19.04
N GLN A 323 10.43 25.80 19.40
CA GLN A 323 10.24 24.40 19.07
C GLN A 323 9.08 23.80 19.85
N ASP A 324 9.06 23.98 21.16
CA ASP A 324 7.94 23.50 21.96
C ASP A 324 6.67 24.25 21.60
N GLN A 325 6.79 25.55 21.29
CA GLN A 325 5.61 26.31 20.90
C GLN A 325 5.01 25.79 19.60
N MET A 326 5.84 25.23 18.73
CA MET A 326 5.33 24.66 17.48
C MET A 326 4.79 23.26 17.70
N LEU A 327 5.46 22.47 18.53
CA LEU A 327 4.98 21.12 18.81
C LEU A 327 3.67 21.15 19.57
N ALA A 328 3.48 22.14 20.44
CA ALA A 328 2.20 22.24 21.14
C ALA A 328 1.06 22.41 20.14
N HIS A 329 1.22 23.30 19.17
CA HIS A 329 0.17 23.49 18.18
C HIS A 329 0.00 22.26 17.30
N LEU A 330 1.09 21.58 16.98
CA LEU A 330 0.95 20.39 16.14
C LEU A 330 0.19 19.29 16.87
N CYS A 331 0.50 19.06 18.15
CA CYS A 331 -0.27 18.09 18.92
C CYS A 331 -1.71 18.52 19.07
N LEU A 332 -1.95 19.82 19.28
CA LEU A 332 -3.30 20.31 19.41
C LEU A 332 -4.11 20.04 18.15
N LYS A 333 -3.48 20.21 16.99
CA LYS A 333 -4.18 19.95 15.74
C LYS A 333 -4.58 18.50 15.60
N TYR A 334 -3.84 17.59 16.21
CA TYR A 334 -4.18 16.17 16.17
C TYR A 334 -5.18 15.78 17.24
N ARG A 335 -5.18 16.47 18.38
CA ARG A 335 -6.19 16.22 19.40
C ARG A 335 -7.56 16.71 18.93
N THR A 336 -7.66 17.93 18.44
CA THR A 336 -8.92 18.47 17.95
C THR A 336 -9.24 18.00 16.53
N ASP A 337 -8.53 16.98 16.05
CA ASP A 337 -8.95 16.25 14.87
C ASP A 337 -9.52 14.88 15.20
N SER A 338 -9.12 14.30 16.33
CA SER A 338 -9.71 13.08 16.86
C SER A 338 -11.05 13.32 17.46
N GLU A 339 -11.38 14.60 17.63
CA GLU A 339 -12.69 14.99 18.14
C GLU A 339 -13.56 15.61 17.08
N GLY A 340 -13.11 15.70 15.83
CA GLY A 340 -13.90 16.34 14.80
C GLY A 340 -14.25 17.78 15.09
N LEU A 341 -13.54 18.42 16.02
CA LEU A 341 -13.83 19.80 16.36
C LEU A 341 -13.68 20.71 15.16
N GLN A 342 -12.62 20.53 14.38
CA GLN A 342 -12.40 21.38 13.21
C GLN A 342 -11.51 20.68 12.21
N GLN A 343 -11.92 20.67 10.95
CA GLN A 343 -11.16 20.09 9.85
C GLN A 343 -11.16 21.10 8.71
N GLN A 344 -10.04 21.80 8.54
CA GLN A 344 -9.91 22.68 7.38
C GLN A 344 -10.00 21.91 6.07
N GLU A 345 -9.36 20.75 5.99
CA GLU A 345 -9.36 19.91 4.80
C GLU A 345 -10.75 19.49 4.35
N THR A 346 -11.77 19.60 5.21
CA THR A 346 -13.14 19.37 4.79
C THR A 346 -13.90 20.66 4.58
N LEU A 347 -13.29 21.80 4.89
CA LEU A 347 -13.89 23.10 4.61
C LEU A 347 -13.34 23.72 3.33
N ASP A 348 -12.01 23.72 3.18
CA ASP A 348 -11.41 24.26 1.96
C ASP A 348 -11.86 23.51 0.73
N ALA A 349 -12.04 22.18 0.85
CA ALA A 349 -12.42 21.37 -0.30
C ALA A 349 -13.71 21.84 -0.93
N LEU A 350 -14.53 22.49 -0.20
CA LEU A 350 -15.73 23.01 -0.82
C LEU A 350 -15.52 24.43 -1.29
N PRO A 351 -16.22 24.88 -2.32
CA PRO A 351 -16.08 26.27 -2.77
C PRO A 351 -16.72 27.21 -1.76
N LYS A 352 -16.22 28.45 -1.76
CA LYS A 352 -16.66 29.40 -0.75
C LYS A 352 -18.14 29.74 -0.88
N ALA A 353 -18.74 29.53 -2.05
CA ALA A 353 -20.17 29.75 -2.19
C ALA A 353 -21.01 28.81 -1.34
N ILE A 354 -20.48 27.65 -0.98
CA ILE A 354 -21.13 26.76 -0.03
C ILE A 354 -20.46 26.98 1.33
N ARG A 355 -19.13 27.02 1.32
CA ARG A 355 -18.33 27.19 2.52
C ARG A 355 -18.61 28.49 3.26
N SER A 356 -19.47 29.35 2.71
CA SER A 356 -19.99 30.48 3.45
C SER A 356 -21.24 30.14 4.24
N SER A 357 -22.02 29.17 3.78
CA SER A 357 -23.23 28.78 4.51
C SER A 357 -22.89 28.08 5.82
N ILE A 358 -21.87 27.22 5.82
CA ILE A 358 -21.47 26.57 7.06
C ILE A 358 -20.93 27.59 8.05
N SER A 359 -20.02 28.45 7.61
CA SER A 359 -19.48 29.47 8.49
C SER A 359 -20.59 30.37 9.00
N HIS A 360 -21.57 30.67 8.14
CA HIS A 360 -22.73 31.44 8.58
C HIS A 360 -23.45 30.73 9.71
N PHE A 361 -23.99 29.54 9.43
CA PHE A 361 -24.77 28.81 10.43
C PHE A 361 -23.99 28.60 11.71
N LEU A 362 -22.66 28.57 11.64
CA LEU A 362 -21.86 28.30 12.82
C LEU A 362 -21.49 29.55 13.59
N PHE A 363 -21.42 30.71 12.95
CA PHE A 363 -20.96 31.91 13.63
C PHE A 363 -21.87 33.12 13.47
N TYR A 364 -22.96 33.02 12.71
CA TYR A 364 -23.81 34.18 12.51
C TYR A 364 -24.44 34.66 13.82
N SER A 365 -24.99 33.74 14.60
CA SER A 365 -25.62 34.11 15.86
C SER A 365 -24.65 34.84 16.77
N LEU A 366 -23.42 34.35 16.85
CA LEU A 366 -22.40 35.00 17.66
C LEU A 366 -21.99 36.36 17.12
N MET A 367 -22.09 36.57 15.81
CA MET A 367 -21.43 37.68 15.17
C MET A 367 -22.15 39.02 15.30
N ASP A 368 -23.33 39.05 15.92
CA ASP A 368 -24.03 40.31 16.11
C ASP A 368 -24.05 40.76 17.56
N LYS A 369 -23.69 39.87 18.48
CA LYS A 369 -23.52 40.29 19.87
C LYS A 369 -22.10 40.75 20.13
N VAL A 370 -21.60 41.65 19.27
CA VAL A 370 -20.32 42.31 19.46
C VAL A 370 -20.56 43.78 19.14
N TYR A 371 -19.98 44.67 19.95
CA TYR A 371 -20.40 46.07 19.90
C TYR A 371 -20.00 46.78 18.61
N LEU A 372 -19.05 46.22 17.85
CA LEU A 372 -18.63 46.89 16.63
C LEU A 372 -19.68 46.81 15.53
N PHE A 373 -20.54 45.80 15.55
CA PHE A 373 -21.46 45.59 14.44
C PHE A 373 -22.91 45.64 14.90
N ARG A 374 -23.26 46.62 15.73
CA ARG A 374 -24.62 46.71 16.24
C ARG A 374 -25.62 46.94 15.10
N GLY A 375 -25.55 48.11 14.46
CA GLY A 375 -26.44 48.37 13.34
C GLY A 375 -25.74 48.37 12.00
N VAL A 376 -25.87 47.28 11.25
CA VAL A 376 -25.29 47.15 9.92
C VAL A 376 -26.20 46.24 9.11
N SER A 377 -26.47 46.63 7.85
CA SER A 377 -27.20 45.77 6.89
C SER A 377 -26.57 44.37 6.88
N ASN A 378 -27.41 43.35 6.83
CA ASN A 378 -26.94 41.99 7.04
C ASN A 378 -25.97 41.52 5.97
N ASP A 379 -25.93 42.17 4.80
CA ASP A 379 -25.04 41.71 3.74
C ASP A 379 -23.58 41.87 4.12
N LEU A 380 -23.21 43.03 4.68
CA LEU A 380 -21.82 43.22 5.09
C LEU A 380 -21.44 42.24 6.19
N LEU A 381 -22.35 42.03 7.15
CA LEU A 381 -22.11 41.02 8.18
C LEU A 381 -21.86 39.66 7.54
N PHE A 382 -22.61 39.34 6.50
CA PHE A 382 -22.41 38.05 5.83
C PHE A 382 -21.04 37.98 5.16
N GLN A 383 -20.65 39.04 4.46
CA GLN A 383 -19.32 39.04 3.86
C GLN A 383 -18.22 38.90 4.92
N LEU A 384 -18.39 39.55 6.06
CA LEU A 384 -17.41 39.40 7.14
C LEU A 384 -17.33 37.95 7.59
N VAL A 385 -18.46 37.38 7.99
CA VAL A 385 -18.45 36.02 8.52
C VAL A 385 -18.02 35.02 7.45
N SER A 386 -18.06 35.41 6.18
CA SER A 386 -17.59 34.52 5.13
C SER A 386 -16.08 34.34 5.21
N GLU A 387 -15.35 35.44 5.20
CA GLU A 387 -13.89 35.39 5.18
C GLU A 387 -13.32 35.60 6.58
N MET A 388 -13.46 34.57 7.40
CA MET A 388 -12.87 34.50 8.73
C MET A 388 -12.47 33.06 8.97
N LYS A 389 -11.19 32.82 9.20
CA LYS A 389 -10.68 31.48 9.42
C LYS A 389 -10.67 31.20 10.91
N ALA A 390 -11.20 30.04 11.30
CA ALA A 390 -11.22 29.63 12.69
C ALA A 390 -9.94 28.88 13.00
N GLU A 391 -9.35 29.15 14.17
CA GLU A 391 -8.10 28.53 14.53
C GLU A 391 -8.05 28.36 16.04
N TYR A 392 -7.52 27.22 16.47
CA TYR A 392 -7.49 26.87 17.88
C TYR A 392 -6.17 27.31 18.50
N PHE A 393 -6.14 27.41 19.82
CA PHE A 393 -4.96 27.86 20.51
C PHE A 393 -4.81 27.11 21.83
N PRO A 394 -3.65 26.57 22.13
CA PRO A 394 -3.45 25.90 23.41
C PRO A 394 -3.43 26.91 24.54
N PRO A 395 -3.56 26.47 25.78
CA PRO A 395 -3.63 27.41 26.90
C PRO A 395 -2.29 28.08 27.16
N LYS A 396 -2.32 29.24 27.78
CA LYS A 396 -1.13 30.10 28.03
C LYS A 396 -0.31 30.39 26.77
N GLU A 397 -0.88 30.97 25.72
CA GLU A 397 -0.18 31.34 24.51
C GLU A 397 -0.62 32.73 24.08
N ASP A 398 0.33 33.53 23.62
CA ASP A 398 0.06 34.93 23.30
C ASP A 398 -0.43 35.04 21.86
N VAL A 399 -1.75 35.14 21.69
CA VAL A 399 -2.29 35.44 20.36
C VAL A 399 -1.90 36.84 19.95
N ILE A 400 -1.80 37.76 20.90
CA ILE A 400 -1.49 39.15 20.64
C ILE A 400 -0.63 39.67 21.78
N LEU A 401 0.56 40.16 21.46
CA LEU A 401 1.44 40.72 22.47
C LEU A 401 1.62 42.22 22.29
N GLN A 402 1.90 42.90 23.39
CA GLN A 402 1.91 44.35 23.45
C GLN A 402 2.94 44.94 22.48
N ASN A 403 2.68 46.19 22.07
CA ASN A 403 3.60 46.95 21.21
C ASN A 403 3.93 46.21 19.92
N GLU A 404 2.99 45.40 19.43
CA GLU A 404 3.17 44.74 18.15
C GLU A 404 2.53 45.56 17.04
N ALA A 405 3.04 45.37 15.83
CA ALA A 405 2.41 46.00 14.68
C ALA A 405 1.02 45.43 14.49
N PRO A 406 -0.04 46.22 14.64
CA PRO A 406 -1.39 45.68 14.53
C PRO A 406 -1.69 45.19 13.12
N THR A 407 -2.00 43.90 13.00
CA THR A 407 -2.31 43.31 11.71
C THR A 407 -3.59 42.49 11.69
N ASP A 408 -3.98 41.88 12.80
CA ASP A 408 -5.19 41.06 12.85
C ASP A 408 -6.07 41.55 13.98
N PHE A 409 -7.29 41.03 14.01
CA PHE A 409 -8.17 41.17 15.16
C PHE A 409 -9.03 39.91 15.24
N TYR A 410 -9.20 39.40 16.45
CA TYR A 410 -9.82 38.10 16.66
C TYR A 410 -11.19 38.27 17.31
N ILE A 411 -11.99 37.21 17.23
CA ILE A 411 -13.29 37.15 17.88
C ILE A 411 -13.38 35.81 18.60
N LEU A 412 -13.67 35.86 19.90
CA LEU A 412 -13.71 34.66 20.71
C LEU A 412 -15.03 33.92 20.52
N VAL A 413 -14.93 32.59 20.44
CA VAL A 413 -16.13 31.77 20.32
C VAL A 413 -16.14 30.72 21.41
N ASN A 414 -14.97 30.35 21.90
CA ASN A 414 -14.85 29.42 23.02
C ASN A 414 -13.89 30.01 24.05
N GLY A 415 -13.75 29.30 25.16
CA GLY A 415 -12.75 29.65 26.16
C GLY A 415 -12.85 31.07 26.69
N THR A 416 -11.80 31.44 27.42
CA THR A 416 -11.62 32.79 27.91
C THR A 416 -10.15 33.14 27.82
N ALA A 417 -9.84 34.39 28.16
CA ALA A 417 -8.47 34.86 28.07
C ALA A 417 -8.34 36.13 28.89
N ASP A 418 -7.11 36.45 29.26
CA ASP A 418 -6.82 37.60 30.09
C ASP A 418 -6.07 38.66 29.29
N LEU A 419 -6.27 39.93 29.65
CA LEU A 419 -5.56 41.03 29.02
C LEU A 419 -4.52 41.52 30.02
N VAL A 420 -3.35 40.92 29.99
CA VAL A 420 -2.27 41.36 30.85
C VAL A 420 -1.48 42.45 30.14
N ASP A 421 -0.76 43.23 30.94
CA ASP A 421 0.14 44.24 30.40
C ASP A 421 1.45 44.20 31.17
N VAL A 422 2.55 44.39 30.46
CA VAL A 422 3.87 44.40 31.05
C VAL A 422 4.47 45.80 30.92
N ASP A 423 4.85 46.38 32.04
CA ASP A 423 5.55 47.67 32.07
C ASP A 423 6.46 47.66 33.29
N THR A 424 7.71 47.25 33.07
CA THR A 424 8.68 47.00 34.14
C THR A 424 8.19 45.90 35.07
N GLY A 425 7.07 45.27 34.71
CA GLY A 425 6.47 44.24 35.54
C GLY A 425 5.31 43.54 34.86
N THR A 426 5.29 42.22 34.96
CA THR A 426 4.21 41.39 34.43
C THR A 426 3.05 41.38 35.42
N GLU A 427 2.15 40.40 35.26
CA GLU A 427 1.12 40.03 36.22
C GLU A 427 0.10 41.16 36.41
N SER A 428 0.12 42.15 35.53
CA SER A 428 -0.84 43.25 35.60
C SER A 428 -2.10 42.90 34.81
N ILE A 429 -2.85 41.93 35.34
CA ILE A 429 -4.13 41.58 34.76
C ILE A 429 -5.04 42.78 34.84
N VAL A 430 -5.59 43.20 33.70
CA VAL A 430 -6.43 44.39 33.68
C VAL A 430 -7.89 43.98 33.53
N ARG A 431 -8.12 42.83 32.88
CA ARG A 431 -9.47 42.40 32.56
C ARG A 431 -9.40 41.01 31.95
N GLU A 432 -10.57 40.46 31.65
CA GLU A 432 -10.67 39.18 30.96
C GLU A 432 -11.77 39.29 29.91
N VAL A 433 -11.73 38.38 28.95
CA VAL A 433 -12.73 38.32 27.88
C VAL A 433 -13.38 36.95 27.92
N LYS A 434 -14.64 36.89 27.52
CA LYS A 434 -15.39 35.65 27.47
C LYS A 434 -15.76 35.35 26.03
N ALA A 435 -16.26 34.14 25.80
CA ALA A 435 -16.66 33.75 24.46
C ALA A 435 -17.74 34.69 23.95
N GLY A 436 -17.40 35.50 22.95
CA GLY A 436 -18.36 36.44 22.43
C GLY A 436 -17.84 37.85 22.26
N ASP A 437 -16.64 38.12 22.77
CA ASP A 437 -16.11 39.47 22.63
C ASP A 437 -14.99 39.50 21.59
N ILE A 438 -14.44 40.69 21.40
CA ILE A 438 -13.52 40.97 20.31
C ILE A 438 -12.25 41.60 20.88
N ILE A 439 -11.11 41.31 20.26
CA ILE A 439 -9.82 41.74 20.78
C ILE A 439 -9.01 42.36 19.65
N GLY A 440 -8.19 43.34 20.03
CA GLY A 440 -7.34 44.00 19.06
C GLY A 440 -8.08 44.82 18.03
N GLU A 441 -9.26 45.35 18.36
CA GLU A 441 -10.02 46.09 17.37
C GLU A 441 -9.54 47.53 17.26
N ILE A 442 -9.24 48.18 18.39
CA ILE A 442 -8.88 49.60 18.33
C ILE A 442 -7.44 49.75 17.85
N GLY A 443 -6.57 48.81 18.22
CA GLY A 443 -5.24 48.80 17.67
C GLY A 443 -5.22 48.68 16.16
N VAL A 444 -6.18 47.95 15.59
CA VAL A 444 -6.24 47.80 14.14
C VAL A 444 -6.87 49.03 13.51
N LEU A 445 -8.10 49.35 13.89
CA LEU A 445 -8.81 50.46 13.27
C LEU A 445 -8.23 51.82 13.63
N CYS A 446 -7.20 51.88 14.48
CA CYS A 446 -6.48 53.12 14.70
C CYS A 446 -5.01 53.05 14.31
N TYR A 447 -4.53 51.88 13.86
CA TYR A 447 -3.17 51.70 13.38
C TYR A 447 -2.13 52.09 14.43
N ARG A 448 -2.46 51.92 15.69
CA ARG A 448 -1.50 52.07 16.78
C ARG A 448 -1.12 50.69 17.31
N PRO A 449 0.06 50.55 17.88
CA PRO A 449 0.49 49.23 18.36
C PRO A 449 -0.49 48.67 19.40
N GLN A 450 -0.47 47.36 19.56
CA GLN A 450 -1.40 46.70 20.44
C GLN A 450 -1.25 47.23 21.87
N LEU A 451 -2.38 47.40 22.54
CA LEU A 451 -2.38 48.01 23.87
C LEU A 451 -2.13 46.96 24.95
N PHE A 452 -2.92 45.90 24.97
CA PHE A 452 -2.79 44.84 25.96
C PHE A 452 -2.43 43.54 25.28
N THR A 453 -1.86 42.63 26.07
CA THR A 453 -1.39 41.34 25.58
C THR A 453 -2.36 40.27 26.05
N VAL A 454 -2.86 39.47 25.10
CA VAL A 454 -3.86 38.46 25.39
C VAL A 454 -3.19 37.10 25.42
N ARG A 455 -3.44 36.34 26.48
CA ARG A 455 -2.95 34.99 26.59
C ARG A 455 -4.13 34.08 26.94
N THR A 456 -4.23 32.95 26.26
CA THR A 456 -5.31 32.03 26.50
C THR A 456 -5.24 31.49 27.93
N LYS A 457 -6.41 31.16 28.47
CA LYS A 457 -6.51 30.48 29.75
C LYS A 457 -7.10 29.08 29.65
N ARG A 458 -7.50 28.70 28.48
CA ARG A 458 -8.05 27.38 28.26
C ARG A 458 -7.72 26.97 26.84
N LEU A 459 -8.36 25.94 26.31
CA LEU A 459 -8.28 25.65 24.89
C LEU A 459 -9.22 26.61 24.19
N CYS A 460 -8.69 27.74 23.75
CA CYS A 460 -9.51 28.73 23.08
C CYS A 460 -9.66 28.40 21.60
N GLN A 461 -10.68 29.00 21.00
CA GLN A 461 -10.88 28.97 19.55
C GLN A 461 -11.29 30.37 19.13
N LEU A 462 -10.64 30.90 18.10
CA LEU A 462 -10.87 32.27 17.69
C LEU A 462 -11.21 32.34 16.20
N LEU A 463 -11.91 33.40 15.84
CA LEU A 463 -12.14 33.73 14.45
C LEU A 463 -11.20 34.87 14.08
N ARG A 464 -10.47 34.71 12.99
CA ARG A 464 -9.40 35.65 12.63
C ARG A 464 -9.78 36.43 11.38
N MET A 465 -9.37 37.69 11.35
CA MET A 465 -9.47 38.52 10.15
C MET A 465 -8.36 39.55 10.19
N ASN A 466 -7.49 39.51 9.18
CA ASN A 466 -6.35 40.43 9.13
C ASN A 466 -6.85 41.82 8.75
N ARG A 467 -5.93 42.78 8.64
CA ARG A 467 -6.34 44.16 8.48
C ARG A 467 -6.73 44.48 7.06
N THR A 468 -5.95 44.03 6.08
CA THR A 468 -6.17 44.43 4.69
C THR A 468 -7.52 43.93 4.18
N THR A 469 -7.85 42.67 4.48
CA THR A 469 -9.13 42.13 4.05
C THR A 469 -10.29 42.91 4.66
N PHE A 470 -10.20 43.20 5.95
CA PHE A 470 -11.26 43.98 6.59
C PHE A 470 -11.38 45.36 5.99
N LEU A 471 -10.25 45.97 5.63
CA LEU A 471 -10.28 47.32 5.09
C LEU A 471 -10.91 47.33 3.70
N ASN A 472 -10.50 46.41 2.83
CA ASN A 472 -11.07 46.44 1.48
C ASN A 472 -12.51 45.94 1.47
N ILE A 473 -12.91 45.12 2.45
CA ILE A 473 -14.31 44.73 2.55
C ILE A 473 -15.17 45.79 3.23
N ILE A 474 -14.56 46.71 4.00
CA ILE A 474 -15.31 47.81 4.58
C ILE A 474 -15.41 48.99 3.63
N GLN A 475 -14.84 48.86 2.43
CA GLN A 475 -14.88 49.94 1.45
C GLN A 475 -16.23 50.06 0.76
N ALA A 476 -17.26 49.47 1.33
CA ALA A 476 -18.64 49.64 0.90
C ALA A 476 -19.15 50.99 1.41
N ASN A 477 -20.47 51.16 1.42
CA ASN A 477 -21.09 52.42 1.82
C ASN A 477 -20.78 52.78 3.28
N VAL A 478 -21.35 53.89 3.74
CA VAL A 478 -20.90 54.65 4.90
C VAL A 478 -20.95 53.84 6.19
N GLY A 479 -21.35 52.57 6.12
CA GLY A 479 -21.38 51.72 7.29
C GLY A 479 -20.15 51.83 8.17
N ASP A 480 -19.01 52.22 7.60
CA ASP A 480 -17.83 52.49 8.41
C ASP A 480 -18.08 53.63 9.39
N GLY A 481 -18.97 54.55 9.02
CA GLY A 481 -19.39 55.57 9.96
C GLY A 481 -20.07 54.98 11.19
N THR A 482 -20.99 54.05 10.98
CA THR A 482 -21.61 53.36 12.10
C THR A 482 -20.57 52.63 12.92
N ILE A 483 -19.63 51.98 12.24
CA ILE A 483 -18.58 51.24 12.94
C ILE A 483 -17.79 52.16 13.86
N ILE A 484 -17.38 53.32 13.33
CA ILE A 484 -16.54 54.21 14.11
C ILE A 484 -17.35 54.85 15.25
N MET A 485 -18.62 55.14 14.99
CA MET A 485 -19.50 55.65 16.03
C MET A 485 -19.59 54.66 17.19
N ASN A 486 -19.77 53.38 16.85
CA ASN A 486 -19.82 52.33 17.86
C ASN A 486 -18.52 52.30 18.66
N ASN A 487 -17.38 52.28 17.98
CA ASN A 487 -16.13 52.09 18.71
C ASN A 487 -15.82 53.30 19.59
N LEU A 488 -16.22 54.51 19.16
CA LEU A 488 -16.02 55.65 20.04
C LEU A 488 -16.95 55.63 21.24
N LEU A 489 -18.23 55.31 21.05
CA LEU A 489 -19.07 55.23 22.23
C LEU A 489 -18.73 54.04 23.11
N GLN A 490 -17.91 53.11 22.62
CA GLN A 490 -17.63 51.89 23.37
C GLN A 490 -16.90 52.18 24.68
N HIS A 491 -15.80 52.94 24.61
CA HIS A 491 -14.99 53.17 25.79
C HIS A 491 -15.66 54.08 26.81
N LEU A 492 -16.82 54.62 26.49
CA LEU A 492 -17.52 55.52 27.40
C LEU A 492 -18.80 54.88 27.91
N THR B 53 7.03 23.83 31.09
CA THR B 53 5.62 24.09 30.71
C THR B 53 5.30 23.33 29.42
N SER B 54 4.17 23.68 28.78
CA SER B 54 3.60 23.20 27.49
C SER B 54 2.68 21.98 27.65
N VAL B 55 1.79 21.82 26.66
CA VAL B 55 0.87 20.67 26.47
C VAL B 55 1.60 19.62 25.62
N SER B 56 2.78 19.98 25.09
CA SER B 56 3.59 19.05 24.28
C SER B 56 4.25 18.08 25.26
N SER B 57 4.79 18.60 26.37
CA SER B 57 5.46 17.62 27.28
C SER B 57 4.52 16.49 27.74
N SER B 58 3.32 16.84 28.16
CA SER B 58 2.43 15.78 28.67
C SER B 58 2.04 14.83 27.54
N LEU B 59 1.92 15.35 26.33
CA LEU B 59 1.42 14.45 25.25
C LEU B 59 2.50 13.96 24.30
N LEU B 60 3.80 14.09 24.59
CA LEU B 60 4.70 13.61 23.52
C LEU B 60 5.76 12.61 23.94
N PRO B 61 6.67 12.88 24.90
CA PRO B 61 7.68 11.90 25.20
C PRO B 61 6.90 10.76 25.85
N ALA B 62 7.12 9.52 25.44
CA ALA B 62 6.37 8.40 26.04
C ALA B 62 6.69 8.27 27.51
N PHE B 63 7.95 8.47 27.92
CA PHE B 63 8.28 8.27 29.34
C PHE B 63 8.37 9.59 30.09
N GLY B 64 7.79 10.66 29.56
CA GLY B 64 7.84 11.94 30.23
C GLY B 64 9.19 12.62 30.12
N THR B 65 9.29 13.77 30.77
CA THR B 65 10.49 14.59 30.74
C THR B 65 11.00 14.79 32.15
N PHE B 66 12.21 15.29 32.20
CA PHE B 66 12.92 15.63 33.45
C PHE B 66 12.24 16.86 34.04
N ILE B 67 11.82 16.89 35.30
CA ILE B 67 11.30 18.09 35.93
C ILE B 67 12.46 18.80 36.61
N GLU B 68 12.72 20.04 36.21
CA GLU B 68 13.74 20.85 36.86
C GLU B 68 13.15 21.52 38.10
N ASP B 69 13.97 22.31 38.78
CA ASP B 69 13.67 22.69 40.15
C ASP B 69 12.56 23.73 40.29
N ASP B 70 12.19 24.42 39.22
CA ASP B 70 11.23 25.51 39.32
C ASP B 70 10.20 25.51 38.20
N ASN B 71 9.60 24.36 37.92
CA ASN B 71 8.56 24.33 36.90
C ASN B 71 7.36 25.14 37.36
N PRO B 72 6.76 25.94 36.48
CA PRO B 72 5.62 26.78 36.89
C PRO B 72 4.38 25.98 37.25
N SER B 73 4.18 24.80 36.66
CA SER B 73 3.04 23.98 37.00
C SER B 73 3.23 23.20 38.29
N SER B 74 4.48 23.02 38.72
CA SER B 74 4.76 22.33 39.97
C SER B 74 4.02 23.00 41.13
N LYS B 75 3.57 22.19 42.08
CA LYS B 75 2.77 22.67 43.19
C LYS B 75 3.20 21.92 44.44
N PRO B 76 2.79 22.39 45.62
CA PRO B 76 3.09 21.63 46.84
C PRO B 76 2.16 20.43 46.98
N PHE B 77 2.74 19.28 47.31
CA PHE B 77 2.00 18.04 47.52
C PHE B 77 1.23 17.63 46.27
N ILE B 78 1.95 17.57 45.15
CA ILE B 78 1.41 17.11 43.88
C ILE B 78 2.57 16.57 43.06
N VAL B 79 2.33 15.51 42.32
CA VAL B 79 3.28 15.02 41.32
C VAL B 79 2.58 15.06 39.97
N LEU B 80 3.30 15.52 38.95
CA LEU B 80 2.71 15.75 37.64
C LEU B 80 2.73 14.47 36.84
N HIS B 81 1.64 14.18 36.16
CA HIS B 81 1.50 12.91 35.46
C HIS B 81 2.53 12.74 34.35
N PHE B 82 3.19 13.81 33.91
CA PHE B 82 4.20 13.73 32.88
C PHE B 82 5.61 13.75 33.41
N ASP B 83 5.78 13.85 34.73
CA ASP B 83 7.10 13.79 35.33
C ASP B 83 7.80 12.49 34.95
N ARG B 84 9.12 12.49 34.80
CA ARG B 84 9.75 11.17 34.62
C ARG B 84 9.62 10.35 35.91
N ARG B 85 10.06 10.84 37.07
CA ARG B 85 10.07 9.96 38.22
C ARG B 85 8.70 9.41 38.57
N TYR B 86 7.71 9.61 37.70
CA TYR B 86 6.44 8.94 37.82
C TYR B 86 6.17 8.00 36.67
N ARG B 87 6.39 8.44 35.43
CA ARG B 87 6.24 7.56 34.30
C ARG B 87 7.31 6.48 34.24
N LEU B 88 8.24 6.47 35.19
CA LEU B 88 9.10 5.32 35.40
C LEU B 88 8.56 4.39 36.46
N TRP B 89 7.96 4.93 37.51
CA TRP B 89 7.25 4.11 38.48
C TRP B 89 6.11 3.36 37.81
N GLU B 90 5.31 4.04 37.02
CA GLU B 90 4.18 3.39 36.39
C GLU B 90 4.58 2.50 35.24
N LEU B 91 5.87 2.32 35.02
CA LEU B 91 6.39 1.24 34.17
C LEU B 91 6.86 0.06 35.00
N PHE B 92 7.41 0.32 36.18
CA PHE B 92 7.62 -0.72 37.16
C PHE B 92 6.31 -1.45 37.45
N LEU B 93 5.22 -0.69 37.54
CA LEU B 93 3.92 -1.32 37.73
C LEU B 93 3.54 -2.19 36.53
N VAL B 94 3.96 -1.82 35.33
CA VAL B 94 3.65 -2.67 34.18
C VAL B 94 4.47 -3.94 34.21
N ILE B 95 5.73 -3.85 34.61
CA ILE B 95 6.52 -5.05 34.85
C ILE B 95 5.87 -5.95 35.87
N LEU B 96 5.26 -5.39 36.90
CA LEU B 96 4.52 -6.22 37.85
C LEU B 96 3.24 -6.78 37.27
N VAL B 97 2.59 -6.04 36.37
CA VAL B 97 1.42 -6.56 35.69
C VAL B 97 1.77 -7.76 34.85
N GLY B 98 2.94 -7.72 34.20
CA GLY B 98 3.38 -8.85 33.42
C GLY B 98 3.51 -10.12 34.23
N TYR B 99 3.72 -9.99 35.53
CA TYR B 99 3.76 -11.15 36.39
C TYR B 99 2.39 -11.51 36.93
N SER B 100 1.58 -10.51 37.27
CA SER B 100 0.27 -10.80 37.83
C SER B 100 -0.65 -11.43 36.79
N ALA B 101 -0.55 -11.01 35.54
CA ALA B 101 -1.32 -11.64 34.47
C ALA B 101 -1.00 -13.12 34.36
N TRP B 102 0.28 -13.46 34.38
CA TRP B 102 0.68 -14.86 34.36
C TRP B 102 0.14 -15.60 35.57
N ALA B 103 0.42 -15.09 36.77
CA ALA B 103 0.10 -15.81 37.99
C ALA B 103 -1.39 -16.00 38.20
N SER B 104 -2.21 -15.03 37.80
CA SER B 104 -3.64 -15.17 37.99
C SER B 104 -4.21 -16.37 37.25
N LEU B 105 -3.93 -16.49 35.96
CA LEU B 105 -4.33 -17.67 35.21
C LEU B 105 -3.69 -18.93 35.78
N PHE B 106 -2.40 -18.84 36.14
CA PHE B 106 -1.71 -20.03 36.60
C PHE B 106 -2.39 -20.64 37.81
N GLU B 107 -2.62 -19.85 38.86
CA GLU B 107 -3.19 -20.48 40.04
C GLU B 107 -4.70 -20.60 39.96
N LEU B 108 -5.31 -20.04 38.93
CA LEU B 108 -6.68 -20.42 38.62
C LEU B 108 -6.74 -21.86 38.13
N ALA B 109 -5.92 -22.18 37.14
CA ALA B 109 -5.98 -23.51 36.56
C ALA B 109 -5.37 -24.57 37.47
N PHE B 110 -4.24 -24.27 38.09
CA PHE B 110 -3.43 -25.32 38.70
C PHE B 110 -3.70 -25.53 40.17
N GLU B 111 -4.19 -24.52 40.88
CA GLU B 111 -4.93 -24.76 42.11
C GLU B 111 -4.08 -25.36 43.23
N LYS B 112 -2.81 -25.67 42.94
CA LYS B 112 -1.86 -26.05 43.97
C LYS B 112 -0.64 -25.14 43.97
N ALA B 113 -0.69 -24.03 43.25
CA ALA B 113 0.32 -22.99 43.41
C ALA B 113 0.12 -22.19 44.69
N ALA B 114 -1.12 -22.08 45.17
CA ALA B 114 -1.40 -21.30 46.36
C ALA B 114 -0.58 -21.77 47.55
N GLU B 115 -0.46 -23.08 47.72
CA GLU B 115 0.23 -23.64 48.88
C GLU B 115 1.74 -23.55 48.67
N GLY B 116 2.21 -22.33 48.41
CA GLY B 116 3.62 -22.14 48.18
C GLY B 116 4.08 -20.71 48.11
N ALA B 117 5.06 -20.45 47.24
CA ALA B 117 5.67 -19.13 47.18
C ALA B 117 4.80 -18.13 46.44
N LEU B 118 4.06 -18.57 45.43
CA LEU B 118 3.25 -17.63 44.67
C LEU B 118 2.22 -16.90 45.53
N LEU B 119 1.78 -17.51 46.63
CA LEU B 119 0.80 -16.84 47.48
C LEU B 119 1.40 -15.67 48.22
N THR B 120 2.64 -15.79 48.70
CA THR B 120 3.30 -14.68 49.35
C THR B 120 3.93 -13.71 48.37
N ILE B 121 4.20 -14.13 47.14
CA ILE B 121 4.76 -13.22 46.16
C ILE B 121 3.74 -12.21 45.65
N ASP B 122 2.50 -12.64 45.41
CA ASP B 122 1.49 -11.71 44.92
C ASP B 122 0.84 -10.91 46.03
N LEU B 123 1.40 -10.95 47.22
CA LEU B 123 1.06 -9.99 48.25
C LEU B 123 1.95 -8.76 48.19
N VAL B 124 3.22 -8.93 47.87
CA VAL B 124 4.13 -7.80 47.71
C VAL B 124 3.92 -7.22 46.32
N VAL B 125 2.92 -7.72 45.61
CA VAL B 125 2.47 -7.09 44.38
C VAL B 125 1.10 -6.51 44.63
N ASP B 126 0.35 -7.11 45.55
CA ASP B 126 -0.87 -6.51 46.06
C ASP B 126 -0.60 -5.43 47.08
N PHE B 127 0.67 -5.04 47.23
CA PHE B 127 1.07 -3.92 48.06
C PHE B 127 1.51 -2.73 47.20
N PHE B 128 2.44 -2.96 46.28
CA PHE B 128 2.79 -1.92 45.33
C PHE B 128 1.59 -1.44 44.54
N PHE B 129 0.58 -2.28 44.34
CA PHE B 129 -0.63 -1.83 43.68
C PHE B 129 -1.61 -1.19 44.64
N ALA B 130 -1.43 -1.38 45.95
CA ALA B 130 -2.20 -0.63 46.92
C ALA B 130 -1.54 0.69 47.27
N VAL B 131 -0.22 0.78 47.13
CA VAL B 131 0.44 2.07 47.24
C VAL B 131 -0.06 3.00 46.15
N ASP B 132 -0.06 2.53 44.90
CA ASP B 132 -0.50 3.37 43.80
C ASP B 132 -1.96 3.77 43.94
N ILE B 133 -2.78 2.91 44.54
CA ILE B 133 -4.21 3.20 44.62
C ILE B 133 -4.49 4.39 45.51
N ILE B 134 -3.54 4.80 46.34
CA ILE B 134 -3.65 6.03 47.10
C ILE B 134 -2.74 7.12 46.54
N LEU B 135 -1.64 6.72 45.90
CA LEU B 135 -0.78 7.69 45.26
C LEU B 135 -1.48 8.43 44.15
N THR B 136 -2.47 7.81 43.52
CA THR B 136 -3.15 8.47 42.42
C THR B 136 -4.11 9.54 42.89
N PHE B 137 -4.07 9.91 44.17
CA PHE B 137 -4.79 11.09 44.62
C PHE B 137 -3.98 12.36 44.43
N PHE B 138 -2.68 12.31 44.67
CA PHE B 138 -1.81 13.47 44.40
C PHE B 138 -1.20 13.37 43.01
N VAL B 139 -2.01 13.14 41.99
CA VAL B 139 -1.53 13.02 40.63
C VAL B 139 -2.41 13.88 39.74
N SER B 140 -1.80 14.83 39.04
CA SER B 140 -2.54 15.73 38.16
C SER B 140 -3.13 14.94 37.00
N TYR B 141 -3.99 15.60 36.24
CA TYR B 141 -4.55 14.95 35.07
C TYR B 141 -4.93 16.00 34.04
N LEU B 142 -4.62 15.71 32.78
CA LEU B 142 -4.92 16.64 31.71
C LEU B 142 -6.41 16.71 31.49
N ASP B 143 -6.98 17.90 31.68
CA ASP B 143 -8.41 18.10 31.52
C ASP B 143 -8.76 18.31 30.06
N ASN B 144 -9.62 17.46 29.52
CA ASN B 144 -10.13 17.74 28.20
C ASN B 144 -11.06 18.93 28.23
N THR B 145 -11.28 19.52 27.05
CA THR B 145 -12.15 20.67 26.84
C THR B 145 -11.61 21.92 27.51
N THR B 146 -10.55 21.77 28.29
CA THR B 146 -9.74 22.89 28.77
C THR B 146 -8.38 22.29 29.14
N TYR B 147 -7.44 22.38 28.21
CA TYR B 147 -6.25 21.53 28.25
C TYR B 147 -5.30 22.01 29.33
N LEU B 148 -5.79 22.01 30.56
CA LEU B 148 -5.06 22.48 31.72
C LEU B 148 -4.47 21.30 32.47
N ASN B 149 -3.92 21.59 33.64
CA ASN B 149 -3.43 20.57 34.56
C ASN B 149 -4.18 20.73 35.87
N VAL B 150 -5.33 20.09 35.96
CA VAL B 150 -6.12 20.12 37.19
C VAL B 150 -5.25 19.70 38.35
N THR B 151 -5.12 20.57 39.35
CA THR B 151 -4.14 20.33 40.40
C THR B 151 -4.71 20.64 41.79
N ASP B 152 -6.02 20.59 41.94
CA ASP B 152 -6.65 20.72 43.26
C ASP B 152 -7.03 19.32 43.72
N HIS B 153 -6.62 18.97 44.95
CA HIS B 153 -6.85 17.63 45.47
C HIS B 153 -8.32 17.25 45.39
N LYS B 154 -9.22 18.21 45.66
CA LYS B 154 -10.64 17.93 45.63
C LYS B 154 -11.08 17.43 44.27
N LEU B 155 -10.65 18.10 43.19
CA LEU B 155 -11.12 17.72 41.87
C LEU B 155 -10.52 16.39 41.42
N ILE B 156 -9.24 16.16 41.74
CA ILE B 156 -8.63 14.87 41.44
C ILE B 156 -9.40 13.76 42.12
N ALA B 157 -9.68 13.93 43.41
CA ALA B 157 -10.46 12.94 44.14
C ALA B 157 -11.81 12.71 43.48
N LYS B 158 -12.53 13.79 43.18
CA LYS B 158 -13.87 13.64 42.63
C LYS B 158 -13.86 12.96 41.27
N ARG B 159 -12.82 13.19 40.46
CA ARG B 159 -12.78 12.51 39.18
C ARG B 159 -12.37 11.06 39.33
N TYR B 160 -11.49 10.75 40.28
CA TYR B 160 -11.08 9.38 40.49
C TYR B 160 -12.24 8.53 40.99
N LEU B 161 -12.83 8.92 42.11
CA LEU B 161 -13.87 8.10 42.73
C LEU B 161 -15.03 7.86 41.78
N LYS B 162 -15.55 8.93 41.17
CA LYS B 162 -16.72 8.83 40.32
C LYS B 162 -16.52 7.93 39.10
N SER B 163 -15.31 7.44 38.88
CA SER B 163 -15.03 6.54 37.77
C SER B 163 -15.03 5.09 38.24
N VAL B 164 -15.34 4.19 37.30
CA VAL B 164 -15.34 2.76 37.61
C VAL B 164 -13.93 2.29 37.95
N ALA B 165 -12.92 3.02 37.48
CA ALA B 165 -11.55 2.62 37.70
C ALA B 165 -11.25 2.44 39.18
N PHE B 166 -11.83 3.26 40.05
CA PHE B 166 -11.52 3.17 41.46
C PHE B 166 -12.02 1.86 42.06
N VAL B 167 -13.28 1.53 41.83
CA VAL B 167 -13.81 0.30 42.41
C VAL B 167 -13.16 -0.91 41.76
N MET B 168 -12.89 -0.84 40.46
CA MET B 168 -12.22 -1.96 39.82
C MET B 168 -10.83 -2.18 40.38
N ASP B 169 -10.10 -1.10 40.66
CA ASP B 169 -8.77 -1.26 41.20
C ASP B 169 -8.80 -1.73 42.65
N VAL B 170 -9.77 -1.25 43.42
CA VAL B 170 -9.85 -1.69 44.80
C VAL B 170 -10.30 -3.14 44.87
N ALA B 171 -11.00 -3.62 43.85
CA ALA B 171 -11.31 -5.04 43.77
C ALA B 171 -10.06 -5.83 43.39
N SER B 172 -9.47 -5.52 42.24
CA SER B 172 -8.27 -6.18 41.77
C SER B 172 -7.17 -6.22 42.81
N THR B 173 -7.11 -5.26 43.72
CA THR B 173 -6.03 -5.19 44.70
C THR B 173 -6.35 -5.96 45.97
N LEU B 174 -7.56 -6.46 46.10
CA LEU B 174 -7.93 -7.15 47.34
C LEU B 174 -7.33 -8.54 47.38
N PRO B 175 -6.56 -8.89 48.40
CA PRO B 175 -5.98 -10.24 48.52
C PRO B 175 -6.95 -11.22 49.18
N ILE B 176 -7.92 -11.68 48.40
CA ILE B 176 -9.01 -12.46 48.98
C ILE B 176 -8.52 -13.85 49.38
N GLN B 177 -7.55 -14.41 48.66
CA GLN B 177 -7.13 -15.77 48.98
C GLN B 177 -6.32 -15.80 50.27
N PHE B 178 -5.48 -14.79 50.49
CA PHE B 178 -4.82 -14.69 51.78
C PHE B 178 -5.84 -14.43 52.89
N ILE B 179 -6.90 -13.70 52.57
CA ILE B 179 -7.98 -13.51 53.54
C ILE B 179 -8.58 -14.85 53.93
N TYR B 180 -8.84 -15.72 52.95
CA TYR B 180 -9.34 -17.05 53.26
C TYR B 180 -8.34 -17.83 54.11
N LYS B 181 -7.05 -17.77 53.74
CA LYS B 181 -6.04 -18.50 54.47
C LYS B 181 -5.89 -18.02 55.91
N THR B 182 -6.22 -16.76 56.18
CA THR B 182 -6.08 -16.26 57.55
C THR B 182 -7.35 -16.49 58.36
N ILE B 183 -8.52 -16.33 57.74
CA ILE B 183 -9.77 -16.61 58.44
C ILE B 183 -9.91 -18.11 58.68
N THR B 184 -9.92 -18.89 57.61
CA THR B 184 -9.86 -20.33 57.70
C THR B 184 -8.42 -20.79 57.88
N GLY B 185 -8.21 -22.09 57.70
CA GLY B 185 -6.87 -22.62 57.84
C GLY B 185 -6.12 -22.79 56.54
N ASP B 186 -6.83 -22.68 55.42
CA ASP B 186 -6.23 -22.93 54.10
C ASP B 186 -7.23 -22.53 53.03
N VAL B 187 -6.71 -22.29 51.83
CA VAL B 187 -7.58 -22.12 50.66
C VAL B 187 -8.40 -23.38 50.44
N GLY B 188 -7.71 -24.49 50.14
CA GLY B 188 -8.28 -25.82 50.27
C GLY B 188 -8.88 -26.43 49.02
N ARG B 189 -9.68 -25.66 48.28
CA ARG B 189 -10.45 -26.23 47.18
C ARG B 189 -11.25 -25.20 46.40
N GLY B 190 -11.90 -25.66 45.34
CA GLY B 190 -12.87 -24.87 44.60
C GLY B 190 -12.82 -25.11 43.11
N GLN B 191 -13.96 -25.45 42.53
CA GLN B 191 -14.05 -25.50 41.07
C GLN B 191 -14.32 -24.13 40.49
N ALA B 192 -14.97 -23.26 41.25
CA ALA B 192 -15.30 -21.91 40.81
C ALA B 192 -14.74 -20.83 41.71
N PHE B 193 -14.50 -21.10 43.00
CA PHE B 193 -13.97 -20.08 43.89
C PHE B 193 -12.67 -19.48 43.38
N GLY B 194 -11.86 -20.25 42.67
CA GLY B 194 -10.64 -19.74 42.09
C GLY B 194 -10.83 -18.73 40.99
N PHE B 195 -12.06 -18.47 40.57
CA PHE B 195 -12.35 -17.44 39.60
C PHE B 195 -12.15 -16.05 40.17
N LEU B 196 -11.97 -15.91 41.46
CA LEU B 196 -11.81 -14.59 42.06
C LEU B 196 -10.53 -13.90 41.63
N ASN B 197 -9.43 -14.62 41.48
CA ASN B 197 -8.21 -14.01 41.03
C ASN B 197 -8.20 -13.74 39.54
N LEU B 198 -9.33 -13.86 38.88
CA LEU B 198 -9.47 -13.37 37.52
C LEU B 198 -9.70 -11.87 37.49
N LEU B 199 -10.09 -11.28 38.61
CA LEU B 199 -10.21 -9.84 38.68
C LEU B 199 -8.89 -9.15 38.39
N ARG B 200 -7.80 -9.71 38.84
CA ARG B 200 -6.49 -9.15 38.59
C ARG B 200 -6.19 -8.99 37.15
N LEU B 201 -6.96 -9.58 36.23
CA LEU B 201 -6.78 -9.27 34.82
C LEU B 201 -7.26 -7.88 34.47
N TRP B 202 -7.90 -7.20 35.42
CA TRP B 202 -8.26 -5.81 35.20
C TRP B 202 -7.03 -4.93 35.02
N ARG B 203 -5.92 -5.33 35.64
CA ARG B 203 -4.70 -4.55 35.56
C ARG B 203 -4.16 -4.51 34.15
N LEU B 204 -4.64 -5.38 33.28
CA LEU B 204 -4.14 -5.41 31.91
C LEU B 204 -4.37 -4.13 31.17
N ARG B 205 -5.19 -3.22 31.69
CA ARG B 205 -5.40 -1.95 30.99
C ARG B 205 -4.15 -1.10 31.01
N ARG B 206 -3.25 -1.33 31.97
CA ARG B 206 -2.02 -0.54 32.04
C ARG B 206 -1.10 -0.87 30.86
N VAL B 207 -1.02 -2.15 30.50
CA VAL B 207 -0.23 -2.53 29.34
C VAL B 207 -0.82 -1.92 28.08
N ALA B 208 -2.16 -1.88 28.02
CA ALA B 208 -2.82 -1.25 26.89
C ALA B 208 -2.44 0.21 26.79
N GLU B 209 -2.50 0.93 27.90
CA GLU B 209 -2.11 2.34 27.91
C GLU B 209 -0.66 2.50 27.48
N LEU B 210 0.22 1.63 27.97
CA LEU B 210 1.63 1.75 27.62
C LEU B 210 1.84 1.59 26.12
N PHE B 211 1.30 0.52 25.54
CA PHE B 211 1.44 0.33 24.11
C PHE B 211 0.72 1.41 23.32
N LYS B 212 -0.31 2.02 23.90
CA LYS B 212 -1.00 3.11 23.24
C LYS B 212 -0.17 4.36 23.20
N ARG B 213 0.62 4.61 24.24
CA ARG B 213 1.46 5.79 24.28
C ARG B 213 2.85 5.57 23.72
N LEU B 214 3.23 4.33 23.43
CA LEU B 214 4.46 4.10 22.68
C LEU B 214 4.27 4.20 21.18
N GLU B 215 3.09 4.17 20.66
CA GLU B 215 2.82 4.21 19.23
C GLU B 215 2.49 5.60 18.80
N LYS B 216 2.55 6.57 19.65
CA LYS B 216 2.41 7.97 19.25
C LYS B 216 3.80 8.56 19.40
N ASP B 217 4.62 8.05 20.29
CA ASP B 217 5.96 8.62 20.38
C ASP B 217 6.64 8.23 19.11
N ALA B 218 7.24 9.16 18.34
CA ALA B 218 7.92 8.89 17.07
C ALA B 218 9.41 8.59 17.19
N HIS B 219 9.89 8.45 18.42
CA HIS B 219 11.30 8.09 18.67
C HIS B 219 11.43 6.57 18.58
N PHE B 220 10.30 5.86 18.68
CA PHE B 220 10.27 4.38 18.65
C PHE B 220 9.68 3.90 17.32
N ASN B 221 10.19 2.82 16.76
CA ASN B 221 9.67 2.38 15.43
C ASN B 221 8.20 1.98 15.51
N TYR B 222 7.37 2.51 14.64
CA TYR B 222 5.91 2.33 14.72
C TYR B 222 5.41 0.93 14.45
N PHE B 223 5.86 0.29 13.39
CA PHE B 223 5.32 -1.05 13.12
C PHE B 223 6.08 -1.99 14.02
N VAL B 224 7.35 -1.70 14.30
CA VAL B 224 8.07 -2.62 15.22
C VAL B 224 7.35 -2.70 16.56
N ILE B 225 6.86 -1.58 17.10
CA ILE B 225 6.15 -1.63 18.40
C ILE B 225 4.89 -2.46 18.20
N ARG B 226 4.25 -2.38 17.06
CA ARG B 226 3.02 -3.17 16.95
C ARG B 226 3.41 -4.62 16.93
N VAL B 227 4.47 -4.98 16.24
CA VAL B 227 4.82 -6.42 16.30
C VAL B 227 5.16 -6.81 17.73
N ILE B 228 5.90 -6.02 18.51
CA ILE B 228 6.10 -6.55 19.90
C ILE B 228 4.79 -6.60 20.66
N LYS B 229 3.88 -5.67 20.46
CA LYS B 229 2.61 -5.75 21.19
C LYS B 229 1.87 -7.01 20.78
N LEU B 230 1.86 -7.35 19.50
CA LEU B 230 1.18 -8.57 19.02
C LEU B 230 1.88 -9.78 19.62
N LEU B 231 3.19 -9.76 19.70
CA LEU B 231 3.87 -10.90 20.33
C LEU B 231 3.40 -10.98 21.77
N CYS B 232 3.30 -9.90 22.51
CA CYS B 232 2.84 -10.04 23.89
C CYS B 232 1.43 -10.56 23.94
N VAL B 233 0.53 -10.07 23.09
CA VAL B 233 -0.85 -10.63 23.21
C VAL B 233 -0.86 -12.10 22.87
N THR B 234 -0.07 -12.54 21.91
CA THR B 234 -0.02 -13.98 21.60
C THR B 234 0.40 -14.77 22.82
N ILE B 235 1.59 -14.61 23.35
CA ILE B 235 2.03 -15.49 24.41
C ILE B 235 1.17 -15.37 25.65
N PHE B 236 0.34 -14.34 25.74
CA PHE B 236 -0.67 -14.33 26.78
C PHE B 236 -1.82 -15.26 26.45
N TRP B 237 -2.25 -15.29 25.19
CA TRP B 237 -3.34 -16.17 24.85
C TRP B 237 -2.92 -17.62 24.83
N ILE B 238 -1.68 -17.90 24.47
CA ILE B 238 -1.17 -19.26 24.60
C ILE B 238 -1.26 -19.71 26.04
N HIS B 239 -0.88 -18.83 26.95
CA HIS B 239 -0.96 -19.15 28.37
C HIS B 239 -2.40 -19.36 28.81
N LEU B 240 -3.28 -18.46 28.39
CA LEU B 240 -4.68 -18.57 28.78
C LEU B 240 -5.28 -19.88 28.30
N ALA B 241 -5.04 -20.22 27.04
CA ALA B 241 -5.60 -21.46 26.50
C ALA B 241 -5.01 -22.68 27.17
N GLY B 242 -3.70 -22.69 27.43
CA GLY B 242 -3.12 -23.82 28.12
C GLY B 242 -3.73 -24.03 29.49
N CYS B 243 -3.82 -22.96 30.29
CA CYS B 243 -4.39 -23.11 31.62
C CYS B 243 -5.86 -23.47 31.58
N ILE B 244 -6.62 -22.93 30.63
CA ILE B 244 -8.03 -23.28 30.57
C ILE B 244 -8.21 -24.75 30.22
N LEU B 245 -7.44 -25.25 29.25
CA LEU B 245 -7.61 -26.64 28.86
C LEU B 245 -7.16 -27.57 29.98
N TYR B 246 -6.10 -27.20 30.70
CA TYR B 246 -5.73 -28.01 31.85
C TYR B 246 -6.82 -27.97 32.91
N TRP B 247 -7.46 -26.82 33.10
CA TRP B 247 -8.54 -26.74 34.06
C TRP B 247 -9.67 -27.67 33.68
N ILE B 248 -10.07 -27.65 32.40
CA ILE B 248 -11.08 -28.57 31.92
C ILE B 248 -10.70 -30.02 32.17
N ALA B 249 -9.45 -30.38 31.95
CA ALA B 249 -9.05 -31.76 32.19
C ALA B 249 -8.94 -32.11 33.66
N TYR B 250 -8.75 -31.13 34.53
CA TYR B 250 -8.51 -31.43 35.93
C TYR B 250 -9.80 -31.77 36.67
N HIS B 251 -10.90 -31.10 36.33
CA HIS B 251 -12.15 -31.27 37.04
C HIS B 251 -13.08 -32.23 36.34
N TYR B 252 -12.64 -32.86 35.27
CA TYR B 252 -13.45 -33.85 34.59
C TYR B 252 -13.51 -35.11 35.44
N PRO B 253 -14.69 -35.71 35.60
CA PRO B 253 -14.76 -36.98 36.32
C PRO B 253 -14.17 -38.09 35.48
N ARG B 254 -13.65 -39.13 36.16
CA ARG B 254 -13.04 -40.23 35.42
C ARG B 254 -11.88 -39.68 34.61
N PRO B 255 -10.78 -39.34 35.25
CA PRO B 255 -9.76 -38.49 34.60
C PRO B 255 -8.98 -39.14 33.47
N THR B 256 -9.24 -40.41 33.18
CA THR B 256 -8.50 -41.12 32.14
C THR B 256 -9.11 -40.97 30.77
N ASP B 257 -10.10 -40.10 30.62
CA ASP B 257 -10.72 -39.81 29.33
C ASP B 257 -10.47 -38.36 28.94
N THR B 258 -9.48 -37.75 29.55
CA THR B 258 -9.08 -36.38 29.26
C THR B 258 -8.12 -36.39 28.10
N TRP B 259 -7.56 -35.22 27.81
CA TRP B 259 -6.52 -35.16 26.78
C TRP B 259 -5.16 -35.51 27.36
N ILE B 260 -4.93 -35.18 28.63
CA ILE B 260 -3.67 -35.47 29.28
C ILE B 260 -3.72 -36.78 30.05
N GLY B 261 -4.88 -37.19 30.53
CA GLY B 261 -4.98 -38.42 31.28
C GLY B 261 -4.74 -39.65 30.43
N SER B 262 -4.89 -39.51 29.11
CA SER B 262 -4.65 -40.65 28.25
C SER B 262 -3.16 -40.93 28.09
N GLN B 263 -2.36 -39.86 28.00
CA GLN B 263 -0.92 -40.05 27.86
C GLN B 263 -0.27 -40.36 29.20
N VAL B 264 -0.33 -39.43 30.14
CA VAL B 264 0.21 -39.65 31.46
C VAL B 264 -0.95 -39.89 32.42
N GLU B 265 -0.98 -41.07 33.02
CA GLU B 265 -2.12 -41.48 33.82
C GLU B 265 -2.30 -40.56 35.03
N ASP B 266 -1.29 -40.49 35.90
CA ASP B 266 -1.43 -39.80 37.17
C ASP B 266 -0.97 -38.35 37.06
N PHE B 267 -1.52 -37.64 36.07
CA PHE B 267 -1.15 -36.24 35.93
C PHE B 267 -1.62 -35.39 37.09
N LYS B 268 -2.54 -35.88 37.92
CA LYS B 268 -2.97 -35.16 39.10
C LYS B 268 -2.00 -35.28 40.26
N GLU B 269 -0.96 -36.09 40.11
CA GLU B 269 0.00 -36.31 41.18
C GLU B 269 1.37 -35.73 40.86
N ARG B 270 1.61 -35.33 39.63
CA ARG B 270 2.93 -34.86 39.23
C ARG B 270 3.06 -33.37 39.52
N SER B 271 4.31 -32.92 39.60
CA SER B 271 4.60 -31.52 39.86
C SER B 271 3.87 -30.63 38.86
N VAL B 272 3.37 -29.51 39.37
CA VAL B 272 2.56 -28.63 38.55
C VAL B 272 3.29 -28.17 37.31
N TRP B 273 4.61 -28.28 37.28
CA TRP B 273 5.31 -27.79 36.11
C TRP B 273 5.39 -28.82 35.00
N LEU B 274 5.22 -30.10 35.31
CA LEU B 274 5.01 -31.07 34.24
C LEU B 274 3.69 -30.80 33.53
N GLY B 275 2.61 -30.63 34.29
CA GLY B 275 1.35 -30.27 33.71
C GLY B 275 1.42 -28.96 32.92
N TYR B 276 2.07 -27.96 33.50
CA TYR B 276 2.20 -26.68 32.81
C TYR B 276 2.98 -26.85 31.51
N THR B 277 4.03 -27.67 31.52
CA THR B 277 4.79 -27.89 30.30
C THR B 277 3.95 -28.55 29.24
N TYR B 278 3.21 -29.60 29.61
CA TYR B 278 2.34 -30.27 28.64
C TYR B 278 1.33 -29.29 28.06
N SER B 279 0.73 -28.45 28.90
CA SER B 279 -0.30 -27.55 28.40
C SER B 279 0.28 -26.48 27.49
N MET B 280 1.40 -25.89 27.87
CA MET B 280 2.04 -24.93 26.98
C MET B 280 2.40 -25.58 25.66
N TYR B 281 2.91 -26.80 25.72
CA TYR B 281 3.32 -27.49 24.50
C TYR B 281 2.13 -27.74 23.60
N TRP B 282 1.02 -28.22 24.17
CA TRP B 282 -0.17 -28.47 23.38
C TRP B 282 -0.69 -27.19 22.75
N SER B 283 -0.79 -26.12 23.53
CA SER B 283 -1.36 -24.89 22.99
C SER B 283 -0.44 -24.28 21.94
N ILE B 284 0.86 -24.53 22.03
CA ILE B 284 1.75 -24.03 21.00
C ILE B 284 1.61 -24.85 19.73
N VAL B 285 1.47 -26.18 19.84
CA VAL B 285 1.36 -26.95 18.61
C VAL B 285 0.02 -26.76 17.96
N THR B 286 -1.00 -26.29 18.66
CA THR B 286 -2.24 -26.00 17.93
C THR B 286 -2.37 -24.53 17.58
N LEU B 287 -1.63 -23.64 18.22
CA LEU B 287 -1.61 -22.25 17.78
C LEU B 287 -0.88 -22.14 16.46
N THR B 288 0.29 -22.75 16.37
CA THR B 288 1.12 -22.69 15.19
C THR B 288 0.63 -23.60 14.08
N THR B 289 -0.37 -24.44 14.37
CA THR B 289 -0.98 -25.34 13.39
C THR B 289 -0.03 -26.42 12.95
N VAL B 290 0.82 -26.88 13.85
CA VAL B 290 1.62 -28.05 13.55
C VAL B 290 0.73 -29.26 13.79
N GLY B 291 0.29 -29.44 15.02
CA GLY B 291 -0.63 -30.51 15.31
C GLY B 291 0.00 -31.87 15.13
N TYR B 292 0.93 -32.23 15.99
CA TYR B 292 1.55 -33.54 15.88
C TYR B 292 0.52 -34.65 15.96
N GLY B 293 -0.45 -34.51 16.85
CA GLY B 293 -1.52 -35.47 16.95
C GLY B 293 -1.54 -36.22 18.26
N ASP B 294 -0.40 -36.36 18.93
CA ASP B 294 -0.46 -36.67 20.34
C ASP B 294 -1.08 -35.48 21.05
N LEU B 295 -1.71 -35.72 22.19
CA LEU B 295 -2.41 -34.66 22.90
C LEU B 295 -3.45 -34.01 21.99
N HIS B 296 -4.49 -34.77 21.71
CA HIS B 296 -5.66 -34.27 21.01
C HIS B 296 -6.85 -34.29 21.95
N ALA B 297 -7.94 -33.68 21.52
CA ALA B 297 -9.17 -33.63 22.31
C ALA B 297 -9.79 -35.02 22.35
N VAL B 298 -10.33 -35.42 23.49
CA VAL B 298 -10.87 -36.76 23.68
C VAL B 298 -12.36 -36.73 23.97
N ASN B 299 -12.80 -35.91 24.92
CA ASN B 299 -14.20 -35.83 25.26
C ASN B 299 -14.81 -34.58 24.64
N SER B 300 -16.11 -34.39 24.88
CA SER B 300 -16.86 -33.33 24.21
C SER B 300 -16.52 -31.93 24.71
N ARG B 301 -16.25 -31.76 26.01
CA ARG B 301 -15.88 -30.45 26.51
C ARG B 301 -14.60 -29.96 25.86
N GLU B 302 -13.60 -30.83 25.77
CA GLU B 302 -12.34 -30.44 25.16
C GLU B 302 -12.52 -30.19 23.67
N LYS B 303 -13.31 -31.03 22.99
CA LYS B 303 -13.56 -30.78 21.58
C LYS B 303 -14.18 -29.43 21.36
N THR B 304 -15.16 -29.06 22.18
CA THR B 304 -15.84 -27.78 22.00
C THR B 304 -14.89 -26.61 22.27
N PHE B 305 -14.23 -26.62 23.42
CA PHE B 305 -13.31 -25.54 23.71
C PHE B 305 -12.22 -25.45 22.66
N ASN B 306 -11.73 -26.61 22.20
CA ASN B 306 -10.62 -26.65 21.27
C ASN B 306 -11.02 -26.11 19.91
N MET B 307 -12.23 -26.41 19.45
CA MET B 307 -12.62 -25.86 18.18
C MET B 307 -13.09 -24.42 18.28
N PHE B 308 -13.31 -23.90 19.48
CA PHE B 308 -13.42 -22.45 19.58
C PHE B 308 -12.04 -21.80 19.58
N TYR B 309 -11.09 -22.42 20.27
CA TYR B 309 -9.72 -21.92 20.32
C TYR B 309 -9.12 -21.84 18.93
N MET B 310 -9.10 -22.95 18.20
CA MET B 310 -8.48 -22.94 16.89
C MET B 310 -9.36 -22.33 15.82
N LEU B 311 -10.57 -21.91 16.19
CA LEU B 311 -11.33 -21.00 15.33
C LEU B 311 -10.87 -19.58 15.48
N PHE B 312 -10.62 -19.13 16.71
CA PHE B 312 -10.07 -17.79 16.87
C PHE B 312 -8.64 -17.69 16.39
N ASN B 313 -7.93 -18.82 16.37
CA ASN B 313 -6.53 -18.79 15.97
C ASN B 313 -6.36 -18.46 14.50
N ILE B 314 -7.31 -18.81 13.64
CA ILE B 314 -7.21 -18.42 12.24
C ILE B 314 -7.07 -16.91 12.14
N ASP B 315 -7.96 -16.20 12.81
CA ASP B 315 -7.95 -14.75 12.74
C ASP B 315 -6.72 -14.18 13.43
N LEU B 316 -6.32 -14.75 14.56
CA LEU B 316 -5.12 -14.25 15.23
C LEU B 316 -3.91 -14.36 14.31
N THR B 317 -3.69 -15.52 13.71
CA THR B 317 -2.50 -15.71 12.89
C THR B 317 -2.57 -14.93 11.60
N SER B 318 -3.75 -14.81 11.04
CA SER B 318 -3.86 -13.98 9.83
C SER B 318 -3.57 -12.57 10.25
N TYR B 319 -3.91 -12.20 11.46
CA TYR B 319 -3.61 -10.82 11.84
C TYR B 319 -2.12 -10.66 11.91
N ILE B 320 -1.44 -11.59 12.54
CA ILE B 320 0.02 -11.47 12.72
C ILE B 320 0.69 -11.39 11.38
N ILE B 321 0.26 -12.20 10.44
CA ILE B 321 0.87 -12.16 9.12
C ILE B 321 0.59 -10.83 8.44
N GLY B 322 -0.60 -10.28 8.64
CA GLY B 322 -0.89 -8.97 8.09
C GLY B 322 0.01 -7.89 8.65
N ILE B 323 0.23 -7.90 9.96
CA ILE B 323 1.10 -6.90 10.56
C ILE B 323 2.51 -7.03 10.03
N MET B 324 3.04 -8.25 9.95
CA MET B 324 4.39 -8.41 9.46
C MET B 324 4.50 -8.04 8.00
N THR B 325 3.47 -8.34 7.21
CA THR B 325 3.46 -7.91 5.82
C THR B 325 3.52 -6.40 5.70
N ASN B 326 2.73 -5.69 6.49
CA ASN B 326 2.74 -4.24 6.38
C ASN B 326 4.05 -3.67 6.85
N LEU B 327 4.62 -4.22 7.92
CA LEU B 327 5.95 -3.82 8.35
C LEU B 327 6.94 -3.92 7.20
N VAL B 328 7.05 -5.11 6.61
CA VAL B 328 8.06 -5.34 5.59
C VAL B 328 7.78 -4.47 4.37
N VAL B 329 6.52 -4.35 3.98
CA VAL B 329 6.20 -3.61 2.76
C VAL B 329 6.48 -2.14 2.93
N HIS B 330 6.17 -1.56 4.08
CA HIS B 330 6.39 -0.14 4.26
C HIS B 330 7.84 0.19 4.53
N GLY B 331 8.54 -0.64 5.30
CA GLY B 331 9.96 -0.39 5.52
C GLY B 331 10.78 -0.34 4.26
N ALA B 332 10.32 -0.99 3.19
CA ALA B 332 11.05 -1.00 1.94
C ALA B 332 10.22 -0.37 0.84
N LEU B 333 9.60 0.76 1.14
CA LEU B 333 8.78 1.47 0.16
C LEU B 333 9.53 2.57 -0.57
N ARG B 334 10.51 3.19 0.08
CA ARG B 334 11.25 4.27 -0.55
C ARG B 334 12.55 3.80 -1.20
N THR B 335 13.20 2.80 -0.60
CA THR B 335 14.44 2.29 -1.19
C THR B 335 14.19 1.76 -2.57
N PHE B 336 13.09 1.03 -2.77
CA PHE B 336 12.75 0.55 -4.10
C PHE B 336 12.42 1.71 -5.04
N ALA B 337 11.61 2.67 -4.57
CA ALA B 337 11.24 3.80 -5.40
C ALA B 337 12.47 4.55 -5.90
N MET B 338 13.51 4.60 -5.07
CA MET B 338 14.78 5.16 -5.51
C MET B 338 15.52 4.21 -6.44
N ARG B 339 15.45 2.92 -6.18
CA ARG B 339 16.09 1.94 -7.04
C ARG B 339 15.42 1.80 -8.38
N SER B 340 14.10 1.90 -8.44
CA SER B 340 13.37 1.86 -9.70
C SER B 340 13.64 3.07 -10.57
N ALA B 341 14.31 4.09 -10.02
CA ALA B 341 14.69 5.25 -10.79
C ALA B 341 16.11 5.17 -11.31
N ILE B 342 17.03 4.57 -10.55
CA ILE B 342 18.35 4.28 -11.07
C ILE B 342 18.32 3.15 -12.09
N ASN B 343 17.28 2.33 -12.07
CA ASN B 343 17.18 1.19 -12.96
C ASN B 343 16.83 1.60 -14.38
N ASP B 344 15.74 2.36 -14.56
CA ASP B 344 15.37 2.76 -15.90
C ASP B 344 16.36 3.75 -16.49
N ILE B 345 17.08 4.50 -15.67
CA ILE B 345 18.14 5.37 -16.20
C ILE B 345 19.22 4.54 -16.85
N LEU B 346 19.67 3.50 -16.15
CA LEU B 346 20.69 2.64 -16.72
C LEU B 346 20.16 1.91 -17.95
N ARG B 347 18.92 1.45 -17.90
CA ARG B 347 18.34 0.76 -19.05
C ARG B 347 18.30 1.68 -20.26
N TYR B 348 17.87 2.93 -20.07
CA TYR B 348 17.78 3.85 -21.19
C TYR B 348 19.16 4.22 -21.71
N THR B 349 20.13 4.44 -20.83
CA THR B 349 21.46 4.83 -21.26
C THR B 349 22.27 3.67 -21.80
N SER B 350 21.84 2.43 -21.58
CA SER B 350 22.51 1.27 -22.13
C SER B 350 21.88 0.81 -23.44
N LYS B 351 20.55 0.92 -23.57
CA LYS B 351 19.93 0.65 -24.85
C LYS B 351 20.49 1.56 -25.92
N ASN B 352 20.51 2.86 -25.66
CA ASN B 352 21.31 3.77 -26.46
C ASN B 352 22.75 3.75 -25.94
N ARG B 353 23.62 4.52 -26.59
CA ARG B 353 25.04 4.40 -26.30
C ARG B 353 25.62 5.69 -25.76
N LEU B 354 24.94 6.32 -24.81
CA LEU B 354 25.44 7.54 -24.23
C LEU B 354 26.74 7.27 -23.47
N PRO B 355 27.72 8.16 -23.58
CA PRO B 355 28.95 7.99 -22.79
C PRO B 355 28.64 8.07 -21.31
N ASP B 356 29.46 7.37 -20.53
CA ASP B 356 29.23 7.28 -19.10
C ASP B 356 29.79 8.48 -18.35
N THR B 357 30.02 9.59 -19.04
CA THR B 357 30.17 10.88 -18.39
C THR B 357 28.83 11.57 -18.23
N MET B 358 28.00 11.55 -19.28
CA MET B 358 26.64 12.06 -19.20
C MET B 358 25.65 11.00 -18.74
N ARG B 359 26.15 9.88 -18.21
CA ARG B 359 25.31 8.92 -17.51
C ARG B 359 25.50 8.98 -16.01
N GLU B 360 26.58 9.60 -15.53
CA GLU B 360 26.68 9.95 -14.13
C GLU B 360 26.34 11.41 -13.89
N GLN B 361 25.90 12.12 -14.93
CA GLN B 361 25.29 13.43 -14.77
C GLN B 361 23.79 13.34 -14.55
N MET B 362 23.17 12.22 -14.89
CA MET B 362 21.78 11.97 -14.57
C MET B 362 21.62 11.25 -13.24
N LEU B 363 22.56 10.36 -12.91
CA LEU B 363 22.54 9.69 -11.62
C LEU B 363 22.93 10.62 -10.48
N ALA B 364 23.98 11.43 -10.67
CA ALA B 364 24.35 12.41 -9.68
C ALA B 364 23.41 13.60 -9.64
N HIS B 365 22.35 13.58 -10.44
CA HIS B 365 21.34 14.62 -10.36
C HIS B 365 20.08 14.18 -9.65
N MET B 366 19.48 13.05 -10.05
CA MET B 366 18.21 12.64 -9.48
C MET B 366 18.31 12.46 -7.97
N GLN B 367 19.52 12.21 -7.47
CA GLN B 367 19.72 12.28 -6.02
C GLN B 367 19.33 13.63 -5.48
N LEU B 368 19.72 14.71 -6.17
CA LEU B 368 19.32 16.04 -5.74
C LEU B 368 17.81 16.21 -5.81
N LYS B 369 17.15 15.59 -6.79
CA LYS B 369 15.70 15.71 -6.87
C LYS B 369 15.02 14.99 -5.72
N PHE B 370 15.52 13.82 -5.35
CA PHE B 370 15.00 13.13 -4.18
C PHE B 370 15.20 13.98 -2.93
N LYS B 371 16.40 14.54 -2.76
CA LYS B 371 16.66 15.35 -1.58
C LYS B 371 15.75 16.57 -1.52
N THR B 372 15.58 17.27 -2.63
CA THR B 372 14.76 18.48 -2.60
C THR B 372 13.28 18.15 -2.47
N ALA B 373 12.82 17.03 -3.02
CA ALA B 373 11.44 16.64 -2.80
C ALA B 373 11.22 16.20 -1.36
N GLU B 374 12.26 15.72 -0.70
CA GLU B 374 12.15 15.43 0.72
C GLU B 374 12.15 16.69 1.57
N LEU B 375 12.94 17.70 1.19
CA LEU B 375 13.05 18.92 1.96
C LEU B 375 11.79 19.76 1.95
N ARG B 376 10.90 19.57 0.98
CA ARG B 376 9.62 20.27 0.98
C ARG B 376 8.53 19.43 1.64
N GLN B 377 8.90 18.35 2.31
CA GLN B 377 7.97 17.68 3.20
C GLN B 377 8.24 18.07 4.64
N GLU B 378 9.48 18.50 4.94
CA GLU B 378 9.75 19.11 6.22
C GLU B 378 9.10 20.48 6.36
N GLU B 379 8.31 20.90 5.38
CA GLU B 379 7.45 22.07 5.51
C GLU B 379 6.17 21.62 6.20
N VAL B 380 6.01 22.01 7.46
CA VAL B 380 4.90 21.55 8.28
C VAL B 380 4.02 22.72 8.67
N LEU B 381 4.60 23.91 8.74
CA LEU B 381 3.87 25.06 9.24
C LEU B 381 3.07 25.73 8.13
N GLN B 382 2.32 24.95 7.37
CA GLN B 382 1.37 25.49 6.41
C GLN B 382 -0.04 25.51 6.95
N ASP B 383 -0.21 25.14 8.22
CA ASP B 383 -1.53 25.10 8.83
C ASP B 383 -1.56 25.74 10.22
N LEU B 384 -0.43 25.86 10.89
CA LEU B 384 -0.37 26.49 12.20
C LEU B 384 -0.99 27.87 12.16
N PRO B 385 -1.53 28.34 13.28
CA PRO B 385 -2.12 29.68 13.31
C PRO B 385 -1.11 30.73 12.88
N LYS B 386 -1.61 31.76 12.20
CA LYS B 386 -0.72 32.79 11.68
C LYS B 386 0.06 33.46 12.79
N ALA B 387 -0.54 33.61 13.98
CA ALA B 387 0.13 34.36 15.03
C ALA B 387 1.42 33.71 15.48
N ILE B 388 1.56 32.40 15.30
CA ILE B 388 2.81 31.72 15.63
C ILE B 388 3.69 31.48 14.41
N ARG B 389 3.10 31.05 13.28
CA ARG B 389 3.87 30.90 12.05
C ARG B 389 4.62 32.18 11.71
N SER B 390 4.01 33.32 11.96
CA SER B 390 4.64 34.62 11.74
C SER B 390 5.69 34.94 12.79
N SER B 391 6.02 34.01 13.66
CA SER B 391 7.15 34.19 14.56
C SER B 391 8.32 33.30 14.20
N ILE B 392 8.06 32.07 13.79
CA ILE B 392 9.08 31.26 13.15
C ILE B 392 9.59 31.96 11.89
N ASN B 393 8.68 32.44 11.05
CA ASN B 393 9.10 33.18 9.86
C ASN B 393 9.89 34.41 10.24
N GLN B 394 9.47 35.11 11.30
CA GLN B 394 10.23 36.25 11.77
C GLN B 394 11.67 35.85 12.08
N HIS B 395 11.83 34.95 13.04
CA HIS B 395 13.17 34.57 13.49
C HIS B 395 14.01 34.01 12.37
N LEU B 396 13.38 33.43 11.34
CA LEU B 396 14.18 32.84 10.27
C LEU B 396 14.54 33.83 9.18
N PHE B 397 13.66 34.76 8.83
CA PHE B 397 13.82 35.53 7.61
C PHE B 397 13.89 37.04 7.82
N ARG B 398 13.75 37.54 9.04
CA ARG B 398 13.76 38.99 9.19
C ARG B 398 15.12 39.59 8.84
N SER B 399 16.20 38.92 9.24
CA SER B 399 17.53 39.38 8.87
C SER B 399 17.72 39.41 7.37
N ILE B 400 17.47 38.27 6.71
CA ILE B 400 17.61 38.19 5.25
C ILE B 400 16.75 39.25 4.56
N ILE B 401 15.58 39.53 5.12
CA ILE B 401 14.61 40.36 4.41
C ILE B 401 14.91 41.84 4.58
N GLU B 402 15.19 42.30 5.79
CA GLU B 402 15.18 43.75 6.01
C GLU B 402 16.40 44.42 5.39
N GLU B 403 17.55 43.74 5.37
CA GLU B 403 18.72 44.31 4.70
C GLU B 403 18.85 43.81 3.27
N ALA B 404 17.77 43.93 2.50
CA ALA B 404 17.78 43.66 1.07
C ALA B 404 17.90 44.99 0.35
N TYR B 405 18.32 44.95 -0.91
CA TYR B 405 18.69 46.17 -1.61
C TYR B 405 17.49 47.10 -1.78
N LEU B 406 16.27 46.56 -1.88
CA LEU B 406 15.11 47.40 -2.14
C LEU B 406 14.31 47.72 -0.88
N PHE B 407 14.22 46.78 0.06
CA PHE B 407 13.45 46.97 1.27
C PHE B 407 14.08 47.99 2.23
N LYS B 408 15.27 48.48 1.91
CA LYS B 408 15.99 49.36 2.82
C LYS B 408 15.16 50.60 3.15
N GLY B 409 15.14 50.97 4.42
CA GLY B 409 14.41 52.15 4.84
C GLY B 409 12.90 51.98 4.88
N PHE B 410 12.43 50.75 4.99
CA PHE B 410 11.00 50.53 5.11
C PHE B 410 10.59 50.50 6.59
N PRO B 411 9.39 50.99 6.90
CA PRO B 411 8.92 50.93 8.29
C PRO B 411 8.58 49.49 8.69
N GLU B 412 8.64 49.23 10.00
CA GLU B 412 8.52 47.87 10.50
C GLU B 412 7.14 47.27 10.20
N GLY B 413 6.13 48.11 10.01
CA GLY B 413 4.81 47.59 9.72
C GLY B 413 4.77 46.78 8.44
N LEU B 414 5.24 47.37 7.35
CA LEU B 414 5.27 46.63 6.10
C LEU B 414 6.26 45.46 6.17
N LEU B 415 7.35 45.63 6.92
CA LEU B 415 8.30 44.54 7.09
C LEU B 415 7.63 43.31 7.68
N VAL B 416 6.81 43.50 8.72
CA VAL B 416 6.17 42.36 9.35
C VAL B 416 5.04 41.84 8.47
N GLN B 417 4.32 42.73 7.80
CA GLN B 417 3.28 42.29 6.87
C GLN B 417 3.88 41.48 5.73
N LEU B 418 5.17 41.65 5.47
CA LEU B 418 5.86 40.84 4.48
C LEU B 418 6.30 39.50 5.07
N VAL B 419 7.11 39.56 6.13
CA VAL B 419 7.70 38.33 6.67
C VAL B 419 6.63 37.34 7.10
N SER B 420 5.48 37.84 7.56
CA SER B 420 4.41 36.93 7.97
C SER B 420 3.80 36.17 6.80
N GLN B 421 3.84 36.74 5.59
CA GLN B 421 3.10 36.19 4.45
C GLN B 421 3.98 35.43 3.48
N ILE B 422 5.26 35.23 3.78
CA ILE B 422 6.14 34.53 2.86
C ILE B 422 6.23 33.07 3.23
N GLN B 423 6.66 32.25 2.28
CA GLN B 423 6.95 30.85 2.49
C GLN B 423 8.06 30.45 1.53
N ALA B 424 8.91 29.53 1.96
CA ALA B 424 10.14 29.25 1.25
C ALA B 424 9.97 28.02 0.38
N GLU B 425 10.77 27.96 -0.68
CA GLU B 425 10.82 26.82 -1.58
C GLU B 425 12.27 26.41 -1.78
N TYR B 426 12.45 25.20 -2.29
CA TYR B 426 13.77 24.71 -2.64
C TYR B 426 13.81 24.39 -4.13
N PHE B 427 15.02 24.28 -4.66
CA PHE B 427 15.18 24.12 -6.09
C PHE B 427 16.43 23.34 -6.43
N PRO B 428 16.32 22.37 -7.34
CA PRO B 428 17.48 21.58 -7.75
C PRO B 428 18.55 22.46 -8.39
N PRO B 429 19.77 21.95 -8.51
CA PRO B 429 20.89 22.83 -8.89
C PRO B 429 20.88 23.30 -10.33
N LYS B 430 19.89 22.93 -11.13
CA LYS B 430 19.89 23.35 -12.53
C LYS B 430 18.55 23.80 -13.08
N MET B 431 17.50 23.84 -12.27
CA MET B 431 16.23 24.33 -12.79
C MET B 431 16.23 25.85 -12.85
N GLU B 432 15.45 26.38 -13.78
CA GLU B 432 15.31 27.82 -13.95
C GLU B 432 14.02 28.26 -13.28
N ILE B 433 14.13 29.17 -12.31
CA ILE B 433 12.96 29.60 -11.55
C ILE B 433 12.05 30.46 -12.40
N ILE B 434 12.60 31.47 -13.05
CA ILE B 434 11.84 32.37 -13.92
C ILE B 434 12.61 32.54 -15.22
N LEU B 435 11.92 32.32 -16.33
CA LEU B 435 12.51 32.54 -17.65
C LEU B 435 11.89 33.76 -18.30
N GLN B 436 12.55 34.25 -19.36
CA GLN B 436 12.18 35.53 -19.94
C GLN B 436 10.80 35.45 -20.59
N ASN B 437 10.20 36.62 -20.79
CA ASN B 437 8.93 36.88 -21.50
C ASN B 437 7.69 36.51 -20.69
N GLU B 438 7.82 35.94 -19.49
CA GLU B 438 6.63 35.71 -18.68
C GLU B 438 6.16 37.03 -18.08
N ILE B 439 4.86 37.11 -17.83
CA ILE B 439 4.33 38.26 -17.07
C ILE B 439 4.72 38.10 -15.60
N PRO B 440 5.22 39.15 -14.96
CA PRO B 440 5.89 39.04 -13.64
C PRO B 440 4.98 38.98 -12.43
N THR B 441 4.52 37.77 -12.09
CA THR B 441 3.75 37.58 -10.88
C THR B 441 4.61 37.49 -9.62
N ASP B 442 5.87 37.09 -9.76
CA ASP B 442 6.70 36.78 -8.60
C ASP B 442 8.09 37.35 -8.78
N PHE B 443 8.77 37.50 -7.65
CA PHE B 443 10.18 37.86 -7.61
C PHE B 443 10.77 37.29 -6.33
N TYR B 444 12.01 36.83 -6.41
CA TYR B 444 12.55 35.95 -5.39
C TYR B 444 13.68 36.62 -4.62
N VAL B 445 13.84 36.21 -3.37
CA VAL B 445 14.92 36.64 -2.50
C VAL B 445 15.59 35.38 -1.96
N ILE B 446 16.71 35.01 -2.54
CA ILE B 446 17.32 33.72 -2.25
C ILE B 446 18.12 33.83 -0.96
N VAL B 447 18.14 32.75 -0.18
CA VAL B 447 18.71 32.79 1.16
C VAL B 447 19.95 31.91 1.24
N SER B 448 20.03 30.90 0.38
CA SER B 448 21.17 29.98 0.39
C SER B 448 21.43 29.52 -1.03
N GLY B 449 22.64 29.04 -1.25
CA GLY B 449 22.99 28.66 -2.60
C GLY B 449 23.17 29.89 -3.47
N GLY B 450 23.05 29.67 -4.78
CA GLY B 450 23.23 30.74 -5.73
C GLY B 450 22.19 30.66 -6.84
N VAL B 451 22.19 31.68 -7.69
CA VAL B 451 21.31 31.77 -8.84
C VAL B 451 22.03 32.59 -9.90
N ASP B 452 22.02 32.10 -11.13
CA ASP B 452 22.78 32.70 -12.22
C ASP B 452 21.85 33.46 -13.16
N ILE B 453 22.36 34.56 -13.73
CA ILE B 453 21.59 35.47 -14.54
C ILE B 453 21.86 35.19 -16.01
N ILE B 454 20.81 34.91 -16.77
CA ILE B 454 20.89 34.74 -18.22
C ILE B 454 19.69 35.43 -18.85
N ALA B 455 19.80 35.70 -20.15
CA ALA B 455 18.75 36.36 -20.92
C ALA B 455 18.45 35.54 -22.17
N SER B 456 17.57 36.07 -23.00
CA SER B 456 17.26 35.43 -24.28
C SER B 456 18.10 36.05 -25.38
N LYS B 457 18.49 35.23 -26.35
CA LYS B 457 19.37 35.66 -27.42
C LYS B 457 19.28 34.65 -28.56
N GLY B 458 19.75 35.07 -29.74
CA GLY B 458 19.83 34.14 -30.85
C GLY B 458 20.72 32.95 -30.55
N VAL B 459 21.90 33.22 -29.99
CA VAL B 459 22.80 32.19 -29.47
C VAL B 459 22.08 31.51 -28.32
N SER B 460 22.56 30.33 -27.92
CA SER B 460 21.90 29.52 -26.90
C SER B 460 21.56 30.34 -25.66
N GLU B 461 22.60 30.83 -24.97
CA GLU B 461 22.42 31.67 -23.79
C GLU B 461 23.80 32.14 -23.31
N GLN B 462 23.79 33.21 -22.52
CA GLN B 462 25.01 33.77 -21.97
C GLN B 462 24.87 33.91 -20.45
N VAL B 463 25.95 33.61 -19.74
CA VAL B 463 25.99 33.75 -18.29
C VAL B 463 26.47 35.16 -17.93
N LEU B 464 25.56 35.97 -17.39
CA LEU B 464 25.92 37.34 -17.09
C LEU B 464 26.47 37.49 -15.67
N ALA B 465 25.66 37.15 -14.66
CA ALA B 465 26.01 37.44 -13.28
C ALA B 465 25.67 36.27 -12.38
N LYS B 466 26.42 36.16 -11.28
CA LYS B 466 26.20 35.17 -10.24
C LYS B 466 25.68 35.88 -9.00
N LEU B 467 24.60 35.35 -8.42
CA LEU B 467 23.94 35.99 -7.27
C LEU B 467 24.22 35.14 -6.03
N GLY B 468 24.61 35.80 -4.94
CA GLY B 468 24.88 35.12 -3.69
C GLY B 468 23.76 35.28 -2.69
N PRO B 469 23.87 34.62 -1.54
CA PRO B 469 22.82 34.67 -0.53
C PRO B 469 22.48 36.09 -0.11
N GLY B 470 21.18 36.35 -0.02
CA GLY B 470 20.71 37.68 0.33
C GLY B 470 20.68 38.65 -0.82
N SER B 471 20.22 38.18 -1.98
CA SER B 471 20.15 39.13 -3.11
C SER B 471 18.84 38.87 -3.81
N MET B 472 18.24 39.93 -4.33
CA MET B 472 16.97 39.82 -5.04
C MET B 472 17.22 39.32 -6.47
N ALA B 473 16.12 39.05 -7.17
CA ALA B 473 16.20 38.48 -8.51
C ALA B 473 14.84 38.60 -9.18
N GLY B 474 14.84 38.99 -10.46
CA GLY B 474 13.61 39.10 -11.20
C GLY B 474 12.72 40.22 -10.75
N GLU B 475 13.27 41.23 -10.06
CA GLU B 475 12.47 42.34 -9.56
C GLU B 475 12.19 43.40 -10.61
N ILE B 476 13.00 43.49 -11.67
CA ILE B 476 12.80 44.52 -12.67
C ILE B 476 11.41 44.41 -13.27
N GLY B 477 11.03 43.19 -13.66
CA GLY B 477 9.72 42.99 -14.24
C GLY B 477 8.59 43.31 -13.28
N VAL B 478 8.67 42.76 -12.06
CA VAL B 478 7.58 42.93 -11.12
C VAL B 478 7.41 44.39 -10.73
N VAL B 479 8.50 45.17 -10.75
CA VAL B 479 8.39 46.59 -10.44
C VAL B 479 7.86 47.36 -11.63
N PHE B 480 8.56 47.29 -12.76
CA PHE B 480 8.15 48.07 -13.93
C PHE B 480 6.89 47.55 -14.60
N ASN B 481 6.32 46.44 -14.11
CA ASN B 481 5.09 45.83 -14.59
C ASN B 481 5.23 45.26 -15.99
N ILE B 482 6.38 45.41 -16.64
CA ILE B 482 6.62 44.85 -17.97
C ILE B 482 7.00 43.39 -17.79
N PRO B 483 6.76 42.52 -18.79
CA PRO B 483 7.08 41.10 -18.62
C PRO B 483 8.55 40.87 -18.33
N GLN B 484 8.83 39.82 -17.56
CA GLN B 484 10.15 39.56 -17.01
C GLN B 484 11.21 39.53 -18.10
N PRO B 485 12.07 40.55 -18.17
CA PRO B 485 13.08 40.64 -19.23
C PRO B 485 14.39 39.98 -18.84
N PHE B 486 14.32 38.76 -18.32
CA PHE B 486 15.51 38.05 -17.85
C PHE B 486 15.12 36.60 -17.57
N THR B 487 16.14 35.77 -17.39
CA THR B 487 15.93 34.37 -17.04
C THR B 487 16.93 34.02 -15.95
N VAL B 488 16.46 33.27 -14.95
CA VAL B 488 17.27 32.97 -13.77
C VAL B 488 17.21 31.47 -13.50
N ARG B 489 18.37 30.84 -13.48
CA ARG B 489 18.49 29.42 -13.19
C ARG B 489 19.44 29.21 -12.02
N THR B 490 19.13 28.23 -11.20
CA THR B 490 19.94 27.93 -10.03
C THR B 490 21.23 27.24 -10.45
N ARG B 491 22.20 27.25 -9.55
CA ARG B 491 23.46 26.56 -9.80
C ARG B 491 23.86 25.69 -8.63
N ARG B 492 22.99 25.52 -7.65
CA ARG B 492 23.25 24.69 -6.47
C ARG B 492 21.92 24.53 -5.75
N LEU B 493 21.86 23.54 -4.87
CA LEU B 493 20.62 23.32 -4.12
C LEU B 493 20.36 24.56 -3.28
N SER B 494 19.38 25.36 -3.68
CA SER B 494 19.20 26.70 -3.14
C SER B 494 17.77 26.85 -2.61
N GLN B 495 17.59 27.81 -1.72
CA GLN B 495 16.30 28.09 -1.11
C GLN B 495 15.88 29.51 -1.49
N VAL B 496 14.60 29.69 -1.78
CA VAL B 496 14.11 30.96 -2.32
C VAL B 496 12.90 31.41 -1.52
N ILE B 497 12.63 32.72 -1.59
CA ILE B 497 11.45 33.34 -1.01
C ILE B 497 10.71 34.05 -2.13
N ARG B 498 9.47 33.67 -2.37
CA ARG B 498 8.70 34.25 -3.46
C ARG B 498 7.70 35.26 -2.91
N ILE B 499 7.38 36.26 -3.73
CA ILE B 499 6.47 37.34 -3.35
C ILE B 499 5.51 37.54 -4.52
N GLY B 500 4.21 37.40 -4.26
CA GLY B 500 3.22 37.67 -5.28
C GLY B 500 3.19 39.15 -5.65
N HIS B 501 3.13 39.42 -6.95
CA HIS B 501 3.16 40.80 -7.43
C HIS B 501 1.96 41.59 -6.93
N HIS B 502 0.76 41.07 -7.16
CA HIS B 502 -0.46 41.78 -6.78
C HIS B 502 -0.48 42.12 -5.29
N LYS B 503 -0.30 41.10 -4.45
CA LYS B 503 -0.37 41.32 -3.01
C LYS B 503 0.72 42.27 -2.55
N PHE B 504 1.94 42.12 -3.07
CA PHE B 504 3.03 42.99 -2.68
C PHE B 504 2.73 44.44 -3.02
N LYS B 505 2.28 44.69 -4.25
CA LYS B 505 2.07 46.07 -4.67
C LYS B 505 0.90 46.69 -3.91
N GLU B 506 -0.22 45.95 -3.88
CA GLU B 506 -1.39 46.50 -3.18
C GLU B 506 -0.97 46.76 -1.73
N MET B 507 -0.16 45.88 -1.17
CA MET B 507 0.31 46.13 0.21
C MET B 507 1.20 47.37 0.25
N VAL B 508 2.16 47.49 -0.66
CA VAL B 508 3.07 48.66 -0.49
C VAL B 508 2.34 49.99 -0.70
N GLN B 509 1.47 50.09 -1.69
CA GLN B 509 0.86 51.42 -1.92
C GLN B 509 -0.43 51.62 -1.12
N SER B 510 -0.89 50.64 -0.36
CA SER B 510 -2.16 50.93 0.36
C SER B 510 -1.97 50.95 1.88
N ASP B 511 -1.42 49.88 2.46
CA ASP B 511 -1.31 49.79 3.92
C ASP B 511 -0.63 51.02 4.50
N ASN B 512 0.63 51.24 4.15
CA ASN B 512 1.38 52.37 4.70
C ASN B 512 1.38 53.51 3.69
N ASP B 513 1.60 54.71 4.22
CA ASP B 513 1.66 55.90 3.38
C ASP B 513 3.09 56.45 3.35
N VAL B 514 3.90 56.06 4.34
CA VAL B 514 5.28 56.56 4.42
C VAL B 514 6.12 55.59 3.60
N ASP B 515 6.05 55.74 2.28
CA ASP B 515 6.92 55.00 1.36
C ASP B 515 6.87 55.76 0.03
N ALA B 516 7.91 56.53 -0.26
CA ALA B 516 7.85 57.30 -1.50
C ALA B 516 9.25 57.73 -1.90
N LYS B 517 9.63 57.34 -3.11
CA LYS B 517 10.82 57.85 -3.80
C LYS B 517 12.12 57.48 -3.09
N MET B 518 12.03 56.78 -1.96
CA MET B 518 13.22 56.12 -1.44
C MET B 518 13.42 54.75 -2.04
N ILE B 519 12.34 54.02 -2.30
CA ILE B 519 12.43 52.83 -3.13
C ILE B 519 12.87 53.19 -4.54
N ILE B 520 12.51 54.39 -5.00
CA ILE B 520 12.99 54.87 -6.30
C ILE B 520 14.49 55.16 -6.23
N ALA B 521 14.89 55.80 -5.15
CA ALA B 521 16.32 56.15 -4.96
C ALA B 521 17.15 54.86 -5.03
N ASN B 522 16.81 53.89 -4.19
CA ASN B 522 17.57 52.61 -4.16
C ASN B 522 17.40 51.90 -5.50
N PHE B 523 16.19 51.95 -6.07
CA PHE B 523 15.94 51.26 -7.37
C PHE B 523 16.86 51.85 -8.44
N MET B 524 16.98 53.18 -8.46
CA MET B 524 17.84 53.91 -9.41
C MET B 524 19.31 53.53 -9.20
N THR B 525 19.72 53.30 -7.96
CA THR B 525 21.15 53.00 -7.66
C THR B 525 21.61 51.79 -8.48
N TYR B 526 20.78 50.74 -8.56
CA TYR B 526 21.17 49.57 -9.38
C TYR B 526 21.47 50.01 -10.82
N PRO C 52 42.37 -3.27 -0.94
CA PRO C 52 41.25 -2.33 -0.77
C PRO C 52 40.07 -2.66 -1.66
N TYR C 53 40.15 -2.27 -2.93
CA TYR C 53 39.11 -2.54 -3.91
C TYR C 53 39.65 -3.35 -5.08
N ASP C 54 40.81 -3.97 -4.92
CA ASP C 54 41.49 -4.62 -6.02
C ASP C 54 40.64 -5.74 -6.62
N HIS C 55 40.97 -6.08 -7.86
CA HIS C 55 40.24 -7.15 -8.53
C HIS C 55 40.53 -8.51 -7.91
N LYS C 56 41.80 -8.80 -7.63
CA LYS C 56 42.15 -10.10 -7.06
C LYS C 56 41.63 -10.23 -5.63
N TYR C 57 41.70 -9.14 -4.86
CA TYR C 57 41.23 -9.17 -3.48
C TYR C 57 39.77 -9.57 -3.40
N ARG C 58 38.91 -8.81 -4.08
CA ARG C 58 37.49 -9.15 -4.12
C ARG C 58 37.25 -10.60 -4.50
N ILE C 59 38.03 -11.14 -5.42
CA ILE C 59 37.93 -12.55 -5.74
C ILE C 59 38.30 -13.41 -4.54
N TRP C 60 39.32 -13.01 -3.78
CA TRP C 60 39.73 -13.81 -2.63
C TRP C 60 38.68 -13.77 -1.53
N GLU C 61 38.19 -12.58 -1.18
CA GLU C 61 37.11 -12.51 -0.20
C GLU C 61 35.90 -13.32 -0.61
N ALA C 62 35.55 -13.35 -1.90
CA ALA C 62 34.45 -14.16 -2.38
C ALA C 62 34.81 -15.63 -2.41
N PHE C 63 36.04 -15.97 -2.05
CA PHE C 63 36.44 -17.36 -1.87
C PHE C 63 36.40 -17.80 -0.43
N LEU C 64 36.71 -16.91 0.50
CA LEU C 64 36.53 -17.20 1.92
C LEU C 64 35.09 -17.33 2.31
N VAL C 65 34.15 -17.03 1.41
CA VAL C 65 32.73 -17.14 1.70
C VAL C 65 32.21 -18.54 1.48
N VAL C 66 32.61 -19.21 0.39
CA VAL C 66 32.28 -20.61 0.27
C VAL C 66 32.89 -21.39 1.41
N LEU C 67 34.05 -20.96 1.89
CA LEU C 67 34.60 -21.57 3.09
C LEU C 67 33.74 -21.25 4.31
N VAL C 68 33.04 -20.13 4.33
CA VAL C 68 32.10 -19.87 5.40
C VAL C 68 30.92 -20.82 5.32
N VAL C 69 30.25 -20.85 4.16
CA VAL C 69 29.17 -21.79 3.91
C VAL C 69 29.57 -23.19 4.32
N TYR C 70 30.83 -23.55 4.17
CA TYR C 70 31.29 -24.84 4.65
C TYR C 70 31.24 -24.91 6.17
N THR C 71 31.73 -23.87 6.85
CA THR C 71 31.75 -23.89 8.31
C THR C 71 30.36 -23.85 8.90
N ALA C 72 29.45 -23.13 8.25
CA ALA C 72 28.08 -23.04 8.74
C ALA C 72 27.42 -24.40 8.76
N TRP C 73 27.80 -25.28 7.84
CA TRP C 73 27.27 -26.63 7.90
C TRP C 73 28.06 -27.49 8.86
N VAL C 74 29.38 -27.33 8.92
CA VAL C 74 30.18 -28.28 9.66
C VAL C 74 30.16 -28.05 11.16
N SER C 75 30.15 -26.82 11.63
CA SER C 75 30.29 -26.60 13.06
C SER C 75 29.04 -27.05 13.83
N PRO C 76 27.82 -26.72 13.41
CA PRO C 76 26.67 -27.37 14.02
C PRO C 76 26.71 -28.87 13.92
N PHE C 77 27.24 -29.41 12.82
CA PHE C 77 27.24 -30.84 12.65
C PHE C 77 28.18 -31.51 13.64
N GLU C 78 29.35 -30.92 13.89
CA GLU C 78 30.20 -31.53 14.91
C GLU C 78 29.70 -31.26 16.32
N PHE C 79 29.02 -30.14 16.53
CA PHE C 79 28.37 -29.92 17.81
C PHE C 79 27.40 -31.05 18.11
N GLY C 80 26.41 -31.24 17.25
CA GLY C 80 25.38 -32.21 17.47
C GLY C 80 25.76 -33.66 17.32
N PHE C 81 26.53 -34.00 16.29
CA PHE C 81 26.67 -35.38 15.88
C PHE C 81 27.99 -36.03 16.24
N LEU C 82 29.00 -35.28 16.63
CA LEU C 82 30.32 -35.86 16.84
C LEU C 82 30.87 -35.49 18.21
N ARG C 83 31.66 -36.41 18.76
CA ARG C 83 32.26 -36.24 20.08
C ARG C 83 33.75 -35.94 20.03
N LYS C 84 34.43 -36.23 18.93
CA LYS C 84 35.87 -36.04 18.84
C LYS C 84 36.24 -35.95 17.38
N PRO C 85 37.36 -35.30 17.06
CA PRO C 85 37.75 -35.11 15.66
C PRO C 85 37.91 -36.43 14.93
N ARG C 86 37.33 -36.49 13.73
CA ARG C 86 37.45 -37.64 12.87
C ARG C 86 38.21 -37.28 11.60
N PRO C 87 39.01 -38.19 11.07
CA PRO C 87 39.88 -37.88 9.93
C PRO C 87 39.14 -37.22 8.78
N PRO C 88 38.06 -37.81 8.25
CA PRO C 88 37.45 -37.24 7.04
C PRO C 88 37.04 -35.80 7.21
N LEU C 89 36.91 -35.33 8.44
CA LEU C 89 36.57 -33.95 8.72
C LEU C 89 37.64 -33.19 9.48
N SER C 90 38.43 -33.86 10.32
CA SER C 90 39.48 -33.16 11.04
C SER C 90 40.66 -32.80 10.17
N ILE C 91 40.66 -33.21 8.90
CA ILE C 91 41.68 -32.75 7.96
C ILE C 91 41.19 -31.57 7.14
N THR C 92 39.91 -31.50 6.83
CA THR C 92 39.38 -30.37 6.09
C THR C 92 39.20 -29.13 6.95
N ASP C 93 38.80 -29.27 8.20
CA ASP C 93 38.67 -28.03 8.95
C ASP C 93 39.96 -27.56 9.51
N ASN C 94 41.07 -28.21 9.18
CA ASN C 94 42.37 -27.60 9.41
C ASN C 94 42.84 -26.79 8.24
N ILE C 95 42.59 -27.28 7.01
CA ILE C 95 42.81 -26.47 5.83
C ILE C 95 42.11 -25.12 5.97
N VAL C 96 40.81 -25.15 6.26
CA VAL C 96 40.06 -23.91 6.39
C VAL C 96 40.65 -23.03 7.47
N ASN C 97 41.18 -23.62 8.54
CA ASN C 97 41.80 -22.80 9.56
C ASN C 97 43.05 -22.13 9.03
N ALA C 98 43.80 -22.80 8.16
CA ALA C 98 44.96 -22.16 7.57
C ALA C 98 44.54 -21.03 6.65
N PHE C 99 43.48 -21.24 5.86
CA PHE C 99 43.04 -20.19 4.95
C PHE C 99 42.42 -19.02 5.68
N PHE C 100 41.97 -19.22 6.92
CA PHE C 100 41.48 -18.10 7.70
C PHE C 100 42.58 -17.45 8.54
N ALA C 101 43.63 -18.18 8.87
CA ALA C 101 44.79 -17.57 9.49
C ALA C 101 45.56 -16.73 8.49
N ILE C 102 45.59 -17.15 7.23
CA ILE C 102 46.24 -16.36 6.19
C ILE C 102 45.57 -14.99 6.08
N ASP C 103 44.25 -14.99 5.98
CA ASP C 103 43.53 -13.72 5.95
C ASP C 103 43.62 -12.95 7.26
N ILE C 104 44.13 -13.57 8.32
CA ILE C 104 44.36 -12.81 9.55
C ILE C 104 45.56 -11.91 9.41
N ILE C 105 46.57 -12.34 8.65
CA ILE C 105 47.72 -11.48 8.41
C ILE C 105 47.47 -10.56 7.21
N MET C 106 46.79 -11.05 6.18
CA MET C 106 46.55 -10.23 5.00
C MET C 106 45.57 -9.12 5.30
N THR C 107 44.83 -9.20 6.39
CA THR C 107 43.94 -8.11 6.75
C THR C 107 44.67 -6.97 7.43
N PHE C 108 46.01 -7.01 7.45
CA PHE C 108 46.77 -5.84 7.83
C PHE C 108 47.13 -5.00 6.61
N PHE C 109 47.51 -5.66 5.52
CA PHE C 109 47.90 -4.96 4.30
C PHE C 109 46.71 -4.69 3.41
N VAL C 110 45.65 -4.13 3.98
CA VAL C 110 44.43 -3.86 3.24
C VAL C 110 44.23 -2.36 3.17
N GLY C 111 43.44 -1.92 2.19
CA GLY C 111 43.12 -0.52 2.11
C GLY C 111 41.94 -0.21 3.00
N TYR C 112 42.25 0.29 4.20
CA TYR C 112 41.21 0.64 5.15
C TYR C 112 40.52 1.92 4.71
N LEU C 113 39.19 1.90 4.73
CA LEU C 113 38.41 3.02 4.23
C LEU C 113 37.54 3.56 5.34
N ASP C 114 37.50 4.89 5.43
CA ASP C 114 36.61 5.59 6.34
C ASP C 114 35.48 6.24 5.54
N LYS C 115 34.30 6.31 6.15
CA LYS C 115 33.19 6.97 5.50
C LYS C 115 33.19 8.48 5.73
N SER C 116 33.56 8.93 6.92
CA SER C 116 33.60 10.36 7.20
C SER C 116 34.49 11.09 6.20
N THR C 117 35.61 10.48 5.82
CA THR C 117 36.47 11.00 4.79
C THR C 117 36.57 9.97 3.67
N TYR C 118 36.06 10.31 2.49
CA TYR C 118 35.98 9.41 1.36
C TYR C 118 37.32 8.83 0.93
N LEU C 119 38.43 9.37 1.42
CA LEU C 119 39.74 8.86 1.06
C LEU C 119 39.95 7.49 1.69
N ILE C 120 40.49 6.55 0.91
CA ILE C 120 40.84 5.24 1.43
C ILE C 120 42.22 5.36 2.07
N VAL C 121 42.29 5.09 3.38
CA VAL C 121 43.56 5.27 4.08
C VAL C 121 44.53 4.18 3.64
N ASP C 122 45.49 4.55 2.82
CA ASP C 122 46.50 3.61 2.36
C ASP C 122 47.65 3.47 3.35
N ASP C 123 47.53 4.09 4.53
CA ASP C 123 48.57 3.98 5.54
C ASP C 123 48.81 2.52 5.89
N ARG C 124 50.09 2.17 6.08
CA ARG C 124 50.47 0.83 6.47
C ARG C 124 50.44 0.62 7.97
N LYS C 125 50.01 1.64 8.73
CA LYS C 125 50.01 1.54 10.19
C LYS C 125 48.77 2.04 10.88
N GLN C 126 47.84 2.72 10.19
CA GLN C 126 46.60 3.11 10.84
C GLN C 126 45.53 2.04 10.69
N ILE C 127 45.60 1.23 9.63
CA ILE C 127 44.77 0.05 9.56
C ILE C 127 45.14 -0.94 10.66
N ALA C 128 46.43 -1.13 10.87
CA ALA C 128 46.93 -2.04 11.90
C ALA C 128 46.50 -1.64 13.28
N PHE C 129 45.87 -0.49 13.47
CA PHE C 129 45.43 -0.06 14.79
C PHE C 129 43.92 0.11 14.87
N LYS C 130 43.20 -0.15 13.78
CA LYS C 130 41.74 -0.20 13.80
C LYS C 130 41.22 -1.63 13.77
N TYR C 131 41.69 -2.44 12.81
CA TYR C 131 41.40 -3.85 12.84
C TYR C 131 41.84 -4.50 14.14
N LEU C 132 43.01 -4.12 14.65
CA LEU C 132 43.48 -4.63 15.93
C LEU C 132 42.58 -4.24 17.09
N ARG C 133 41.58 -3.39 16.86
CA ARG C 133 40.69 -2.97 17.93
C ARG C 133 39.46 -3.87 18.04
N SER C 134 38.68 -4.00 16.96
CA SER C 134 37.40 -4.67 17.08
C SER C 134 37.45 -6.16 16.73
N TRP C 135 37.72 -6.50 15.48
CA TRP C 135 37.71 -7.89 15.07
C TRP C 135 39.13 -8.45 15.00
N PHE C 136 39.76 -8.60 16.16
CA PHE C 136 41.03 -9.30 16.13
C PHE C 136 41.05 -10.57 16.96
N LEU C 137 40.75 -10.49 18.26
CA LEU C 137 40.79 -11.71 19.06
C LEU C 137 39.66 -12.65 18.68
N LEU C 138 38.55 -12.09 18.19
CA LEU C 138 37.48 -12.93 17.66
C LEU C 138 37.96 -13.72 16.46
N ASP C 139 38.44 -13.04 15.42
CA ASP C 139 38.95 -13.73 14.25
C ASP C 139 40.17 -14.58 14.57
N LEU C 140 40.87 -14.30 15.66
CA LEU C 140 42.06 -15.08 16.00
C LEU C 140 41.69 -16.39 16.69
N VAL C 141 40.88 -16.32 17.75
CA VAL C 141 40.44 -17.52 18.42
C VAL C 141 39.57 -18.38 17.52
N SER C 142 38.94 -17.78 16.51
CA SER C 142 38.06 -18.55 15.64
C SER C 142 38.83 -19.55 14.79
N THR C 143 40.12 -19.31 14.55
CA THR C 143 40.93 -20.21 13.74
C THR C 143 41.84 -21.09 14.57
N ILE C 144 41.68 -21.11 15.89
CA ILE C 144 42.49 -22.02 16.70
C ILE C 144 42.07 -23.45 16.39
N PRO C 145 43.00 -24.34 16.03
CA PRO C 145 42.61 -25.71 15.72
C PRO C 145 42.10 -26.42 16.97
N SER C 146 41.02 -27.19 16.78
CA SER C 146 40.40 -27.86 17.90
C SER C 146 41.34 -28.84 18.59
N GLU C 147 42.39 -29.29 17.92
CA GLU C 147 43.33 -30.23 18.52
C GLU C 147 44.10 -29.62 19.67
N ALA C 148 44.14 -28.30 19.78
CA ALA C 148 44.71 -27.66 20.96
C ALA C 148 43.66 -27.47 22.04
N ALA C 149 42.45 -27.10 21.64
CA ALA C 149 41.37 -26.93 22.61
C ALA C 149 41.04 -28.23 23.31
N MET C 150 41.33 -29.36 22.68
CA MET C 150 41.18 -30.64 23.38
C MET C 150 42.37 -30.90 24.29
N ARG C 151 43.57 -30.53 23.86
CA ARG C 151 44.74 -30.69 24.71
C ARG C 151 44.57 -29.92 26.02
N ILE C 152 43.97 -28.74 25.95
CA ILE C 152 43.81 -27.94 27.16
C ILE C 152 42.68 -28.50 28.02
N SER C 153 41.62 -29.01 27.38
CA SER C 153 40.48 -29.55 28.12
C SER C 153 39.62 -30.37 27.17
N SER C 154 39.40 -31.64 27.50
CA SER C 154 38.43 -32.41 26.73
C SER C 154 37.01 -31.91 27.01
N GLN C 155 36.05 -32.53 26.34
CA GLN C 155 34.63 -32.19 26.49
C GLN C 155 34.33 -30.75 26.11
N SER C 156 35.21 -30.15 25.29
CA SER C 156 35.00 -28.82 24.77
C SER C 156 34.93 -28.78 23.26
N TYR C 157 35.38 -29.83 22.58
CA TYR C 157 35.44 -29.86 21.13
C TYR C 157 34.14 -29.41 20.48
N GLY C 158 33.01 -29.73 21.09
CA GLY C 158 31.74 -29.33 20.52
C GLY C 158 31.49 -27.85 20.66
N LEU C 159 31.38 -27.38 21.91
CA LEU C 159 31.03 -25.98 22.14
C LEU C 159 32.12 -25.04 21.66
N PHE C 160 33.38 -25.51 21.65
CA PHE C 160 34.46 -24.63 21.24
C PHE C 160 34.36 -24.29 19.76
N ASN C 161 34.37 -25.31 18.90
CA ASN C 161 34.36 -25.03 17.48
C ASN C 161 33.02 -24.49 16.98
N MET C 162 32.08 -24.20 17.88
CA MET C 162 30.94 -23.40 17.52
C MET C 162 31.28 -21.91 17.50
N LEU C 163 32.40 -21.53 18.08
CA LEU C 163 32.88 -20.16 17.93
C LEU C 163 33.09 -19.82 16.46
N ARG C 164 33.55 -20.79 15.68
CA ARG C 164 33.75 -20.56 14.25
C ARG C 164 32.50 -20.09 13.55
N LEU C 165 31.35 -20.13 14.20
CA LEU C 165 30.22 -19.41 13.65
C LEU C 165 30.45 -17.92 13.64
N TRP C 166 31.46 -17.44 14.34
CA TRP C 166 31.80 -16.03 14.27
C TRP C 166 32.17 -15.61 12.86
N ARG C 167 32.70 -16.54 12.04
CA ARG C 167 33.00 -16.15 10.68
C ARG C 167 31.74 -16.22 9.84
N LEU C 168 30.65 -15.64 10.33
CA LEU C 168 29.45 -15.51 9.54
C LEU C 168 29.13 -14.08 9.24
N ARG C 169 29.74 -13.14 9.97
CA ARG C 169 29.70 -11.74 9.58
C ARG C 169 30.06 -11.54 8.12
N ARG C 170 30.92 -12.41 7.58
CA ARG C 170 31.28 -12.31 6.18
C ARG C 170 30.08 -12.50 5.27
N VAL C 171 29.19 -13.43 5.61
CA VAL C 171 28.02 -13.67 4.78
C VAL C 171 27.07 -12.48 4.86
N GLY C 172 26.85 -11.95 6.06
CA GLY C 172 26.00 -10.78 6.18
C GLY C 172 26.56 -9.59 5.44
N ALA C 173 27.87 -9.39 5.52
CA ALA C 173 28.50 -8.30 4.79
C ALA C 173 28.35 -8.49 3.28
N LEU C 174 28.53 -9.71 2.80
CA LEU C 174 28.36 -9.96 1.38
C LEU C 174 26.94 -9.70 0.93
N PHE C 175 25.96 -10.07 1.75
CA PHE C 175 24.58 -9.79 1.35
C PHE C 175 24.27 -8.30 1.38
N ALA C 176 24.81 -7.59 2.37
CA ALA C 176 24.68 -6.14 2.37
C ALA C 176 25.27 -5.53 1.11
N ARG C 177 26.45 -5.98 0.70
CA ARG C 177 27.05 -5.47 -0.52
C ARG C 177 26.21 -5.84 -1.73
N LEU C 178 25.63 -7.03 -1.73
CA LEU C 178 24.84 -7.46 -2.88
C LEU C 178 23.58 -6.63 -3.06
N GLU C 179 22.82 -6.39 -2.00
CA GLU C 179 21.57 -5.67 -2.23
C GLU C 179 21.82 -4.19 -2.50
N LYS C 180 22.82 -3.60 -1.86
CA LYS C 180 23.16 -2.20 -2.17
C LYS C 180 23.67 -2.04 -3.59
N ASP C 181 24.19 -3.10 -4.19
CA ASP C 181 24.63 -3.05 -5.57
C ASP C 181 23.44 -2.80 -6.49
N ARG C 182 23.75 -2.50 -7.75
CA ARG C 182 22.71 -2.24 -8.74
C ARG C 182 22.79 -3.16 -9.96
N ASN C 183 23.89 -3.89 -10.13
CA ASN C 183 24.01 -4.89 -11.18
C ASN C 183 23.38 -6.21 -10.80
N PHE C 184 22.78 -6.30 -9.62
CA PHE C 184 22.26 -7.55 -9.09
C PHE C 184 20.76 -7.42 -8.91
N ASN C 185 20.02 -8.33 -9.53
CA ASN C 185 18.57 -8.39 -9.35
C ASN C 185 18.21 -8.47 -7.87
N TYR C 186 17.44 -7.49 -7.40
CA TYR C 186 16.98 -7.50 -6.02
C TYR C 186 16.16 -8.73 -5.70
N PHE C 187 15.46 -9.28 -6.69
CA PHE C 187 14.74 -10.53 -6.51
C PHE C 187 15.69 -11.64 -6.06
N TRP C 188 16.67 -11.95 -6.89
CA TRP C 188 17.65 -13.01 -6.63
C TRP C 188 18.62 -12.68 -5.53
N VAL C 189 18.47 -11.60 -4.77
CA VAL C 189 19.38 -11.30 -3.66
C VAL C 189 18.58 -11.26 -2.38
N ARG C 190 17.29 -11.03 -2.52
CA ARG C 190 16.50 -11.04 -1.30
C ARG C 190 15.93 -12.45 -1.14
N CYS C 191 15.49 -13.06 -2.23
CA CYS C 191 14.96 -14.40 -2.15
C CYS C 191 16.07 -15.44 -1.99
N ALA C 192 17.27 -14.99 -1.67
CA ALA C 192 18.34 -15.89 -1.32
C ALA C 192 18.80 -15.72 0.12
N LYS C 193 18.80 -14.51 0.65
CA LYS C 193 19.05 -14.33 2.07
C LYS C 193 18.01 -15.03 2.92
N LEU C 194 16.80 -15.19 2.39
CA LEU C 194 15.77 -15.91 3.12
C LEU C 194 15.93 -17.40 3.01
N VAL C 195 16.27 -17.90 1.83
CA VAL C 195 16.54 -19.32 1.68
C VAL C 195 17.68 -19.73 2.58
N CYS C 196 18.74 -18.91 2.63
CA CYS C 196 19.90 -19.27 3.44
C CYS C 196 19.57 -19.27 4.93
N VAL C 197 18.89 -18.24 5.41
CA VAL C 197 18.59 -18.21 6.84
C VAL C 197 17.61 -19.32 7.19
N THR C 198 16.71 -19.66 6.28
CA THR C 198 15.79 -20.76 6.55
C THR C 198 16.52 -22.08 6.61
N LEU C 199 17.40 -22.35 5.63
CA LEU C 199 18.15 -23.59 5.66
C LEU C 199 19.05 -23.67 6.87
N PHE C 200 19.60 -22.54 7.28
CA PHE C 200 20.48 -22.54 8.45
C PHE C 200 19.69 -22.80 9.73
N ALA C 201 18.49 -22.21 9.83
CA ALA C 201 17.65 -22.49 10.98
C ALA C 201 17.27 -23.95 11.03
N VAL C 202 16.88 -24.52 9.89
CA VAL C 202 16.52 -25.92 9.81
C VAL C 202 17.69 -26.79 10.25
N HIS C 203 18.90 -26.45 9.80
CA HIS C 203 20.07 -27.25 10.12
C HIS C 203 20.42 -27.18 11.60
N CYS C 204 20.49 -25.98 12.16
CA CYS C 204 20.83 -25.86 13.58
C CYS C 204 19.78 -26.51 14.45
N ALA C 205 18.50 -26.36 14.10
CA ALA C 205 17.47 -27.02 14.87
C ALA C 205 17.64 -28.53 14.82
N ALA C 206 17.94 -29.08 13.65
CA ALA C 206 18.17 -30.50 13.53
C ALA C 206 19.29 -30.96 14.45
N CYS C 207 20.41 -30.24 14.43
CA CYS C 207 21.55 -30.69 15.22
C CYS C 207 21.32 -30.53 16.72
N PHE C 208 20.67 -29.45 17.14
CA PHE C 208 20.39 -29.29 18.56
C PHE C 208 19.40 -30.34 19.05
N TYR C 209 18.36 -30.58 18.27
CA TYR C 209 17.35 -31.54 18.68
C TYR C 209 17.91 -32.96 18.67
N TYR C 210 18.90 -33.23 17.83
CA TYR C 210 19.55 -34.53 17.95
C TYR C 210 20.51 -34.56 19.12
N LEU C 211 21.11 -33.44 19.47
CA LEU C 211 22.05 -33.43 20.58
C LEU C 211 21.35 -33.64 21.91
N ILE C 212 20.14 -33.11 22.08
CA ILE C 212 19.44 -33.29 23.35
C ILE C 212 18.75 -34.64 23.34
N ALA C 213 19.03 -35.45 22.33
CA ALA C 213 18.60 -36.83 22.28
C ALA C 213 19.74 -37.81 22.44
N ALA C 214 20.92 -37.45 21.94
CA ALA C 214 22.08 -38.32 22.09
C ALA C 214 22.60 -38.33 23.51
N ARG C 215 22.40 -37.24 24.24
CA ARG C 215 22.92 -37.10 25.59
C ARG C 215 21.93 -37.56 26.65
N ASN C 216 20.74 -37.99 26.26
CA ASN C 216 19.76 -38.47 27.22
C ASN C 216 20.23 -39.79 27.80
N SER C 217 20.06 -39.93 29.12
CA SER C 217 20.63 -41.08 29.83
C SER C 217 20.01 -42.40 29.42
N ASN C 218 18.83 -42.39 28.81
CA ASN C 218 18.17 -43.61 28.36
C ASN C 218 17.67 -43.35 26.94
N PRO C 219 18.33 -43.92 25.93
CA PRO C 219 18.02 -43.57 24.55
C PRO C 219 16.65 -44.03 24.09
N ALA C 220 15.90 -44.77 24.91
CA ALA C 220 14.61 -45.25 24.46
C ALA C 220 13.52 -44.19 24.63
N LYS C 221 13.61 -43.37 25.66
CA LYS C 221 12.62 -42.32 25.89
C LYS C 221 13.03 -41.01 25.23
N THR C 222 13.39 -41.06 23.97
CA THR C 222 13.76 -39.87 23.21
C THR C 222 12.81 -39.72 22.04
N TRP C 223 12.97 -38.63 21.30
CA TRP C 223 12.11 -38.39 20.16
C TRP C 223 12.47 -39.28 18.99
N ILE C 224 13.69 -39.80 18.95
CA ILE C 224 14.13 -40.61 17.83
C ILE C 224 14.20 -42.08 18.20
N GLY C 225 14.53 -42.38 19.45
CA GLY C 225 14.53 -43.74 19.92
C GLY C 225 13.16 -44.35 20.04
N ALA C 226 12.12 -43.55 19.91
CA ALA C 226 10.77 -44.12 19.95
C ALA C 226 10.43 -44.81 18.64
N ASN C 227 11.00 -44.35 17.52
CA ASN C 227 10.82 -45.01 16.23
C ASN C 227 11.91 -46.04 16.00
N VAL C 228 13.16 -45.59 15.96
CA VAL C 228 14.29 -46.48 15.73
C VAL C 228 14.71 -47.07 17.08
N ALA C 229 14.76 -48.39 17.14
CA ALA C 229 15.13 -49.05 18.39
C ALA C 229 16.49 -48.58 18.90
N ASN C 230 17.52 -48.84 18.12
CA ASN C 230 18.88 -48.44 18.48
C ASN C 230 19.40 -47.51 17.39
N PHE C 231 19.22 -46.21 17.61
CA PHE C 231 19.67 -45.23 16.64
C PHE C 231 21.12 -44.85 16.82
N LEU C 232 21.76 -45.28 17.92
CA LEU C 232 23.17 -45.05 18.11
C LEU C 232 24.03 -46.01 17.30
N GLU C 233 23.41 -46.94 16.58
CA GLU C 233 24.10 -47.89 15.74
C GLU C 233 23.62 -47.78 14.30
N GLU C 234 23.48 -46.56 13.83
CA GLU C 234 23.06 -46.30 12.47
C GLU C 234 23.99 -45.28 11.84
N SER C 235 24.05 -45.30 10.52
CA SER C 235 24.92 -44.40 9.79
C SER C 235 24.58 -42.95 10.13
N LEU C 236 25.61 -42.13 10.31
CA LEU C 236 25.39 -40.70 10.51
C LEU C 236 24.52 -40.13 9.42
N TRP C 237 24.60 -40.70 8.21
CA TRP C 237 23.72 -40.25 7.14
C TRP C 237 22.27 -40.42 7.51
N MET C 238 21.91 -41.60 8.02
CA MET C 238 20.51 -41.87 8.32
C MET C 238 20.02 -41.02 9.49
N ARG C 239 20.83 -40.88 10.53
CA ARG C 239 20.45 -40.04 11.67
C ARG C 239 20.28 -38.60 11.24
N TYR C 240 21.22 -38.08 10.45
CA TYR C 240 21.10 -36.71 9.99
C TYR C 240 19.86 -36.52 9.15
N VAL C 241 19.50 -37.49 8.32
CA VAL C 241 18.32 -37.33 7.49
C VAL C 241 17.07 -37.34 8.35
N THR C 242 16.98 -38.26 9.31
CA THR C 242 15.82 -38.27 10.19
C THR C 242 15.67 -36.95 10.94
N SER C 243 16.76 -36.40 11.45
CA SER C 243 16.68 -35.15 12.19
C SER C 243 16.27 -34.01 11.29
N MET C 244 16.89 -33.89 10.12
CA MET C 244 16.51 -32.86 9.18
C MET C 244 15.05 -32.98 8.79
N TYR C 245 14.56 -34.20 8.66
CA TYR C 245 13.17 -34.44 8.30
C TYR C 245 12.23 -33.98 9.39
N TRP C 246 12.52 -34.33 10.63
CA TRP C 246 11.73 -33.81 11.73
C TRP C 246 11.69 -32.29 11.71
N SER C 247 12.85 -31.67 11.58
CA SER C 247 12.91 -30.22 11.76
C SER C 247 12.21 -29.49 10.64
N ILE C 248 12.24 -30.03 9.43
CA ILE C 248 11.51 -29.39 8.34
C ILE C 248 10.03 -29.72 8.36
N THR C 249 9.63 -30.87 8.92
CA THR C 249 8.22 -31.10 9.13
C THR C 249 7.64 -30.18 10.19
N THR C 250 8.43 -29.79 11.18
CA THR C 250 7.87 -28.90 12.18
C THR C 250 8.05 -27.43 11.83
N LEU C 251 8.95 -27.10 10.91
CA LEU C 251 9.05 -25.71 10.50
C LEU C 251 7.99 -25.35 9.49
N THR C 252 7.66 -26.28 8.61
CA THR C 252 6.63 -26.05 7.61
C THR C 252 5.22 -26.24 8.16
N THR C 253 5.10 -26.57 9.44
CA THR C 253 3.83 -26.78 10.12
C THR C 253 3.03 -27.91 9.50
N VAL C 254 3.69 -28.84 8.83
CA VAL C 254 3.00 -30.06 8.44
C VAL C 254 2.74 -30.91 9.67
N GLY C 255 3.79 -31.28 10.37
CA GLY C 255 3.63 -31.99 11.61
C GLY C 255 2.90 -33.30 11.44
N TYR C 256 3.54 -34.27 10.80
CA TYR C 256 2.88 -35.55 10.60
C TYR C 256 2.47 -36.16 11.92
N GLY C 257 3.43 -36.39 12.81
CA GLY C 257 3.14 -36.96 14.10
C GLY C 257 4.11 -38.03 14.54
N ASP C 258 4.69 -38.78 13.61
CA ASP C 258 5.91 -39.48 13.93
C ASP C 258 6.97 -38.46 14.27
N LEU C 259 7.94 -38.86 15.09
CA LEU C 259 9.02 -37.95 15.46
C LEU C 259 8.48 -36.69 16.14
N HIS C 260 7.96 -36.88 17.34
CA HIS C 260 7.52 -35.75 18.13
C HIS C 260 8.21 -35.80 19.49
N PRO C 261 8.23 -34.70 20.23
CA PRO C 261 8.80 -34.72 21.58
C PRO C 261 8.21 -35.82 22.43
N VAL C 262 9.03 -36.36 23.33
CA VAL C 262 8.63 -37.51 24.12
C VAL C 262 8.80 -37.23 25.61
N ASN C 263 9.73 -36.34 25.95
CA ASN C 263 9.89 -35.95 27.34
C ASN C 263 9.92 -34.43 27.44
N THR C 264 10.23 -33.90 28.61
CA THR C 264 10.04 -32.48 28.87
C THR C 264 11.13 -31.60 28.30
N LYS C 265 12.37 -32.08 28.19
CA LYS C 265 13.41 -31.27 27.57
C LYS C 265 13.12 -31.01 26.10
N GLU C 266 12.78 -32.06 25.37
CA GLU C 266 12.40 -31.89 23.98
C GLU C 266 11.18 -31.00 23.85
N MET C 267 10.26 -31.10 24.80
CA MET C 267 9.07 -30.27 24.75
C MET C 267 9.42 -28.80 24.84
N ILE C 268 10.33 -28.45 25.73
CA ILE C 268 10.68 -27.04 25.88
C ILE C 268 11.45 -26.54 24.67
N PHE C 269 12.44 -27.33 24.21
CA PHE C 269 13.13 -26.95 23.00
C PHE C 269 12.14 -26.73 21.88
N ASP C 270 11.15 -27.59 21.77
CA ASP C 270 10.20 -27.49 20.67
C ASP C 270 9.30 -26.28 20.82
N ILE C 271 8.90 -25.96 22.05
CA ILE C 271 8.12 -24.76 22.27
C ILE C 271 8.87 -23.56 21.72
N PHE C 272 10.14 -23.44 22.08
CA PHE C 272 10.89 -22.27 21.63
C PHE C 272 11.12 -22.31 20.12
N TYR C 273 11.36 -23.50 19.58
CA TYR C 273 11.57 -23.61 18.13
C TYR C 273 10.33 -23.20 17.36
N MET C 274 9.15 -23.63 17.82
CA MET C 274 7.92 -23.29 17.10
C MET C 274 7.57 -21.83 17.27
N LEU C 275 7.82 -21.26 18.45
CA LEU C 275 7.68 -19.81 18.59
C LEU C 275 8.56 -19.09 17.58
N PHE C 276 9.82 -19.50 17.46
CA PHE C 276 10.70 -18.92 16.47
C PHE C 276 10.12 -19.06 15.06
N ASN C 277 9.65 -20.25 14.72
CA ASN C 277 9.15 -20.51 13.38
C ASN C 277 7.94 -19.67 13.05
N LEU C 278 7.08 -19.38 14.03
CA LEU C 278 5.92 -18.55 13.78
C LEU C 278 6.35 -17.20 13.20
N GLY C 279 7.26 -16.52 13.89
CA GLY C 279 7.72 -15.23 13.41
C GLY C 279 8.53 -15.35 12.13
N LEU C 280 9.35 -16.40 12.02
CA LEU C 280 10.14 -16.58 10.82
C LEU C 280 9.26 -16.76 9.60
N THR C 281 8.15 -17.48 9.75
CA THR C 281 7.26 -17.71 8.62
C THR C 281 6.47 -16.46 8.29
N ALA C 282 6.03 -15.72 9.32
CA ALA C 282 5.39 -14.44 9.05
C ALA C 282 6.32 -13.52 8.28
N TYR C 283 7.61 -13.53 8.65
CA TYR C 283 8.59 -12.70 7.96
C TYR C 283 8.80 -13.16 6.52
N LEU C 284 8.87 -14.47 6.31
CA LEU C 284 9.03 -14.99 4.96
C LEU C 284 7.85 -14.62 4.08
N ILE C 285 6.63 -14.76 4.59
CA ILE C 285 5.47 -14.40 3.80
C ILE C 285 5.45 -12.91 3.52
N GLY C 286 5.88 -12.10 4.49
CA GLY C 286 5.98 -10.68 4.23
C GLY C 286 6.93 -10.36 3.09
N ASN C 287 8.11 -10.97 3.10
CA ASN C 287 9.08 -10.68 2.05
C ASN C 287 8.60 -11.22 0.70
N MET C 288 7.93 -12.37 0.69
CA MET C 288 7.44 -12.89 -0.57
C MET C 288 6.32 -12.02 -1.13
N THR C 289 5.47 -11.50 -0.26
CA THR C 289 4.45 -10.56 -0.71
C THR C 289 5.09 -9.31 -1.28
N ASN C 290 6.15 -8.83 -0.62
CA ASN C 290 6.85 -7.66 -1.13
C ASN C 290 7.46 -7.94 -2.49
N LEU C 291 7.97 -9.15 -2.70
CA LEU C 291 8.54 -9.49 -4.00
C LEU C 291 7.46 -9.55 -5.07
N VAL C 292 6.33 -10.16 -4.74
CA VAL C 292 5.27 -10.32 -5.74
C VAL C 292 4.67 -8.97 -6.09
N VAL C 293 4.48 -8.10 -5.10
CA VAL C 293 3.88 -6.80 -5.35
C VAL C 293 4.69 -6.00 -6.35
N HIS C 294 6.00 -5.91 -6.14
CA HIS C 294 6.85 -5.15 -7.05
C HIS C 294 7.13 -5.87 -8.34
N GLY C 295 7.08 -7.20 -8.35
CA GLY C 295 7.38 -7.93 -9.57
C GLY C 295 6.31 -7.72 -10.64
N THR C 296 5.06 -7.56 -10.21
CA THR C 296 3.95 -7.39 -11.13
C THR C 296 3.50 -5.95 -11.26
N SER C 297 4.20 -5.02 -10.62
CA SER C 297 3.77 -3.63 -10.60
C SER C 297 3.76 -3.00 -11.99
N ARG C 298 4.40 -3.61 -12.98
CA ARG C 298 4.43 -3.03 -14.30
C ARG C 298 3.20 -3.38 -15.12
N THR C 299 2.91 -4.67 -15.26
CA THR C 299 1.71 -5.07 -16.00
C THR C 299 0.46 -4.44 -15.39
N ARG C 300 0.38 -4.39 -14.07
CA ARG C 300 -0.77 -3.80 -13.42
C ARG C 300 -0.96 -2.34 -13.81
N ASN C 301 0.12 -1.62 -14.14
CA ASN C 301 0.01 -0.24 -14.55
C ASN C 301 -0.39 -0.08 -16.01
N PHE C 302 0.18 -0.89 -16.88
CA PHE C 302 -0.25 -0.89 -18.28
C PHE C 302 -1.73 -1.24 -18.37
N ARG C 303 -2.20 -2.11 -17.50
CA ARG C 303 -3.60 -2.50 -17.54
C ARG C 303 -4.49 -1.34 -17.12
N ASP C 304 -4.10 -0.59 -16.09
CA ASP C 304 -4.88 0.57 -15.70
C ASP C 304 -4.83 1.66 -16.76
N THR C 305 -3.70 1.81 -17.43
CA THR C 305 -3.64 2.75 -18.55
C THR C 305 -4.66 2.40 -19.63
N ILE C 306 -4.66 1.16 -20.10
CA ILE C 306 -5.62 0.79 -21.12
C ILE C 306 -7.04 0.90 -20.60
N GLN C 307 -7.26 0.54 -19.34
CA GLN C 307 -8.60 0.61 -18.76
C GLN C 307 -9.11 2.05 -18.78
N ALA C 308 -8.45 2.94 -18.04
CA ALA C 308 -8.83 4.33 -18.09
C ALA C 308 -8.20 5.08 -19.24
N ALA C 309 -8.14 4.43 -20.39
CA ALA C 309 -8.11 5.10 -21.68
C ALA C 309 -9.18 4.59 -22.63
N SER C 310 -9.76 3.43 -22.35
CA SER C 310 -11.02 3.05 -22.97
C SER C 310 -12.18 3.76 -22.29
N ASN C 311 -12.12 3.88 -20.96
CA ASN C 311 -13.11 4.66 -20.25
C ASN C 311 -13.25 6.06 -20.85
N PHE C 312 -12.12 6.74 -21.04
CA PHE C 312 -12.15 8.08 -21.63
C PHE C 312 -12.84 8.09 -22.99
N ALA C 313 -12.76 6.99 -23.73
CA ALA C 313 -13.49 6.88 -24.98
C ALA C 313 -14.95 6.50 -24.77
N HIS C 314 -15.31 6.03 -23.58
CA HIS C 314 -16.71 5.71 -23.31
C HIS C 314 -17.47 6.92 -22.79
N ARG C 315 -16.83 7.74 -21.94
CA ARG C 315 -17.46 9.00 -21.55
C ARG C 315 -17.24 10.01 -22.66
N ASN C 316 -17.55 9.58 -23.87
CA ASN C 316 -17.40 10.30 -25.13
C ASN C 316 -17.92 9.32 -26.16
N HIS C 317 -18.01 9.77 -27.40
CA HIS C 317 -18.45 8.89 -28.49
C HIS C 317 -17.40 8.96 -29.58
N LEU C 318 -16.38 8.21 -29.43
CA LEU C 318 -15.40 8.26 -30.49
C LEU C 318 -15.63 7.13 -31.47
N PRO C 319 -15.63 7.45 -32.77
CA PRO C 319 -15.71 6.39 -33.78
C PRO C 319 -14.64 5.36 -33.55
N PRO C 320 -14.94 4.08 -33.73
CA PRO C 320 -13.99 3.03 -33.36
C PRO C 320 -12.65 3.12 -34.08
N ARG C 321 -12.60 3.77 -35.25
CA ARG C 321 -11.34 3.87 -35.97
C ARG C 321 -10.28 4.57 -35.13
N LEU C 322 -10.61 5.74 -34.58
CA LEU C 322 -9.65 6.43 -33.72
C LEU C 322 -9.57 5.81 -32.33
N GLN C 323 -10.55 5.01 -31.94
CA GLN C 323 -10.40 4.20 -30.75
C GLN C 323 -9.51 3.00 -30.99
N ASP C 324 -9.19 2.70 -32.25
CA ASP C 324 -8.14 1.75 -32.58
C ASP C 324 -6.75 2.35 -32.53
N GLN C 325 -6.53 3.47 -33.21
CA GLN C 325 -5.22 4.09 -33.22
C GLN C 325 -4.78 4.45 -31.81
N MET C 326 -5.72 4.82 -30.95
CA MET C 326 -5.35 5.20 -29.59
C MET C 326 -4.81 4.00 -28.82
N LEU C 327 -5.52 2.87 -28.87
CA LEU C 327 -5.06 1.69 -28.17
C LEU C 327 -3.90 1.01 -28.89
N ALA C 328 -3.74 1.25 -30.19
CA ALA C 328 -2.55 0.77 -30.89
C ALA C 328 -1.32 1.61 -30.58
N HIS C 329 -1.51 2.87 -30.21
CA HIS C 329 -0.40 3.72 -29.82
C HIS C 329 -0.05 3.58 -28.35
N LEU C 330 -1.03 3.30 -27.50
CA LEU C 330 -0.74 3.14 -26.09
C LEU C 330 0.02 1.86 -25.81
N CYS C 331 -0.38 0.76 -26.44
CA CYS C 331 0.33 -0.49 -26.27
C CYS C 331 1.76 -0.38 -26.78
N LEU C 332 1.94 0.11 -28.01
CA LEU C 332 3.27 0.32 -28.55
C LEU C 332 4.11 1.16 -27.60
N LYS C 333 3.51 2.20 -27.02
CA LYS C 333 4.21 3.01 -26.04
C LYS C 333 4.70 2.21 -24.84
N TYR C 334 4.10 1.06 -24.58
CA TYR C 334 4.51 0.22 -23.47
C TYR C 334 5.53 -0.83 -23.87
N ARG C 335 5.59 -1.18 -25.15
CA ARG C 335 6.62 -2.07 -25.66
C ARG C 335 7.91 -1.34 -25.98
N THR C 336 7.87 -0.03 -26.17
CA THR C 336 9.07 0.76 -26.32
C THR C 336 9.40 1.50 -25.04
N ASP C 337 8.95 1.01 -23.89
CA ASP C 337 9.35 1.52 -22.59
C ASP C 337 9.95 0.43 -21.72
N SER C 338 9.43 -0.79 -21.81
CA SER C 338 10.04 -1.98 -21.24
C SER C 338 11.32 -2.36 -21.95
N GLU C 339 11.69 -1.64 -23.00
CA GLU C 339 12.88 -1.93 -23.79
C GLU C 339 13.75 -0.70 -23.98
N GLY C 340 13.35 0.45 -23.46
CA GLY C 340 14.04 1.68 -23.73
C GLY C 340 13.56 2.30 -25.02
N LEU C 341 14.33 3.29 -25.47
CA LEU C 341 14.16 4.09 -26.68
C LEU C 341 13.05 5.12 -26.56
N GLN C 342 12.18 5.06 -25.56
CA GLN C 342 11.12 6.06 -25.44
C GLN C 342 10.84 6.34 -23.97
N GLN C 343 11.88 6.40 -23.15
CA GLN C 343 11.67 6.65 -21.72
C GLN C 343 11.52 8.15 -21.49
N GLN C 344 10.40 8.68 -22.01
CA GLN C 344 10.14 10.11 -21.96
C GLN C 344 9.90 10.62 -20.56
N GLU C 345 9.00 10.02 -19.80
CA GLU C 345 8.65 10.59 -18.50
C GLU C 345 9.78 10.47 -17.49
N THR C 346 10.87 9.77 -17.84
CA THR C 346 12.13 9.95 -17.16
C THR C 346 12.96 11.07 -17.75
N LEU C 347 13.14 11.08 -19.07
CA LEU C 347 14.02 12.02 -19.72
C LEU C 347 13.61 13.47 -19.46
N ASP C 348 12.32 13.74 -19.33
CA ASP C 348 11.85 15.11 -19.13
C ASP C 348 12.03 15.58 -17.71
N ALA C 349 12.04 14.67 -16.74
CA ALA C 349 12.25 15.04 -15.34
C ALA C 349 13.67 15.51 -15.08
N LEU C 350 14.49 15.65 -16.10
CA LEU C 350 15.86 16.13 -15.99
C LEU C 350 15.91 17.63 -16.28
N PRO C 351 17.00 18.28 -15.92
CA PRO C 351 17.16 19.69 -16.26
C PRO C 351 17.40 19.87 -17.75
N LYS C 352 16.82 20.93 -18.30
CA LYS C 352 16.96 21.27 -19.71
C LYS C 352 18.43 21.48 -20.11
N ALA C 353 19.38 21.59 -19.18
CA ALA C 353 20.77 21.64 -19.55
C ALA C 353 21.39 20.26 -19.75
N ILE C 354 20.68 19.21 -19.34
CA ILE C 354 21.10 17.84 -19.68
C ILE C 354 20.21 17.26 -20.78
N ARG C 355 18.90 17.37 -20.62
CA ARG C 355 17.95 16.91 -21.62
C ARG C 355 18.22 17.52 -22.99
N SER C 356 18.98 18.59 -23.06
CA SER C 356 19.44 19.13 -24.33
C SER C 356 20.87 18.72 -24.64
N SER C 357 21.53 18.02 -23.74
CA SER C 357 22.83 17.44 -24.02
C SER C 357 22.73 16.00 -24.50
N ILE C 358 21.74 15.26 -24.00
CA ILE C 358 21.44 13.94 -24.54
C ILE C 358 21.00 14.05 -25.99
N SER C 359 19.88 14.73 -26.21
CA SER C 359 19.31 14.82 -27.55
C SER C 359 20.19 15.57 -28.52
N HIS C 360 21.37 16.00 -28.08
CA HIS C 360 22.41 16.43 -29.00
C HIS C 360 23.38 15.32 -29.32
N PHE C 361 23.60 14.39 -28.38
CA PHE C 361 24.51 13.29 -28.66
C PHE C 361 23.89 12.27 -29.60
N LEU C 362 22.57 12.24 -29.72
CA LEU C 362 21.90 11.29 -30.59
C LEU C 362 21.62 11.86 -31.97
N PHE C 363 20.88 12.97 -32.03
CA PHE C 363 20.29 13.44 -33.27
C PHE C 363 21.12 14.52 -33.96
N TYR C 364 22.35 14.76 -33.52
CA TYR C 364 23.15 15.80 -34.14
C TYR C 364 23.81 15.29 -35.41
N SER C 365 24.58 14.22 -35.32
CA SER C 365 25.25 13.65 -36.47
C SER C 365 24.24 13.10 -37.48
N LEU C 366 22.96 13.19 -37.14
CA LEU C 366 21.90 12.82 -38.07
C LEU C 366 21.36 14.05 -38.80
N MET C 367 21.03 15.10 -38.06
CA MET C 367 20.39 16.26 -38.65
C MET C 367 21.27 17.02 -39.62
N ASP C 368 22.58 17.03 -39.40
CA ASP C 368 23.46 17.81 -40.27
C ASP C 368 23.50 17.23 -41.70
N LYS C 369 23.02 16.01 -41.88
CA LYS C 369 23.03 15.39 -43.20
C LYS C 369 21.77 15.64 -44.00
N VAL C 370 20.79 16.37 -43.45
CA VAL C 370 19.62 16.74 -44.23
C VAL C 370 20.05 17.65 -45.37
N TYR C 371 19.28 17.64 -46.47
CA TYR C 371 19.59 18.54 -47.57
C TYR C 371 19.35 19.99 -47.15
N LEU C 372 18.40 20.23 -46.27
CA LEU C 372 18.32 21.50 -45.59
C LEU C 372 19.43 21.59 -44.56
N PHE C 373 19.52 22.74 -43.89
CA PHE C 373 20.59 22.99 -42.91
C PHE C 373 21.96 22.73 -43.51
N ARG C 374 22.10 23.01 -44.81
CA ARG C 374 23.36 22.72 -45.50
C ARG C 374 24.50 23.53 -44.90
N GLY C 375 24.43 24.85 -45.02
CA GLY C 375 25.40 25.71 -44.37
C GLY C 375 24.76 26.59 -43.32
N VAL C 376 25.02 26.28 -42.06
CA VAL C 376 24.41 26.98 -40.93
C VAL C 376 25.35 26.86 -39.74
N SER C 377 25.43 27.93 -38.94
CA SER C 377 26.26 27.91 -37.74
C SER C 377 25.90 26.72 -36.86
N ASN C 378 26.93 26.05 -36.34
CA ASN C 378 26.72 24.88 -35.50
C ASN C 378 25.79 25.18 -34.34
N ASP C 379 25.83 26.41 -33.84
CA ASP C 379 25.06 26.72 -32.64
C ASP C 379 23.58 26.77 -32.93
N LEU C 380 23.19 27.18 -34.14
CA LEU C 380 21.77 27.10 -34.49
C LEU C 380 21.28 25.66 -34.49
N LEU C 381 22.08 24.76 -35.07
CA LEU C 381 21.80 23.34 -34.99
C LEU C 381 21.61 22.90 -33.54
N PHE C 382 22.65 23.09 -32.72
CA PHE C 382 22.57 22.68 -31.32
C PHE C 382 21.38 23.32 -30.63
N GLN C 383 20.94 24.48 -31.10
CA GLN C 383 19.83 25.16 -30.47
C GLN C 383 18.50 24.51 -30.81
N LEU C 384 18.25 24.24 -32.09
CA LEU C 384 16.90 23.76 -32.42
C LEU C 384 16.79 22.25 -32.19
N VAL C 385 17.88 21.51 -32.38
CA VAL C 385 17.85 20.08 -32.11
C VAL C 385 17.50 19.82 -30.65
N SER C 386 17.74 20.82 -29.82
CA SER C 386 17.47 20.65 -28.37
C SER C 386 15.99 20.46 -28.19
N GLU C 387 15.22 21.22 -28.97
CA GLU C 387 13.77 21.20 -28.86
C GLU C 387 13.24 20.45 -30.07
N MET C 388 13.01 19.15 -29.89
CA MET C 388 12.40 18.29 -30.90
C MET C 388 11.90 17.06 -30.17
N LYS C 389 10.58 16.87 -30.14
CA LYS C 389 9.98 15.78 -29.41
C LYS C 389 9.96 14.54 -30.29
N ALA C 390 10.72 13.53 -29.89
CA ALA C 390 10.81 12.29 -30.65
C ALA C 390 9.63 11.38 -30.29
N GLU C 391 8.98 10.84 -31.30
CA GLU C 391 7.82 9.99 -31.09
C GLU C 391 7.89 8.79 -32.04
N TYR C 392 7.19 7.73 -31.67
CA TYR C 392 7.21 6.48 -32.42
C TYR C 392 5.88 6.29 -33.12
N PHE C 393 5.88 5.51 -34.20
CA PHE C 393 4.68 5.32 -34.98
C PHE C 393 4.57 3.89 -35.45
N PRO C 394 3.43 3.24 -35.25
CA PRO C 394 3.24 1.89 -35.77
C PRO C 394 3.23 1.88 -37.28
N PRO C 395 3.41 0.72 -37.90
CA PRO C 395 3.38 0.66 -39.36
C PRO C 395 1.97 0.87 -39.89
N LYS C 396 1.90 1.22 -41.18
CA LYS C 396 0.64 1.46 -41.88
C LYS C 396 -0.18 2.54 -41.16
N GLU C 397 0.54 3.56 -40.70
CA GLU C 397 -0.07 4.69 -40.00
C GLU C 397 0.17 5.95 -40.81
N ASP C 398 -0.88 6.74 -40.98
CA ASP C 398 -0.78 7.98 -41.75
C ASP C 398 -0.39 9.11 -40.81
N VAL C 399 0.86 9.55 -40.92
CA VAL C 399 1.35 10.63 -40.07
C VAL C 399 0.82 11.97 -40.57
N ILE C 400 1.10 12.29 -41.83
CA ILE C 400 0.69 13.54 -42.46
C ILE C 400 -0.19 13.16 -43.65
N LEU C 401 -1.51 13.12 -43.44
CA LEU C 401 -2.42 12.81 -44.53
C LEU C 401 -2.60 14.03 -45.42
N GLN C 402 -2.59 13.80 -46.73
CA GLN C 402 -2.55 14.87 -47.72
C GLN C 402 -3.68 15.87 -47.52
N ASN C 403 -3.46 17.09 -47.99
CA ASN C 403 -4.43 18.18 -47.96
C ASN C 403 -4.87 18.49 -46.52
N GLU C 404 -3.90 18.97 -45.74
CA GLU C 404 -4.20 19.48 -44.41
C GLU C 404 -3.51 20.82 -44.23
N ALA C 405 -3.70 21.40 -43.06
CA ALA C 405 -2.95 22.59 -42.69
C ALA C 405 -1.49 22.21 -42.46
N PRO C 406 -0.53 22.85 -43.11
CA PRO C 406 0.87 22.50 -42.89
C PRO C 406 1.38 22.99 -41.54
N THR C 407 1.06 22.25 -40.48
CA THR C 407 1.42 22.68 -39.13
C THR C 407 2.80 22.21 -38.71
N ASP C 408 3.08 20.92 -38.84
CA ASP C 408 4.31 20.35 -38.33
C ASP C 408 5.12 19.75 -39.47
N PHE C 409 6.36 19.38 -39.15
CA PHE C 409 7.20 18.64 -40.07
C PHE C 409 8.12 17.73 -39.27
N TYR C 410 8.25 16.49 -39.73
CA TYR C 410 8.99 15.47 -39.02
C TYR C 410 10.29 15.14 -39.75
N ILE C 411 11.21 14.52 -39.01
CA ILE C 411 12.46 14.01 -39.56
C ILE C 411 12.60 12.56 -39.12
N LEU C 412 12.90 11.68 -40.07
CA LEU C 412 13.00 10.27 -39.77
C LEU C 412 14.38 9.93 -39.24
N VAL C 413 14.43 9.06 -38.23
CA VAL C 413 15.67 8.53 -37.70
C VAL C 413 15.78 7.02 -37.91
N ASN C 414 14.66 6.32 -37.84
CA ASN C 414 14.61 4.89 -38.11
C ASN C 414 13.48 4.59 -39.10
N GLY C 415 13.23 3.31 -39.32
CA GLY C 415 12.13 2.87 -40.15
C GLY C 415 12.17 3.46 -41.55
N THR C 416 11.02 3.39 -42.20
CA THR C 416 10.85 4.03 -43.49
C THR C 416 9.38 4.20 -43.78
N ALA C 417 9.09 4.89 -44.87
CA ALA C 417 7.74 5.10 -45.36
C ALA C 417 7.85 5.48 -46.83
N ASP C 418 6.75 5.98 -47.39
CA ASP C 418 6.76 6.45 -48.76
C ASP C 418 5.72 7.54 -48.94
N LEU C 419 5.92 8.38 -49.94
CA LEU C 419 4.98 9.45 -50.25
C LEU C 419 3.90 8.87 -51.14
N VAL C 420 2.88 8.29 -50.51
CA VAL C 420 1.73 7.73 -51.23
C VAL C 420 0.91 8.88 -51.79
N ASP C 421 0.75 8.90 -53.10
CA ASP C 421 0.15 10.01 -53.83
C ASP C 421 -1.29 9.66 -54.17
N VAL C 422 -2.23 10.38 -53.59
CA VAL C 422 -3.65 10.12 -53.78
C VAL C 422 -4.27 11.25 -54.60
N ASP C 423 -4.79 10.91 -55.77
CA ASP C 423 -5.58 11.85 -56.54
C ASP C 423 -7.05 11.67 -56.16
N THR C 424 -7.96 12.16 -57.02
CA THR C 424 -9.40 12.07 -56.74
C THR C 424 -9.79 10.67 -56.29
N GLY C 425 -9.66 9.69 -57.18
CA GLY C 425 -9.63 8.32 -56.73
C GLY C 425 -8.47 7.55 -57.31
N THR C 426 -7.47 7.24 -56.47
CA THR C 426 -6.33 6.39 -56.78
C THR C 426 -5.43 6.33 -55.55
N GLU C 427 -4.60 5.29 -55.44
CA GLU C 427 -3.54 5.29 -54.45
C GLU C 427 -2.28 4.81 -55.14
N SER C 428 -1.27 5.69 -55.21
CA SER C 428 -0.02 5.35 -55.86
C SER C 428 1.11 5.98 -55.07
N ILE C 429 2.28 5.35 -55.08
CA ILE C 429 3.41 5.78 -54.28
C ILE C 429 4.59 6.07 -55.19
N VAL C 430 5.18 7.25 -55.04
CA VAL C 430 6.49 7.48 -55.62
C VAL C 430 7.40 8.13 -54.58
N ARG C 431 8.05 7.29 -53.76
CA ARG C 431 9.22 7.65 -52.96
C ARG C 431 9.63 6.49 -52.07
N GLU C 432 10.85 6.56 -51.52
CA GLU C 432 11.27 5.66 -50.45
C GLU C 432 12.12 6.49 -49.49
N VAL C 433 11.47 7.08 -48.49
CA VAL C 433 12.18 7.87 -47.50
C VAL C 433 12.95 6.94 -46.57
N LYS C 434 14.10 7.41 -46.11
CA LYS C 434 14.96 6.59 -45.25
C LYS C 434 15.30 7.32 -43.97
N ALA C 435 16.25 6.79 -43.21
CA ALA C 435 16.72 7.49 -42.02
C ALA C 435 17.39 8.81 -42.40
N GLY C 436 17.02 9.87 -41.70
CA GLY C 436 17.61 11.16 -41.94
C GLY C 436 17.06 11.90 -43.14
N ASP C 437 15.75 12.01 -43.25
CA ASP C 437 15.12 12.76 -44.34
C ASP C 437 13.90 13.47 -43.80
N ILE C 438 13.60 14.64 -44.36
CA ILE C 438 12.49 15.46 -43.90
C ILE C 438 11.20 15.03 -44.56
N ILE C 439 10.06 15.41 -43.96
CA ILE C 439 8.76 15.17 -44.56
C ILE C 439 7.87 16.37 -44.27
N GLY C 440 7.01 16.69 -45.23
CA GLY C 440 6.01 17.73 -45.06
C GLY C 440 6.55 19.12 -44.82
N GLU C 441 7.87 19.29 -44.89
CA GLU C 441 8.45 20.59 -44.61
C GLU C 441 8.18 21.57 -45.75
N ILE C 442 8.02 21.08 -46.97
CA ILE C 442 7.71 21.96 -48.09
C ILE C 442 6.40 22.70 -47.82
N GLY C 443 5.45 22.02 -47.20
CA GLY C 443 4.21 22.66 -46.84
C GLY C 443 4.36 23.74 -45.80
N VAL C 444 5.16 23.48 -44.77
CA VAL C 444 5.25 24.43 -43.66
C VAL C 444 6.17 25.60 -43.98
N LEU C 445 7.14 25.41 -44.86
CA LEU C 445 8.00 26.51 -45.28
C LEU C 445 7.45 27.25 -46.50
N CYS C 446 6.23 26.94 -46.91
CA CYS C 446 5.55 27.70 -47.95
C CYS C 446 4.09 27.95 -47.62
N TYR C 447 3.60 27.42 -46.50
CA TYR C 447 2.22 27.54 -46.07
C TYR C 447 1.23 27.10 -47.14
N ARG C 448 1.66 26.22 -48.04
CA ARG C 448 0.72 25.56 -48.91
C ARG C 448 0.25 24.26 -48.28
N PRO C 449 -0.94 23.78 -48.61
CA PRO C 449 -1.38 22.49 -48.06
C PRO C 449 -0.40 21.38 -48.40
N GLN C 450 -0.44 20.33 -47.59
CA GLN C 450 0.55 19.26 -47.71
C GLN C 450 0.50 18.62 -49.09
N LEU C 451 1.68 18.22 -49.57
CA LEU C 451 1.81 17.73 -50.94
C LEU C 451 1.22 16.34 -51.09
N PHE C 452 1.66 15.39 -50.26
CA PHE C 452 1.22 14.01 -50.39
C PHE C 452 1.03 13.41 -49.00
N THR C 453 0.21 12.37 -48.95
CA THR C 453 0.11 11.55 -47.76
C THR C 453 1.47 10.96 -47.41
N VAL C 454 1.60 10.48 -46.19
CA VAL C 454 2.75 9.68 -45.78
C VAL C 454 2.24 8.57 -44.86
N ARG C 455 2.61 7.35 -45.18
CA ARG C 455 2.18 6.18 -44.43
C ARG C 455 3.41 5.35 -44.07
N THR C 456 3.65 5.23 -42.77
CA THR C 456 4.80 4.46 -42.28
C THR C 456 4.61 3.03 -42.77
N LYS C 457 5.65 2.44 -43.35
CA LYS C 457 5.60 1.05 -43.87
C LYS C 457 6.31 0.11 -42.91
N ARG C 458 6.60 0.54 -41.69
CA ARG C 458 7.31 -0.30 -40.70
C ARG C 458 6.90 0.22 -39.34
N LEU C 459 7.84 0.20 -38.39
CA LEU C 459 7.65 0.92 -37.10
C LEU C 459 8.84 1.85 -37.04
N CYS C 460 8.66 3.17 -37.01
CA CYS C 460 9.85 4.05 -37.03
C CYS C 460 9.61 5.25 -36.15
N GLN C 461 10.67 5.90 -35.66
CA GLN C 461 10.56 7.07 -34.77
C GLN C 461 11.01 8.31 -35.52
N LEU C 462 10.29 9.41 -35.33
CA LEU C 462 10.49 10.68 -36.01
C LEU C 462 10.76 11.78 -34.99
N LEU C 463 11.07 12.96 -35.50
CA LEU C 463 11.33 14.15 -34.69
C LEU C 463 10.32 15.21 -35.07
N ARG C 464 9.47 15.60 -34.12
CA ARG C 464 8.48 16.64 -34.36
C ARG C 464 9.08 18.00 -34.05
N MET C 465 8.71 19.00 -34.84
CA MET C 465 9.15 20.37 -34.63
C MET C 465 8.09 21.28 -35.24
N ASN C 466 7.21 21.83 -34.39
CA ASN C 466 6.07 22.58 -34.89
C ASN C 466 6.54 23.86 -35.60
N ARG C 467 5.65 24.41 -36.42
CA ARG C 467 6.00 25.58 -37.20
C ARG C 467 6.22 26.81 -36.34
N THR C 468 5.42 26.94 -35.27
CA THR C 468 5.54 28.11 -34.40
C THR C 468 6.93 28.20 -33.81
N THR C 469 7.40 27.14 -33.15
CA THR C 469 8.73 27.16 -32.56
C THR C 469 9.79 27.36 -33.62
N PHE C 470 9.59 26.78 -34.81
CA PHE C 470 10.59 26.90 -35.85
C PHE C 470 10.72 28.34 -36.32
N LEU C 471 9.61 29.05 -36.49
CA LEU C 471 9.69 30.44 -36.92
C LEU C 471 10.20 31.34 -35.80
N ASN C 472 9.89 30.99 -34.54
CA ASN C 472 10.47 31.74 -33.43
C ASN C 472 11.96 31.51 -33.30
N ILE C 473 12.48 30.40 -33.80
CA ILE C 473 13.91 30.12 -33.72
C ILE C 473 14.64 30.77 -34.89
N ILE C 474 14.12 30.58 -36.09
CA ILE C 474 14.84 30.98 -37.29
C ILE C 474 15.11 32.48 -37.33
N GLN C 475 14.18 33.31 -36.86
CA GLN C 475 14.40 34.74 -36.87
C GLN C 475 15.53 35.15 -35.94
N ALA C 476 15.76 34.39 -34.88
CA ALA C 476 16.83 34.73 -33.94
C ALA C 476 18.19 34.75 -34.60
N ASN C 477 18.34 34.07 -35.73
CA ASN C 477 19.56 34.11 -36.53
C ASN C 477 19.21 34.63 -37.93
N VAL C 478 20.22 34.68 -38.80
CA VAL C 478 20.01 35.11 -40.18
C VAL C 478 20.04 33.93 -41.15
N GLY C 479 20.25 32.70 -40.66
CA GLY C 479 20.32 31.54 -41.52
C GLY C 479 19.11 31.33 -42.41
N ASP C 480 18.06 32.13 -42.24
CA ASP C 480 16.92 32.08 -43.14
C ASP C 480 17.36 32.19 -44.59
N GLY C 481 18.35 33.03 -44.86
CA GLY C 481 18.87 33.15 -46.22
C GLY C 481 19.36 31.82 -46.77
N THR C 482 20.28 31.17 -46.05
CA THR C 482 20.80 29.88 -46.50
C THR C 482 19.71 28.82 -46.58
N ILE C 483 18.76 28.83 -45.64
CA ILE C 483 17.67 27.87 -45.65
C ILE C 483 16.82 28.01 -46.91
N ILE C 484 16.35 29.22 -47.19
CA ILE C 484 15.54 29.44 -48.38
C ILE C 484 16.36 29.18 -49.64
N MET C 485 17.67 29.47 -49.60
CA MET C 485 18.56 29.16 -50.71
C MET C 485 18.52 27.67 -51.02
N ASN C 486 18.89 26.85 -50.04
CA ASN C 486 18.87 25.40 -50.22
C ASN C 486 17.49 24.91 -50.61
N ASN C 487 16.44 25.52 -50.07
CA ASN C 487 15.09 25.01 -50.30
C ASN C 487 14.69 25.19 -51.75
N LEU C 488 14.80 26.42 -52.28
CA LEU C 488 14.51 26.60 -53.70
C LEU C 488 15.53 25.88 -54.58
N LEU C 489 16.73 25.61 -54.06
CA LEU C 489 17.67 24.80 -54.82
C LEU C 489 17.21 23.35 -54.92
N GLN C 490 16.42 22.89 -53.94
CA GLN C 490 15.94 21.51 -53.95
C GLN C 490 15.10 21.21 -55.19
N HIS C 491 14.46 22.23 -55.76
CA HIS C 491 13.61 22.01 -56.93
C HIS C 491 14.38 21.60 -58.17
N LEU C 492 15.70 21.45 -58.09
CA LEU C 492 16.49 21.02 -59.24
C LEU C 492 16.88 19.56 -59.09
N PRO D 52 -1.11 -16.52 -39.15
CA PRO D 52 -0.50 -15.57 -38.22
C PRO D 52 -1.48 -15.09 -37.15
N TYR D 53 -2.64 -14.58 -37.58
CA TYR D 53 -3.61 -14.02 -36.66
C TYR D 53 -5.03 -14.49 -36.93
N ASP D 54 -5.25 -15.29 -37.97
CA ASP D 54 -6.59 -15.69 -38.35
C ASP D 54 -7.31 -16.34 -37.16
N HIS D 55 -8.62 -16.11 -37.11
CA HIS D 55 -9.43 -16.76 -36.09
C HIS D 55 -9.31 -18.27 -36.17
N LYS D 56 -9.27 -18.83 -37.38
CA LYS D 56 -9.12 -20.26 -37.52
C LYS D 56 -7.80 -20.73 -36.90
N TYR D 57 -6.73 -19.98 -37.12
CA TYR D 57 -5.47 -20.36 -36.50
C TYR D 57 -5.48 -20.10 -35.01
N ARG D 58 -6.12 -19.02 -34.57
CA ARG D 58 -6.15 -18.72 -33.15
C ARG D 58 -7.01 -19.69 -32.37
N ILE D 59 -7.90 -20.43 -33.02
CA ILE D 59 -8.65 -21.48 -32.35
C ILE D 59 -7.96 -22.82 -32.49
N TRP D 60 -7.22 -23.04 -33.59
CA TRP D 60 -6.35 -24.21 -33.65
C TRP D 60 -5.32 -24.18 -32.54
N GLU D 61 -4.73 -23.02 -32.30
CA GLU D 61 -3.76 -22.89 -31.23
C GLU D 61 -4.39 -23.05 -29.86
N ALA D 62 -5.62 -22.63 -29.68
CA ALA D 62 -6.32 -22.81 -28.42
C ALA D 62 -6.84 -24.23 -28.25
N PHE D 63 -6.90 -24.99 -29.33
CA PHE D 63 -7.26 -26.39 -29.25
C PHE D 63 -6.07 -27.26 -28.89
N LEU D 64 -4.87 -26.88 -29.31
CA LEU D 64 -3.67 -27.57 -28.86
C LEU D 64 -3.43 -27.41 -27.37
N VAL D 65 -3.81 -26.27 -26.78
CA VAL D 65 -3.69 -26.13 -25.34
C VAL D 65 -4.59 -27.12 -24.63
N VAL D 66 -5.71 -27.49 -25.24
CA VAL D 66 -6.55 -28.51 -24.63
C VAL D 66 -5.81 -29.83 -24.52
N LEU D 67 -5.07 -30.21 -25.55
CA LEU D 67 -4.28 -31.43 -25.48
C LEU D 67 -2.98 -31.25 -24.70
N VAL D 68 -2.60 -30.02 -24.39
CA VAL D 68 -1.43 -29.80 -23.56
C VAL D 68 -1.85 -30.09 -22.13
N VAL D 69 -3.06 -29.70 -21.77
CA VAL D 69 -3.58 -30.03 -20.46
C VAL D 69 -3.74 -31.53 -20.32
N TYR D 70 -4.06 -32.23 -21.40
CA TYR D 70 -4.11 -33.68 -21.38
C TYR D 70 -2.74 -34.28 -21.18
N THR D 71 -1.73 -33.76 -21.86
CA THR D 71 -0.38 -34.26 -21.71
C THR D 71 0.15 -34.01 -20.32
N ALA D 72 -0.11 -32.83 -19.76
CA ALA D 72 0.35 -32.50 -18.43
C ALA D 72 -0.22 -33.41 -17.36
N TRP D 73 -1.24 -34.18 -17.67
CA TRP D 73 -1.73 -35.19 -16.75
C TRP D 73 -1.26 -36.57 -17.13
N VAL D 74 -1.16 -36.87 -18.41
CA VAL D 74 -0.85 -38.24 -18.81
C VAL D 74 0.62 -38.54 -18.66
N SER D 75 1.51 -37.59 -18.95
CA SER D 75 2.94 -37.88 -18.91
C SER D 75 3.39 -38.32 -17.53
N PRO D 76 3.22 -37.53 -16.46
CA PRO D 76 3.58 -38.04 -15.14
C PRO D 76 2.80 -39.26 -14.74
N PHE D 77 1.57 -39.42 -15.24
CA PHE D 77 0.81 -40.58 -14.83
C PHE D 77 1.43 -41.87 -15.33
N GLU D 78 1.95 -41.89 -16.55
CA GLU D 78 2.56 -43.14 -16.99
C GLU D 78 4.01 -43.21 -16.61
N PHE D 79 4.64 -42.08 -16.30
CA PHE D 79 5.93 -42.15 -15.64
C PHE D 79 5.83 -42.89 -14.32
N GLY D 80 4.82 -42.55 -13.52
CA GLY D 80 4.67 -43.14 -12.21
C GLY D 80 4.00 -44.50 -12.19
N PHE D 81 2.79 -44.59 -12.74
CA PHE D 81 1.94 -45.74 -12.48
C PHE D 81 2.02 -46.85 -13.50
N LEU D 82 2.59 -46.61 -14.68
CA LEU D 82 2.63 -47.61 -15.73
C LEU D 82 4.07 -47.92 -16.11
N ARG D 83 4.30 -49.14 -16.56
CA ARG D 83 5.63 -49.56 -16.96
C ARG D 83 5.73 -49.93 -18.42
N LYS D 84 4.62 -49.95 -19.15
CA LYS D 84 4.64 -50.24 -20.58
C LYS D 84 3.34 -49.72 -21.17
N PRO D 85 3.34 -49.39 -22.47
CA PRO D 85 2.12 -48.84 -23.07
C PRO D 85 0.98 -49.85 -23.06
N ARG D 86 -0.21 -49.38 -22.68
CA ARG D 86 -1.39 -50.22 -22.63
C ARG D 86 -2.50 -49.61 -23.49
N PRO D 87 -3.37 -50.46 -24.04
CA PRO D 87 -4.31 -50.01 -25.08
C PRO D 87 -5.08 -48.75 -24.72
N PRO D 88 -5.77 -48.70 -23.58
CA PRO D 88 -6.69 -47.58 -23.36
C PRO D 88 -6.00 -46.24 -23.43
N LEU D 89 -4.69 -46.21 -23.22
CA LEU D 89 -3.92 -44.97 -23.22
C LEU D 89 -2.83 -44.95 -24.27
N SER D 90 -2.51 -46.07 -24.90
CA SER D 90 -1.48 -46.07 -25.91
C SER D 90 -1.99 -45.69 -27.29
N ILE D 91 -3.31 -45.54 -27.45
CA ILE D 91 -3.86 -45.07 -28.71
C ILE D 91 -4.34 -43.63 -28.63
N THR D 92 -4.78 -43.18 -27.47
CA THR D 92 -5.09 -41.76 -27.32
C THR D 92 -3.83 -40.91 -27.45
N ASP D 93 -2.74 -41.33 -26.81
CA ASP D 93 -1.52 -40.55 -26.88
C ASP D 93 -0.98 -40.51 -28.29
N ASN D 94 -1.21 -41.57 -29.07
CA ASN D 94 -0.77 -41.53 -30.46
C ASN D 94 -1.60 -40.55 -31.28
N ILE D 95 -2.91 -40.48 -31.03
CA ILE D 95 -3.70 -39.45 -31.67
C ILE D 95 -3.17 -38.09 -31.31
N VAL D 96 -2.96 -37.81 -30.03
CA VAL D 96 -2.46 -36.51 -29.63
C VAL D 96 -1.11 -36.22 -30.25
N ASN D 97 -0.27 -37.25 -30.42
CA ASN D 97 1.00 -37.03 -31.09
C ASN D 97 0.81 -36.71 -32.54
N ALA D 98 -0.23 -37.27 -33.16
CA ALA D 98 -0.50 -36.94 -34.57
C ALA D 98 -0.79 -35.47 -34.73
N PHE D 99 -1.70 -34.92 -33.92
CA PHE D 99 -1.96 -33.49 -33.98
C PHE D 99 -0.70 -32.69 -33.71
N PHE D 100 0.01 -33.00 -32.64
CA PHE D 100 1.26 -32.30 -32.34
C PHE D 100 2.31 -32.52 -33.40
N ALA D 101 2.13 -33.50 -34.28
CA ALA D 101 3.00 -33.64 -35.45
C ALA D 101 2.53 -32.80 -36.62
N ILE D 102 1.22 -32.71 -36.84
CA ILE D 102 0.70 -31.82 -37.87
C ILE D 102 1.06 -30.38 -37.57
N ASP D 103 0.93 -29.97 -36.31
CA ASP D 103 1.36 -28.64 -35.92
C ASP D 103 2.81 -28.39 -36.27
N ILE D 104 3.65 -29.42 -36.16
CA ILE D 104 5.06 -29.25 -36.48
C ILE D 104 5.24 -28.93 -37.95
N ILE D 105 4.40 -29.47 -38.83
CA ILE D 105 4.60 -29.20 -40.24
C ILE D 105 3.89 -27.91 -40.64
N MET D 106 2.88 -27.49 -39.89
CA MET D 106 2.24 -26.24 -40.25
C MET D 106 2.91 -25.03 -39.62
N THR D 107 3.74 -25.23 -38.61
CA THR D 107 4.48 -24.09 -38.07
C THR D 107 5.63 -23.68 -38.96
N PHE D 108 5.66 -24.19 -40.19
CA PHE D 108 6.51 -23.67 -41.24
C PHE D 108 5.75 -22.72 -42.16
N PHE D 109 4.45 -22.54 -41.94
CA PHE D 109 3.60 -21.78 -42.83
C PHE D 109 2.89 -20.66 -42.08
N VAL D 110 3.38 -20.32 -40.89
CA VAL D 110 2.81 -19.25 -40.09
C VAL D 110 3.86 -18.16 -39.96
N GLY D 111 3.50 -16.94 -40.34
CA GLY D 111 4.41 -15.83 -40.19
C GLY D 111 4.69 -15.51 -38.74
N TYR D 112 5.73 -14.72 -38.51
CA TYR D 112 6.10 -14.32 -37.17
C TYR D 112 6.36 -12.82 -37.15
N LEU D 113 5.90 -12.18 -36.08
CA LEU D 113 5.95 -10.73 -35.95
C LEU D 113 7.35 -10.31 -35.51
N ASP D 114 8.08 -9.65 -36.41
CA ASP D 114 9.42 -9.19 -36.10
C ASP D 114 9.35 -8.03 -35.12
N LYS D 115 9.91 -8.22 -33.94
CA LYS D 115 9.80 -7.21 -32.90
C LYS D 115 10.60 -5.94 -33.19
N SER D 116 11.48 -5.96 -34.18
CA SER D 116 12.23 -4.78 -34.55
C SER D 116 11.53 -3.89 -35.54
N THR D 117 10.77 -4.47 -36.47
CA THR D 117 9.87 -3.74 -37.36
C THR D 117 8.57 -4.51 -37.35
N TYR D 118 7.51 -3.90 -36.83
CA TYR D 118 6.31 -4.66 -36.52
C TYR D 118 5.61 -5.12 -37.79
N LEU D 119 6.21 -6.09 -38.47
CA LEU D 119 5.69 -6.64 -39.70
C LEU D 119 5.58 -8.14 -39.58
N ILE D 120 4.54 -8.70 -40.19
CA ILE D 120 4.38 -10.15 -40.25
C ILE D 120 5.18 -10.66 -41.44
N VAL D 121 6.20 -11.45 -41.17
CA VAL D 121 7.13 -11.89 -42.21
C VAL D 121 6.55 -13.08 -42.97
N ASP D 122 6.10 -12.83 -44.19
CA ASP D 122 5.65 -13.91 -45.05
C ASP D 122 6.77 -14.56 -45.81
N ASP D 123 8.02 -14.38 -45.40
CA ASP D 123 9.14 -15.01 -46.07
C ASP D 123 9.29 -16.45 -45.61
N ARG D 124 9.46 -17.36 -46.57
CA ARG D 124 9.50 -18.78 -46.23
C ARG D 124 10.79 -19.13 -45.51
N LYS D 125 11.93 -18.79 -46.11
CA LYS D 125 13.22 -19.25 -45.60
C LYS D 125 13.52 -18.69 -44.22
N GLN D 126 13.17 -17.44 -43.96
CA GLN D 126 13.42 -16.87 -42.64
C GLN D 126 12.59 -17.58 -41.57
N ILE D 127 11.31 -17.83 -41.88
CA ILE D 127 10.47 -18.60 -40.97
C ILE D 127 11.11 -19.94 -40.67
N ALA D 128 11.48 -20.65 -41.73
CA ALA D 128 12.07 -21.98 -41.57
C ALA D 128 13.29 -21.93 -40.67
N PHE D 129 14.24 -21.05 -40.98
CA PHE D 129 15.50 -21.05 -40.23
C PHE D 129 15.30 -20.58 -38.80
N LYS D 130 14.40 -19.61 -38.57
CA LYS D 130 14.12 -19.19 -37.22
C LYS D 130 13.57 -20.33 -36.39
N TYR D 131 12.57 -21.04 -36.92
CA TYR D 131 12.03 -22.19 -36.21
C TYR D 131 13.12 -23.21 -35.93
N LEU D 132 13.83 -23.62 -36.98
CA LEU D 132 14.89 -24.61 -36.87
C LEU D 132 15.85 -24.27 -35.74
N ARG D 133 16.37 -23.05 -35.74
CA ARG D 133 17.30 -22.66 -34.70
C ARG D 133 16.63 -22.67 -33.32
N SER D 134 15.47 -22.00 -33.21
CA SER D 134 14.87 -21.79 -31.91
C SER D 134 14.51 -23.11 -31.24
N TRP D 135 13.51 -23.82 -31.78
CA TRP D 135 13.20 -25.13 -31.20
C TRP D 135 12.41 -25.95 -32.23
N PHE D 136 13.12 -26.82 -32.92
CA PHE D 136 12.50 -27.77 -33.82
C PHE D 136 12.72 -29.20 -33.39
N LEU D 137 13.97 -29.56 -33.09
CA LEU D 137 14.25 -30.90 -32.61
C LEU D 137 13.62 -31.12 -31.25
N LEU D 138 13.51 -30.07 -30.44
CA LEU D 138 12.85 -30.21 -29.15
C LEU D 138 11.37 -30.49 -29.32
N ASP D 139 10.72 -29.80 -30.27
CA ASP D 139 9.35 -30.14 -30.59
C ASP D 139 9.24 -31.47 -31.31
N LEU D 140 10.33 -31.97 -31.90
CA LEU D 140 10.30 -33.23 -32.62
C LEU D 140 10.41 -34.43 -31.70
N VAL D 141 11.36 -34.43 -30.78
CA VAL D 141 11.45 -35.53 -29.83
C VAL D 141 10.21 -35.57 -28.94
N SER D 142 9.55 -34.43 -28.79
CA SER D 142 8.33 -34.35 -28.01
C SER D 142 7.16 -35.11 -28.64
N THR D 143 7.30 -35.60 -29.87
CA THR D 143 6.21 -36.31 -30.51
C THR D 143 6.60 -37.67 -31.06
N ILE D 144 7.84 -38.09 -30.93
CA ILE D 144 8.17 -39.45 -31.35
C ILE D 144 7.37 -40.44 -30.52
N PRO D 145 6.65 -41.37 -31.12
CA PRO D 145 5.81 -42.28 -30.33
C PRO D 145 6.64 -43.15 -29.39
N SER D 146 6.01 -43.53 -28.29
CA SER D 146 6.69 -44.34 -27.29
C SER D 146 7.04 -45.73 -27.81
N GLU D 147 6.32 -46.22 -28.82
CA GLU D 147 6.69 -47.50 -29.42
C GLU D 147 8.08 -47.44 -30.01
N ALA D 148 8.44 -46.30 -30.62
CA ALA D 148 9.79 -46.13 -31.12
C ALA D 148 10.81 -46.22 -30.00
N ALA D 149 10.55 -45.56 -28.87
CA ALA D 149 11.50 -45.64 -27.76
C ALA D 149 11.61 -47.05 -27.23
N MET D 150 10.50 -47.77 -27.10
CA MET D 150 10.55 -49.15 -26.64
C MET D 150 11.36 -50.01 -27.59
N ARG D 151 11.19 -49.81 -28.90
CA ARG D 151 12.00 -50.57 -29.85
C ARG D 151 13.47 -50.18 -29.77
N ILE D 152 13.76 -48.93 -29.42
CA ILE D 152 15.14 -48.52 -29.20
C ILE D 152 15.69 -49.19 -27.95
N SER D 153 14.94 -49.12 -26.85
CA SER D 153 15.36 -49.68 -25.58
C SER D 153 14.17 -49.72 -24.64
N SER D 154 14.00 -50.83 -23.94
CA SER D 154 12.97 -50.89 -22.92
C SER D 154 13.40 -50.03 -21.74
N GLN D 155 12.59 -50.06 -20.68
CA GLN D 155 12.85 -49.37 -19.42
C GLN D 155 13.13 -47.87 -19.62
N SER D 156 12.74 -47.33 -20.78
CA SER D 156 12.81 -45.91 -21.04
C SER D 156 11.45 -45.30 -21.31
N TYR D 157 10.42 -46.13 -21.43
CA TYR D 157 9.07 -45.64 -21.69
C TYR D 157 8.67 -44.56 -20.70
N GLY D 158 9.06 -44.71 -19.45
CA GLY D 158 8.71 -43.73 -18.45
C GLY D 158 9.44 -42.43 -18.64
N LEU D 159 10.76 -42.50 -18.62
CA LEU D 159 11.58 -41.30 -18.69
C LEU D 159 11.51 -40.61 -20.04
N PHE D 160 11.07 -41.31 -21.08
CA PHE D 160 11.00 -40.70 -22.40
C PHE D 160 9.80 -39.79 -22.56
N ASN D 161 8.62 -40.24 -22.15
CA ASN D 161 7.44 -39.42 -22.29
C ASN D 161 7.31 -38.39 -21.20
N MET D 162 8.38 -38.09 -20.47
CA MET D 162 8.42 -36.87 -19.69
C MET D 162 8.99 -35.73 -20.49
N LEU D 163 9.70 -36.02 -21.59
CA LEU D 163 10.07 -34.97 -22.52
C LEU D 163 8.85 -34.28 -23.09
N ARG D 164 7.75 -35.02 -23.26
CA ARG D 164 6.51 -34.42 -23.74
C ARG D 164 6.02 -33.30 -22.85
N LEU D 165 6.57 -33.13 -21.66
CA LEU D 165 6.26 -31.97 -20.85
C LEU D 165 6.89 -30.71 -21.39
N TRP D 166 7.62 -30.82 -22.50
CA TRP D 166 8.12 -29.63 -23.15
C TRP D 166 7.00 -28.80 -23.74
N ARG D 167 5.84 -29.42 -23.96
CA ARG D 167 4.72 -28.73 -24.58
C ARG D 167 4.08 -27.70 -23.66
N LEU D 168 4.48 -27.66 -22.39
CA LEU D 168 3.86 -26.72 -21.46
C LEU D 168 4.24 -25.28 -21.74
N ARG D 169 5.24 -25.08 -22.61
CA ARG D 169 5.54 -23.73 -23.05
C ARG D 169 4.31 -23.06 -23.65
N ARG D 170 3.43 -23.86 -24.26
CA ARG D 170 2.22 -23.29 -24.84
C ARG D 170 1.28 -22.73 -23.80
N VAL D 171 1.05 -23.44 -22.69
CA VAL D 171 0.16 -22.89 -21.67
C VAL D 171 0.82 -21.72 -20.98
N GLY D 172 2.14 -21.76 -20.80
CA GLY D 172 2.82 -20.60 -20.26
C GLY D 172 2.62 -19.37 -21.11
N ALA D 173 2.83 -19.52 -22.42
CA ALA D 173 2.62 -18.41 -23.35
C ALA D 173 1.18 -17.94 -23.34
N LEU D 174 0.23 -18.86 -23.29
CA LEU D 174 -1.16 -18.47 -23.26
C LEU D 174 -1.49 -17.60 -22.06
N PHE D 175 -1.03 -17.99 -20.87
CA PHE D 175 -1.29 -17.13 -19.73
C PHE D 175 -0.59 -15.78 -19.86
N ALA D 176 0.68 -15.79 -20.23
CA ALA D 176 1.39 -14.54 -20.43
C ALA D 176 0.69 -13.65 -21.44
N ARG D 177 -0.07 -14.24 -22.34
CA ARG D 177 -0.84 -13.50 -23.32
C ARG D 177 -2.17 -13.00 -22.76
N LEU D 178 -2.80 -13.74 -21.88
CA LEU D 178 -4.10 -13.32 -21.35
C LEU D 178 -3.98 -12.24 -20.30
N GLU D 179 -3.03 -12.34 -19.38
CA GLU D 179 -3.06 -11.37 -18.28
C GLU D 179 -2.64 -9.98 -18.74
N LYS D 180 -2.23 -9.82 -19.99
CA LYS D 180 -2.01 -8.50 -20.56
C LYS D 180 -3.05 -8.13 -21.60
N ASP D 181 -4.17 -8.85 -21.64
CA ASP D 181 -5.30 -8.48 -22.47
C ASP D 181 -6.32 -7.74 -21.63
N ARG D 182 -7.10 -6.87 -22.28
CA ARG D 182 -8.05 -6.03 -21.58
C ARG D 182 -9.46 -6.60 -21.55
N ASN D 183 -9.77 -7.56 -22.41
CA ASN D 183 -11.09 -8.16 -22.41
C ASN D 183 -11.26 -9.22 -21.34
N PHE D 184 -10.23 -9.50 -20.55
CA PHE D 184 -10.24 -10.56 -19.57
C PHE D 184 -10.04 -9.99 -18.18
N ASN D 185 -10.87 -10.42 -17.25
CA ASN D 185 -10.69 -10.04 -15.86
C ASN D 185 -9.30 -10.46 -15.39
N TYR D 186 -8.54 -9.48 -14.90
CA TYR D 186 -7.21 -9.78 -14.41
C TYR D 186 -7.24 -10.63 -13.16
N PHE D 187 -8.21 -10.40 -12.28
CA PHE D 187 -8.34 -11.22 -11.09
C PHE D 187 -8.53 -12.68 -11.46
N TRP D 188 -9.57 -12.98 -12.22
CA TRP D 188 -9.89 -14.37 -12.52
C TRP D 188 -8.86 -15.01 -13.43
N VAL D 189 -8.07 -14.21 -14.15
CA VAL D 189 -7.02 -14.80 -14.97
C VAL D 189 -5.80 -15.12 -14.12
N ARG D 190 -5.44 -14.23 -13.21
CA ARG D 190 -4.33 -14.51 -12.33
C ARG D 190 -4.67 -15.61 -11.33
N CYS D 191 -5.94 -15.81 -11.01
CA CYS D 191 -6.33 -16.91 -10.14
C CYS D 191 -6.31 -18.25 -10.84
N ALA D 192 -6.62 -18.30 -12.12
CA ALA D 192 -6.57 -19.55 -12.87
C ALA D 192 -5.15 -20.02 -13.11
N LYS D 193 -4.18 -19.15 -12.95
CA LYS D 193 -2.80 -19.60 -13.15
C LYS D 193 -2.34 -20.21 -11.83
N LEU D 194 -2.59 -19.58 -10.71
CA LEU D 194 -2.27 -20.16 -9.43
C LEU D 194 -2.96 -21.49 -9.21
N VAL D 195 -4.17 -21.65 -9.72
CA VAL D 195 -4.85 -22.94 -9.60
C VAL D 195 -4.14 -23.99 -10.43
N CYS D 196 -3.79 -23.67 -11.67
CA CYS D 196 -3.18 -24.65 -12.55
C CYS D 196 -1.81 -25.06 -12.04
N VAL D 197 -1.01 -24.09 -11.61
CA VAL D 197 0.32 -24.42 -11.10
C VAL D 197 0.22 -25.33 -9.88
N THR D 198 -0.70 -25.02 -8.98
CA THR D 198 -0.86 -25.84 -7.79
C THR D 198 -1.32 -27.24 -8.14
N LEU D 199 -2.29 -27.37 -9.03
CA LEU D 199 -2.76 -28.69 -9.41
C LEU D 199 -1.66 -29.50 -10.07
N PHE D 200 -0.85 -28.85 -10.89
CA PHE D 200 0.25 -29.56 -11.53
C PHE D 200 1.28 -30.02 -10.51
N ALA D 201 1.61 -29.16 -9.55
CA ALA D 201 2.58 -29.56 -8.55
C ALA D 201 2.08 -30.74 -7.74
N VAL D 202 0.81 -30.69 -7.34
CA VAL D 202 0.25 -31.79 -6.57
C VAL D 202 0.27 -33.08 -7.37
N HIS D 203 -0.07 -33.01 -8.66
CA HIS D 203 -0.10 -34.21 -9.48
C HIS D 203 1.31 -34.78 -9.67
N CYS D 204 2.28 -33.94 -9.99
CA CYS D 204 3.64 -34.41 -10.21
C CYS D 204 4.21 -35.03 -8.95
N ALA D 205 3.99 -34.38 -7.80
CA ALA D 205 4.50 -34.95 -6.56
C ALA D 205 3.83 -36.27 -6.25
N ALA D 206 2.52 -36.37 -6.47
CA ALA D 206 1.85 -37.65 -6.27
C ALA D 206 2.50 -38.74 -7.10
N CYS D 207 2.71 -38.49 -8.38
CA CYS D 207 3.27 -39.50 -9.26
C CYS D 207 4.71 -39.85 -8.92
N PHE D 208 5.54 -38.87 -8.59
CA PHE D 208 6.92 -39.17 -8.22
C PHE D 208 6.98 -39.98 -6.93
N TYR D 209 6.17 -39.62 -5.94
CA TYR D 209 6.17 -40.34 -4.69
C TYR D 209 5.71 -41.78 -4.89
N TYR D 210 4.66 -41.98 -5.68
CA TYR D 210 4.25 -43.36 -5.94
C TYR D 210 5.33 -44.11 -6.70
N LEU D 211 6.03 -43.43 -7.61
CA LEU D 211 7.12 -44.11 -8.31
C LEU D 211 8.19 -44.56 -7.35
N ILE D 212 8.51 -43.71 -6.36
CA ILE D 212 9.50 -44.11 -5.37
C ILE D 212 9.02 -45.31 -4.59
N ALA D 213 7.73 -45.39 -4.29
CA ALA D 213 7.25 -46.54 -3.53
C ALA D 213 7.20 -47.80 -4.38
N ALA D 214 6.92 -47.66 -5.67
CA ALA D 214 6.75 -48.84 -6.51
C ALA D 214 8.06 -49.49 -6.91
N ARG D 215 9.13 -48.72 -7.00
CA ARG D 215 10.43 -49.25 -7.37
C ARG D 215 11.19 -49.80 -6.20
N ASN D 216 10.69 -49.61 -4.98
CA ASN D 216 11.36 -50.14 -3.81
C ASN D 216 11.33 -51.66 -3.85
N SER D 217 12.42 -52.28 -3.42
CA SER D 217 12.51 -53.74 -3.45
C SER D 217 11.46 -54.37 -2.54
N ASN D 218 11.53 -54.10 -1.25
CA ASN D 218 10.52 -54.55 -0.32
C ASN D 218 9.31 -53.62 -0.44
N PRO D 219 8.15 -54.13 -0.85
CA PRO D 219 6.98 -53.26 -0.99
C PRO D 219 6.29 -52.91 0.33
N ALA D 220 6.49 -53.69 1.38
CA ALA D 220 5.89 -53.41 2.67
C ALA D 220 6.70 -52.45 3.50
N LYS D 221 7.84 -51.98 2.98
CA LYS D 221 8.66 -50.98 3.67
C LYS D 221 8.48 -49.59 3.08
N THR D 222 7.35 -49.35 2.44
CA THR D 222 7.10 -48.10 1.73
C THR D 222 6.08 -47.27 2.49
N TRP D 223 5.81 -46.08 1.98
CA TRP D 223 4.84 -45.21 2.62
C TRP D 223 3.42 -45.69 2.39
N ILE D 224 3.16 -46.30 1.24
CA ILE D 224 1.81 -46.75 0.91
C ILE D 224 1.69 -48.21 1.28
N GLY D 225 2.79 -48.94 1.18
CA GLY D 225 2.77 -50.34 1.57
C GLY D 225 2.55 -50.55 3.05
N ALA D 226 2.75 -49.51 3.86
CA ALA D 226 2.56 -49.66 5.29
C ALA D 226 1.09 -49.84 5.66
N ASN D 227 0.20 -49.11 5.00
CA ASN D 227 -1.23 -49.23 5.26
C ASN D 227 -1.88 -50.28 4.36
N VAL D 228 -1.82 -50.07 3.06
CA VAL D 228 -2.34 -51.04 2.11
C VAL D 228 -1.35 -52.20 2.06
N ALA D 229 -1.77 -53.36 2.55
CA ALA D 229 -0.91 -54.52 2.61
C ALA D 229 -0.36 -54.86 1.23
N ASN D 230 -1.26 -55.06 0.27
CA ASN D 230 -0.90 -55.42 -1.10
C ASN D 230 -1.45 -54.35 -2.03
N PHE D 231 -0.66 -53.29 -2.21
CA PHE D 231 -1.10 -52.21 -3.08
C PHE D 231 -0.72 -52.44 -4.52
N LEU D 232 0.17 -53.38 -4.80
CA LEU D 232 0.51 -53.68 -6.18
C LEU D 232 -0.53 -54.54 -6.87
N GLU D 233 -1.67 -54.79 -6.22
CA GLU D 233 -2.76 -55.52 -6.83
C GLU D 233 -4.08 -54.77 -6.65
N GLU D 234 -4.09 -53.65 -5.95
CA GLU D 234 -5.28 -52.82 -5.90
C GLU D 234 -5.50 -52.15 -7.24
N SER D 235 -6.67 -51.54 -7.39
CA SER D 235 -7.00 -50.88 -8.64
C SER D 235 -6.03 -49.75 -8.93
N LEU D 236 -6.03 -49.30 -10.18
CA LEU D 236 -5.25 -48.13 -10.51
C LEU D 236 -5.90 -46.87 -9.97
N TRP D 237 -7.22 -46.85 -9.92
CA TRP D 237 -7.93 -45.69 -9.41
C TRP D 237 -7.66 -45.49 -7.93
N MET D 238 -7.72 -46.56 -7.15
CA MET D 238 -7.44 -46.43 -5.72
C MET D 238 -6.01 -46.01 -5.46
N ARG D 239 -5.06 -46.56 -6.22
CA ARG D 239 -3.67 -46.17 -6.02
C ARG D 239 -3.43 -44.73 -6.39
N TYR D 240 -4.01 -44.26 -7.49
CA TYR D 240 -3.85 -42.86 -7.83
C TYR D 240 -4.51 -41.95 -6.82
N VAL D 241 -5.68 -42.33 -6.31
CA VAL D 241 -6.36 -41.49 -5.34
C VAL D 241 -5.59 -41.42 -4.04
N THR D 242 -5.01 -42.54 -3.59
CA THR D 242 -4.28 -42.51 -2.33
C THR D 242 -3.08 -41.59 -2.42
N SER D 243 -2.30 -41.70 -3.49
CA SER D 243 -1.10 -40.89 -3.59
C SER D 243 -1.44 -39.44 -3.91
N MET D 244 -2.56 -39.20 -4.56
CA MET D 244 -2.99 -37.82 -4.77
C MET D 244 -3.47 -37.21 -3.47
N TYR D 245 -4.08 -37.99 -2.60
CA TYR D 245 -4.53 -37.52 -1.31
C TYR D 245 -3.37 -37.27 -0.38
N TRP D 246 -2.34 -38.11 -0.41
CA TRP D 246 -1.15 -37.81 0.39
C TRP D 246 -0.58 -36.45 0.03
N SER D 247 -0.46 -36.16 -1.26
CA SER D 247 0.27 -34.96 -1.64
C SER D 247 -0.51 -33.68 -1.43
N ILE D 248 -1.76 -33.76 -1.03
CA ILE D 248 -2.54 -32.58 -0.69
C ILE D 248 -2.60 -32.33 0.80
N THR D 249 -2.64 -33.36 1.63
CA THR D 249 -2.47 -33.11 3.04
C THR D 249 -1.07 -32.63 3.37
N THR D 250 -0.24 -32.59 2.36
CA THR D 250 1.14 -32.17 2.54
C THR D 250 1.32 -30.80 1.94
N LEU D 251 0.87 -30.55 0.74
CA LEU D 251 1.02 -29.20 0.17
C LEU D 251 0.25 -28.22 1.02
N THR D 252 -0.94 -28.57 1.46
CA THR D 252 -1.83 -27.74 2.27
C THR D 252 -1.24 -27.51 3.64
N THR D 253 -0.51 -28.49 4.15
CA THR D 253 0.24 -28.59 5.40
C THR D 253 -0.69 -29.07 6.46
N VAL D 254 -1.70 -29.78 6.09
CA VAL D 254 -2.52 -30.44 7.10
C VAL D 254 -1.72 -31.58 7.72
N GLY D 255 -1.32 -32.54 6.91
CA GLY D 255 -0.50 -33.62 7.42
C GLY D 255 -1.20 -34.40 8.49
N TYR D 256 -2.22 -35.17 8.12
CA TYR D 256 -2.92 -35.97 9.11
C TYR D 256 -1.95 -36.87 9.86
N GLY D 257 -1.14 -37.63 9.15
CA GLY D 257 -0.16 -38.44 9.83
C GLY D 257 -0.08 -39.84 9.30
N ASP D 258 -1.19 -40.41 8.87
CA ASP D 258 -1.12 -41.58 8.04
C ASP D 258 -0.46 -41.21 6.73
N LEU D 259 0.15 -42.19 6.06
CA LEU D 259 0.84 -41.94 4.80
C LEU D 259 1.93 -40.89 4.98
N HIS D 260 2.95 -41.27 5.72
CA HIS D 260 4.15 -40.47 5.90
C HIS D 260 5.33 -41.29 5.44
N PRO D 261 6.48 -40.66 5.19
CA PRO D 261 7.66 -41.41 4.73
C PRO D 261 8.11 -42.43 5.76
N VAL D 262 8.70 -43.51 5.25
CA VAL D 262 9.14 -44.63 6.07
C VAL D 262 10.64 -44.84 5.99
N ASN D 263 11.22 -44.77 4.80
CA ASN D 263 12.65 -44.95 4.62
C ASN D 263 13.28 -43.65 4.15
N THR D 264 14.59 -43.68 3.93
CA THR D 264 15.32 -42.44 3.72
C THR D 264 15.14 -41.85 2.35
N LYS D 265 14.92 -42.65 1.32
CA LYS D 265 14.63 -42.09 0.01
C LYS D 265 13.36 -41.25 0.06
N GLU D 266 12.34 -41.76 0.74
CA GLU D 266 11.11 -41.02 0.88
C GLU D 266 11.29 -39.81 1.77
N MET D 267 12.06 -39.94 2.84
CA MET D 267 12.33 -38.78 3.68
C MET D 267 13.02 -37.68 2.90
N ILE D 268 13.94 -38.03 2.01
CA ILE D 268 14.64 -37.01 1.25
C ILE D 268 13.73 -36.36 0.24
N PHE D 269 12.99 -37.17 -0.53
CA PHE D 269 12.04 -36.59 -1.45
C PHE D 269 11.09 -35.66 -0.72
N ASP D 270 10.63 -36.05 0.46
CA ASP D 270 9.66 -35.26 1.19
C ASP D 270 10.28 -34.00 1.78
N ILE D 271 11.54 -34.07 2.19
CA ILE D 271 12.25 -32.86 2.60
C ILE D 271 12.23 -31.85 1.48
N PHE D 272 12.60 -32.28 0.28
CA PHE D 272 12.65 -31.33 -0.81
C PHE D 272 11.27 -30.86 -1.21
N TYR D 273 10.28 -31.75 -1.13
CA TYR D 273 8.91 -31.37 -1.46
C TYR D 273 8.38 -30.32 -0.48
N MET D 274 8.63 -30.50 0.81
CA MET D 274 8.13 -29.53 1.77
C MET D 274 8.89 -28.22 1.68
N LEU D 275 10.18 -28.25 1.38
CA LEU D 275 10.87 -27.02 1.06
C LEU D 275 10.20 -26.30 -0.10
N PHE D 276 9.93 -27.02 -1.18
CA PHE D 276 9.26 -26.42 -2.32
C PHE D 276 7.91 -25.82 -1.89
N ASN D 277 7.16 -26.55 -1.07
CA ASN D 277 5.83 -26.11 -0.68
C ASN D 277 5.87 -24.86 0.16
N LEU D 278 6.89 -24.69 1.00
CA LEU D 278 7.01 -23.45 1.74
C LEU D 278 6.99 -22.26 0.80
N GLY D 279 7.87 -22.28 -0.20
CA GLY D 279 7.90 -21.18 -1.15
C GLY D 279 6.62 -21.08 -1.97
N LEU D 280 6.06 -22.22 -2.37
CA LEU D 280 4.84 -22.17 -3.17
C LEU D 280 3.69 -21.54 -2.40
N THR D 281 3.53 -21.89 -1.13
CA THR D 281 2.46 -21.31 -0.34
C THR D 281 2.72 -19.84 -0.07
N ALA D 282 3.95 -19.46 0.22
CA ALA D 282 4.27 -18.05 0.38
C ALA D 282 3.93 -17.29 -0.88
N TYR D 283 4.15 -17.91 -2.04
CA TYR D 283 3.88 -17.26 -3.31
C TYR D 283 2.39 -17.12 -3.56
N LEU D 284 1.61 -18.15 -3.24
CA LEU D 284 0.17 -18.05 -3.38
C LEU D 284 -0.41 -16.95 -2.50
N ILE D 285 0.05 -16.89 -1.25
CA ILE D 285 -0.45 -15.86 -0.35
C ILE D 285 -0.01 -14.49 -0.80
N GLY D 286 1.22 -14.37 -1.30
CA GLY D 286 1.68 -13.10 -1.83
C GLY D 286 0.88 -12.64 -3.02
N ASN D 287 0.43 -13.57 -3.85
CA ASN D 287 -0.39 -13.18 -4.99
C ASN D 287 -1.78 -12.79 -4.56
N MET D 288 -2.37 -13.51 -3.60
CA MET D 288 -3.71 -13.15 -3.17
C MET D 288 -3.72 -11.82 -2.44
N THR D 289 -2.73 -11.57 -1.60
CA THR D 289 -2.61 -10.31 -0.91
C THR D 289 -2.42 -9.16 -1.84
N ASN D 290 -2.02 -9.43 -3.08
CA ASN D 290 -1.77 -8.34 -4.02
C ASN D 290 -3.02 -8.15 -4.87
N LEU D 291 -3.71 -9.25 -5.15
CA LEU D 291 -4.98 -9.13 -5.86
C LEU D 291 -6.03 -8.45 -4.99
N VAL D 292 -5.94 -8.60 -3.68
CA VAL D 292 -6.94 -8.01 -2.81
C VAL D 292 -6.59 -6.57 -2.45
N VAL D 293 -5.32 -6.28 -2.20
CA VAL D 293 -4.94 -4.96 -1.72
C VAL D 293 -5.02 -3.95 -2.84
N HIS D 294 -4.58 -4.33 -4.04
CA HIS D 294 -4.58 -3.41 -5.17
C HIS D 294 -5.98 -3.18 -5.74
N GLY D 295 -6.88 -4.14 -5.61
CA GLY D 295 -8.24 -3.96 -6.09
C GLY D 295 -8.98 -2.81 -5.45
N THR D 296 -8.66 -2.49 -4.19
CA THR D 296 -9.23 -1.36 -3.48
C THR D 296 -8.07 -0.63 -2.80
N SER D 297 -7.49 0.33 -3.50
CA SER D 297 -6.36 1.09 -2.98
C SER D 297 -6.74 2.51 -2.58
N ARG D 298 -7.52 3.20 -3.42
CA ARG D 298 -7.99 4.55 -3.15
C ARG D 298 -9.27 4.57 -2.34
N THR D 299 -10.01 3.46 -2.30
CA THR D 299 -11.29 3.43 -1.62
C THR D 299 -11.16 3.78 -0.14
N ARG D 300 -10.06 3.38 0.50
CA ARG D 300 -9.88 3.75 1.89
C ARG D 300 -9.54 5.22 2.05
N ASN D 301 -8.86 5.83 1.08
CA ASN D 301 -8.60 7.26 1.11
C ASN D 301 -9.87 8.06 0.91
N PHE D 302 -10.60 7.78 -0.18
CA PHE D 302 -11.86 8.46 -0.41
C PHE D 302 -12.82 8.24 0.75
N ARG D 303 -12.83 7.02 1.30
CA ARG D 303 -13.76 6.73 2.38
C ARG D 303 -13.46 7.56 3.61
N ASP D 304 -12.18 7.76 3.95
CA ASP D 304 -11.90 8.51 5.17
C ASP D 304 -12.09 10.00 4.95
N THR D 305 -11.73 10.49 3.76
CA THR D 305 -11.97 11.92 3.51
C THR D 305 -13.44 12.24 3.36
N ILE D 306 -14.28 11.24 3.04
CA ILE D 306 -15.72 11.45 2.99
C ILE D 306 -16.40 11.10 4.30
N GLN D 307 -15.73 10.41 5.20
CA GLN D 307 -16.28 10.07 6.51
C GLN D 307 -15.94 11.11 7.57
N ALA D 308 -14.72 11.66 7.56
CA ALA D 308 -14.42 12.75 8.46
C ALA D 308 -15.33 13.95 8.20
N ALA D 309 -15.76 14.12 6.95
CA ALA D 309 -16.74 15.16 6.65
C ALA D 309 -18.01 14.96 7.45
N SER D 310 -18.52 13.72 7.46
CA SER D 310 -19.71 13.44 8.27
C SER D 310 -19.42 13.60 9.74
N ASN D 311 -18.24 13.17 10.18
CA ASN D 311 -17.86 13.33 11.58
C ASN D 311 -17.97 14.79 12.01
N PHE D 312 -17.40 15.68 11.21
CA PHE D 312 -17.47 17.11 11.54
C PHE D 312 -18.89 17.63 11.40
N ALA D 313 -19.60 17.26 10.34
CA ALA D 313 -20.94 17.76 10.08
C ALA D 313 -21.95 17.31 11.13
N HIS D 314 -21.66 16.24 11.87
CA HIS D 314 -22.55 15.82 12.94
C HIS D 314 -21.87 15.90 14.30
N ARG D 315 -20.68 16.49 14.37
CA ARG D 315 -20.07 16.86 15.63
C ARG D 315 -20.52 18.24 16.10
N ASN D 316 -20.85 19.13 15.16
CA ASN D 316 -21.43 20.42 15.50
C ASN D 316 -22.89 20.50 15.10
N HIS D 317 -23.54 19.35 14.88
CA HIS D 317 -24.98 19.27 14.68
C HIS D 317 -25.43 20.15 13.52
N LEU D 318 -24.97 19.80 12.37
CA LEU D 318 -25.40 20.65 11.28
C LEU D 318 -26.77 20.20 10.76
N PRO D 319 -27.56 21.14 10.25
CA PRO D 319 -28.89 20.78 9.74
C PRO D 319 -28.80 19.80 8.58
N PRO D 320 -29.75 18.89 8.47
CA PRO D 320 -29.65 17.86 7.42
C PRO D 320 -29.71 18.43 6.01
N ARG D 321 -30.57 19.43 5.78
CA ARG D 321 -30.67 20.01 4.44
C ARG D 321 -29.32 20.50 3.95
N LEU D 322 -28.64 21.31 4.77
CA LEU D 322 -27.33 21.82 4.38
C LEU D 322 -26.27 20.73 4.37
N GLN D 323 -26.23 19.88 5.40
CA GLN D 323 -25.13 18.94 5.60
C GLN D 323 -25.03 17.87 4.53
N ASP D 324 -25.99 17.81 3.60
CA ASP D 324 -25.87 16.91 2.46
C ASP D 324 -25.44 17.59 1.18
N GLN D 325 -25.64 18.90 1.05
CA GLN D 325 -25.05 19.61 -0.09
C GLN D 325 -23.55 19.47 -0.09
N MET D 326 -22.93 19.51 1.09
CA MET D 326 -21.48 19.37 1.17
C MET D 326 -21.04 17.96 0.79
N LEU D 327 -21.77 16.95 1.25
CA LEU D 327 -21.41 15.58 0.89
C LEU D 327 -21.62 15.32 -0.60
N ALA D 328 -22.69 15.89 -1.16
CA ALA D 328 -22.91 15.78 -2.59
C ALA D 328 -21.77 16.42 -3.36
N HIS D 329 -21.39 17.64 -2.99
CA HIS D 329 -20.29 18.29 -3.70
C HIS D 329 -18.99 17.54 -3.51
N LEU D 330 -18.79 16.92 -2.36
CA LEU D 330 -17.59 16.12 -2.14
C LEU D 330 -17.56 14.94 -3.09
N CYS D 331 -18.56 14.06 -3.01
CA CYS D 331 -18.61 12.90 -3.88
C CYS D 331 -18.70 13.27 -5.36
N LEU D 332 -19.05 14.52 -5.67
CA LEU D 332 -18.99 14.95 -7.06
C LEU D 332 -17.59 15.36 -7.45
N LYS D 333 -16.93 16.17 -6.62
CA LYS D 333 -15.57 16.59 -6.93
C LYS D 333 -14.61 15.42 -6.97
N TYR D 334 -14.92 14.32 -6.29
CA TYR D 334 -14.04 13.16 -6.34
C TYR D 334 -14.12 12.47 -7.69
N ARG D 335 -15.24 12.61 -8.39
CA ARG D 335 -15.31 12.07 -9.73
C ARG D 335 -14.70 13.02 -10.74
N THR D 336 -15.21 14.25 -10.80
CA THR D 336 -14.82 15.17 -11.87
C THR D 336 -13.33 15.49 -11.90
N ASP D 337 -12.54 15.10 -10.89
CA ASP D 337 -11.10 15.30 -10.98
C ASP D 337 -10.42 14.02 -11.44
N SER D 338 -10.93 12.86 -11.01
CA SER D 338 -10.40 11.60 -11.51
C SER D 338 -10.68 11.44 -13.00
N GLU D 339 -11.90 11.75 -13.42
CA GLU D 339 -12.21 11.76 -14.84
C GLU D 339 -11.32 12.75 -15.57
N GLY D 340 -10.95 13.84 -14.92
CA GLY D 340 -10.07 14.80 -15.55
C GLY D 340 -8.66 14.30 -15.74
N LEU D 341 -8.07 13.72 -14.70
CA LEU D 341 -6.69 13.26 -14.84
C LEU D 341 -6.63 12.00 -15.69
N GLN D 342 -7.75 11.30 -15.84
CA GLN D 342 -7.80 10.27 -16.87
C GLN D 342 -7.65 10.84 -18.27
N GLN D 343 -7.72 12.16 -18.43
CA GLN D 343 -7.29 12.77 -19.68
C GLN D 343 -5.83 13.16 -19.59
N GLN D 344 -5.03 12.21 -19.13
CA GLN D 344 -3.61 12.17 -19.38
C GLN D 344 -3.28 11.19 -20.49
N GLU D 345 -4.26 10.40 -20.91
CA GLU D 345 -4.15 9.51 -22.05
C GLU D 345 -4.07 10.26 -23.36
N THR D 346 -4.20 11.57 -23.34
CA THR D 346 -3.84 12.40 -24.48
C THR D 346 -2.41 12.90 -24.41
N LEU D 347 -1.80 12.85 -23.21
CA LEU D 347 -0.39 13.15 -23.08
C LEU D 347 0.50 11.96 -23.42
N ASP D 348 -0.06 10.76 -23.41
CA ASP D 348 0.67 9.55 -23.77
C ASP D 348 0.40 9.08 -25.19
N ALA D 349 -0.79 9.40 -25.72
CA ALA D 349 -1.08 9.22 -27.13
C ALA D 349 -0.52 10.44 -27.84
N LEU D 350 0.48 11.05 -27.23
CA LEU D 350 1.02 12.36 -27.55
C LEU D 350 1.37 12.59 -29.02
N PRO D 351 1.63 11.55 -29.86
CA PRO D 351 1.82 11.84 -31.28
C PRO D 351 0.74 12.76 -31.80
N LYS D 352 1.14 13.97 -32.15
CA LYS D 352 0.19 15.02 -32.44
C LYS D 352 -0.50 14.83 -33.74
N ALA D 353 -0.33 13.70 -34.41
CA ALA D 353 -1.26 13.32 -35.46
C ALA D 353 -2.41 12.49 -34.92
N ILE D 354 -2.37 12.16 -33.63
CA ILE D 354 -3.44 11.40 -32.98
C ILE D 354 -4.23 12.28 -32.02
N ARG D 355 -3.54 12.84 -31.01
CA ARG D 355 -4.23 13.72 -30.08
C ARG D 355 -4.84 14.92 -30.79
N SER D 356 -4.26 15.35 -31.90
CA SER D 356 -4.91 16.40 -32.67
C SER D 356 -6.22 15.91 -33.28
N SER D 357 -6.26 14.68 -33.77
CA SER D 357 -7.50 14.18 -34.36
C SER D 357 -8.58 13.99 -33.29
N ILE D 358 -8.18 13.55 -32.10
CA ILE D 358 -9.13 13.46 -31.00
C ILE D 358 -9.64 14.84 -30.62
N SER D 359 -8.73 15.78 -30.36
CA SER D 359 -9.15 17.12 -29.94
C SER D 359 -9.82 17.89 -31.07
N HIS D 360 -9.73 17.37 -32.29
CA HIS D 360 -10.53 17.91 -33.39
C HIS D 360 -11.95 17.35 -33.31
N PHE D 361 -12.08 16.03 -33.32
CA PHE D 361 -13.40 15.43 -33.34
C PHE D 361 -14.22 15.84 -32.13
N LEU D 362 -13.59 15.94 -30.97
CA LEU D 362 -14.32 16.26 -29.75
C LEU D 362 -14.97 17.64 -29.84
N PHE D 363 -14.18 18.66 -30.19
CA PHE D 363 -14.69 20.02 -30.26
C PHE D 363 -14.02 20.74 -31.44
N TYR D 364 -14.64 20.66 -32.61
CA TYR D 364 -14.24 21.48 -33.74
C TYR D 364 -15.38 22.33 -34.27
N SER D 365 -16.58 21.75 -34.39
CA SER D 365 -17.73 22.53 -34.80
C SER D 365 -18.04 23.64 -33.80
N LEU D 366 -17.64 23.46 -32.55
CA LEU D 366 -17.85 24.48 -31.53
C LEU D 366 -17.09 25.76 -31.85
N MET D 367 -15.90 25.64 -32.45
CA MET D 367 -15.04 26.79 -32.68
C MET D 367 -15.42 27.57 -33.94
N ASP D 368 -16.66 27.42 -34.41
CA ASP D 368 -17.19 28.25 -35.47
C ASP D 368 -18.45 29.00 -35.07
N LYS D 369 -18.97 28.76 -33.87
CA LYS D 369 -20.18 29.40 -33.38
C LYS D 369 -19.87 30.32 -32.21
N VAL D 370 -18.60 30.73 -32.08
CA VAL D 370 -18.14 31.59 -31.02
C VAL D 370 -18.15 33.03 -31.51
N TYR D 371 -18.18 33.97 -30.57
CA TYR D 371 -18.29 35.40 -30.91
C TYR D 371 -17.06 35.94 -31.62
N LEU D 372 -15.89 35.35 -31.40
CA LEU D 372 -14.64 35.94 -31.87
C LEU D 372 -14.17 35.31 -33.18
N PHE D 373 -14.08 33.98 -33.24
CA PHE D 373 -13.51 33.27 -34.38
C PHE D 373 -14.52 33.06 -35.51
N ARG D 374 -15.54 33.92 -35.60
CA ARG D 374 -16.62 33.72 -36.57
C ARG D 374 -16.09 33.55 -37.99
N GLY D 375 -15.26 34.47 -38.46
CA GLY D 375 -14.83 34.42 -39.83
C GLY D 375 -13.34 34.56 -40.07
N VAL D 376 -12.52 33.99 -39.20
CA VAL D 376 -11.08 34.18 -39.30
C VAL D 376 -10.50 33.36 -40.45
N SER D 377 -10.53 32.04 -40.30
CA SER D 377 -9.96 31.11 -41.28
C SER D 377 -10.22 29.68 -40.84
N ASN D 378 -9.76 28.71 -41.61
CA ASN D 378 -9.86 27.30 -41.24
C ASN D 378 -8.54 26.71 -40.80
N ASP D 379 -7.45 27.07 -41.48
CA ASP D 379 -6.15 26.48 -41.18
C ASP D 379 -5.67 26.81 -39.77
N LEU D 380 -5.55 28.10 -39.46
CA LEU D 380 -5.07 28.51 -38.14
C LEU D 380 -6.00 27.98 -37.05
N LEU D 381 -7.27 27.80 -37.37
CA LEU D 381 -8.21 27.24 -36.40
C LEU D 381 -7.79 25.82 -36.01
N PHE D 382 -7.26 25.05 -36.97
CA PHE D 382 -6.81 23.69 -36.67
C PHE D 382 -5.68 23.70 -35.65
N GLN D 383 -4.65 24.51 -35.90
CA GLN D 383 -3.52 24.53 -34.98
C GLN D 383 -3.90 25.13 -33.63
N LEU D 384 -4.85 26.08 -33.60
CA LEU D 384 -5.24 26.63 -32.30
C LEU D 384 -6.05 25.62 -31.49
N VAL D 385 -7.00 24.93 -32.13
CA VAL D 385 -7.78 23.93 -31.39
C VAL D 385 -6.89 22.76 -30.99
N SER D 386 -5.84 22.48 -31.76
CA SER D 386 -4.94 21.38 -31.41
C SER D 386 -4.06 21.69 -30.21
N GLU D 387 -3.95 22.95 -29.80
CA GLU D 387 -3.25 23.32 -28.58
C GLU D 387 -4.25 23.77 -27.53
N MET D 388 -5.48 23.31 -27.65
CA MET D 388 -6.59 23.74 -26.81
C MET D 388 -7.04 22.56 -25.97
N LYS D 389 -6.90 22.67 -24.65
CA LYS D 389 -7.14 21.56 -23.74
C LYS D 389 -8.36 21.84 -22.88
N ALA D 390 -9.14 20.79 -22.60
CA ALA D 390 -10.40 20.92 -21.88
C ALA D 390 -10.20 20.71 -20.39
N GLU D 391 -11.12 21.24 -19.59
CA GLU D 391 -11.12 21.07 -18.15
C GLU D 391 -12.54 20.91 -17.64
N TYR D 392 -12.67 20.21 -16.51
CA TYR D 392 -13.94 20.01 -15.83
C TYR D 392 -13.97 20.82 -14.55
N PHE D 393 -15.16 21.28 -14.17
CA PHE D 393 -15.31 22.07 -12.96
C PHE D 393 -16.60 21.68 -12.25
N PRO D 394 -16.56 21.44 -10.94
CA PRO D 394 -17.77 21.12 -10.20
C PRO D 394 -18.73 22.30 -10.18
N PRO D 395 -19.98 22.08 -9.80
CA PRO D 395 -20.95 23.19 -9.77
C PRO D 395 -20.56 24.26 -8.77
N LYS D 396 -20.76 25.51 -9.19
CA LYS D 396 -20.56 26.70 -8.36
C LYS D 396 -19.12 26.78 -7.86
N GLU D 397 -18.21 26.83 -8.82
CA GLU D 397 -16.81 27.16 -8.57
C GLU D 397 -16.40 28.24 -9.56
N ASP D 398 -15.41 29.03 -9.18
CA ASP D 398 -14.96 30.16 -9.98
C ASP D 398 -13.78 29.73 -10.85
N VAL D 399 -13.80 30.14 -12.11
CA VAL D 399 -12.73 29.78 -13.04
C VAL D 399 -11.85 30.99 -13.32
N ILE D 400 -12.47 32.16 -13.49
CA ILE D 400 -11.74 33.39 -13.72
C ILE D 400 -12.24 34.44 -12.74
N LEU D 401 -11.56 34.60 -11.61
CA LEU D 401 -11.96 35.58 -10.61
C LEU D 401 -11.60 36.96 -11.11
N GLN D 402 -12.42 37.95 -10.77
CA GLN D 402 -12.23 39.29 -11.29
C GLN D 402 -10.96 39.93 -10.72
N ASN D 403 -10.41 40.89 -11.47
CA ASN D 403 -9.23 41.66 -11.08
C ASN D 403 -8.03 40.77 -10.77
N GLU D 404 -7.54 40.06 -11.79
CA GLU D 404 -6.26 39.39 -11.72
C GLU D 404 -5.57 39.42 -13.08
N ALA D 405 -4.32 38.95 -13.10
CA ALA D 405 -3.50 38.99 -14.30
C ALA D 405 -4.08 38.11 -15.39
N PRO D 406 -4.38 38.65 -16.57
CA PRO D 406 -4.95 37.82 -17.65
C PRO D 406 -3.99 36.74 -18.15
N THR D 407 -4.38 35.47 -18.01
CA THR D 407 -3.57 34.36 -18.50
C THR D 407 -4.31 33.40 -19.41
N ASP D 408 -5.60 33.16 -19.18
CA ASP D 408 -6.29 32.04 -19.80
C ASP D 408 -7.56 32.50 -20.52
N PHE D 409 -7.61 32.26 -21.82
CA PHE D 409 -8.81 32.44 -22.64
C PHE D 409 -9.62 31.15 -22.60
N TYR D 410 -10.87 31.25 -22.17
CA TYR D 410 -11.69 30.07 -21.89
C TYR D 410 -12.85 29.96 -22.89
N ILE D 411 -13.25 28.72 -23.16
CA ILE D 411 -14.41 28.42 -24.00
C ILE D 411 -15.19 27.29 -23.33
N LEU D 412 -16.51 27.38 -23.40
CA LEU D 412 -17.40 26.43 -22.76
C LEU D 412 -18.17 25.64 -23.81
N VAL D 413 -18.41 24.36 -23.55
CA VAL D 413 -19.11 23.51 -24.51
C VAL D 413 -20.51 23.14 -24.01
N ASN D 414 -20.65 22.83 -22.72
CA ASN D 414 -21.95 22.50 -22.15
C ASN D 414 -22.06 23.04 -20.74
N GLY D 415 -23.09 22.61 -20.03
CA GLY D 415 -23.27 23.05 -18.66
C GLY D 415 -23.82 24.46 -18.58
N THR D 416 -23.94 24.98 -17.36
CA THR D 416 -24.49 26.31 -17.15
C THR D 416 -23.56 27.10 -16.25
N ALA D 417 -22.98 28.17 -16.81
CA ALA D 417 -22.14 29.09 -16.06
C ALA D 417 -22.73 30.48 -16.12
N ASP D 418 -22.43 31.29 -15.10
CA ASP D 418 -23.00 32.61 -14.96
C ASP D 418 -21.92 33.68 -14.96
N LEU D 419 -22.24 34.83 -15.56
CA LEU D 419 -21.34 35.99 -15.56
C LEU D 419 -21.61 36.87 -14.35
N VAL D 420 -21.25 36.35 -13.18
CA VAL D 420 -21.54 37.05 -11.93
C VAL D 420 -20.58 38.21 -11.75
N ASP D 421 -21.05 39.27 -11.08
CA ASP D 421 -20.24 40.44 -10.81
C ASP D 421 -20.18 40.68 -9.30
N VAL D 422 -19.02 41.12 -8.84
CA VAL D 422 -18.82 41.46 -7.43
C VAL D 422 -19.13 42.94 -7.27
N ASP D 423 -20.14 43.25 -6.45
CA ASP D 423 -20.56 44.62 -6.24
C ASP D 423 -19.65 45.29 -5.21
N THR D 424 -20.06 46.46 -4.72
CA THR D 424 -19.24 47.19 -3.76
C THR D 424 -19.07 46.40 -2.46
N GLY D 425 -20.16 45.80 -1.97
CA GLY D 425 -20.08 44.96 -0.79
C GLY D 425 -21.02 43.76 -0.90
N THR D 426 -21.46 43.47 -2.12
CA THR D 426 -22.44 42.43 -2.37
C THR D 426 -22.10 41.82 -3.73
N GLU D 427 -23.05 41.09 -4.30
CA GLU D 427 -22.79 40.32 -5.51
C GLU D 427 -24.07 40.21 -6.33
N SER D 428 -23.96 40.45 -7.64
CA SER D 428 -25.09 40.35 -8.56
C SER D 428 -24.58 39.75 -9.87
N ILE D 429 -25.47 39.62 -10.84
CA ILE D 429 -25.16 38.99 -12.12
C ILE D 429 -25.50 39.93 -13.26
N VAL D 430 -24.77 39.80 -14.37
CA VAL D 430 -25.11 40.49 -15.60
C VAL D 430 -25.65 39.53 -16.65
N ARG D 431 -25.16 38.29 -16.65
CA ARG D 431 -25.53 37.32 -17.68
C ARG D 431 -25.16 35.92 -17.20
N GLU D 432 -25.70 34.91 -17.88
CA GLU D 432 -25.41 33.50 -17.62
C GLU D 432 -24.93 32.90 -18.95
N VAL D 433 -23.62 32.70 -19.07
CA VAL D 433 -23.04 32.24 -20.33
C VAL D 433 -23.49 30.82 -20.62
N LYS D 434 -23.75 30.56 -21.90
CA LYS D 434 -24.21 29.25 -22.38
C LYS D 434 -23.19 28.69 -23.36
N ALA D 435 -23.58 27.59 -24.02
CA ALA D 435 -22.68 26.86 -24.90
C ALA D 435 -22.18 27.75 -26.04
N GLY D 436 -20.93 27.51 -26.46
CA GLY D 436 -20.36 28.21 -27.58
C GLY D 436 -19.97 29.64 -27.34
N ASP D 437 -20.10 30.13 -26.10
CA ASP D 437 -19.77 31.51 -25.80
C ASP D 437 -18.47 31.59 -25.01
N ILE D 438 -17.68 32.61 -25.31
CA ILE D 438 -16.34 32.77 -24.77
C ILE D 438 -16.42 33.61 -23.51
N ILE D 439 -15.65 33.21 -22.50
CA ILE D 439 -15.54 33.96 -21.25
C ILE D 439 -14.08 34.32 -21.04
N GLY D 440 -13.84 35.43 -20.36
CA GLY D 440 -12.49 35.87 -20.05
C GLY D 440 -11.70 36.40 -21.23
N GLU D 441 -12.26 36.35 -22.45
CA GLU D 441 -11.60 37.00 -23.58
C GLU D 441 -11.37 38.47 -23.30
N ILE D 442 -12.27 39.09 -22.53
CA ILE D 442 -12.14 40.49 -22.14
C ILE D 442 -11.02 40.59 -21.11
N GLY D 443 -9.85 41.03 -21.56
CA GLY D 443 -8.70 41.20 -20.69
C GLY D 443 -7.44 40.56 -21.21
N VAL D 444 -7.56 39.37 -21.81
CA VAL D 444 -6.38 38.71 -22.35
C VAL D 444 -5.96 39.35 -23.67
N LEU D 445 -6.92 39.85 -24.44
CA LEU D 445 -6.60 40.61 -25.64
C LEU D 445 -6.33 42.07 -25.35
N CYS D 446 -6.63 42.54 -24.14
CA CYS D 446 -6.42 43.92 -23.76
C CYS D 446 -5.22 44.15 -22.85
N TYR D 447 -4.65 43.07 -22.29
CA TYR D 447 -3.64 43.09 -21.22
C TYR D 447 -4.24 43.62 -19.93
N ARG D 448 -5.51 43.99 -19.92
CA ARG D 448 -6.19 44.55 -18.77
C ARG D 448 -6.48 43.45 -17.74
N PRO D 449 -6.60 43.82 -16.46
CA PRO D 449 -7.08 42.86 -15.47
C PRO D 449 -8.45 42.31 -15.86
N GLN D 450 -8.71 41.07 -15.45
CA GLN D 450 -9.92 40.39 -15.89
C GLN D 450 -11.16 40.95 -15.20
N LEU D 451 -12.27 40.88 -15.93
CA LEU D 451 -13.55 41.43 -15.52
C LEU D 451 -14.59 40.33 -15.47
N PHE D 452 -15.64 40.56 -14.68
CA PHE D 452 -16.85 39.72 -14.69
C PHE D 452 -16.51 38.26 -14.33
N THR D 453 -16.11 38.10 -13.07
CA THR D 453 -15.78 36.78 -12.53
C THR D 453 -16.85 35.75 -12.92
N VAL D 454 -16.41 34.54 -13.23
CA VAL D 454 -17.27 33.51 -13.79
C VAL D 454 -17.51 32.45 -12.73
N ARG D 455 -18.76 31.98 -12.64
CA ARG D 455 -19.13 30.92 -11.72
C ARG D 455 -20.04 29.93 -12.43
N THR D 456 -19.91 28.66 -12.05
CA THR D 456 -20.62 27.56 -12.68
C THR D 456 -21.91 27.28 -11.94
N LYS D 457 -22.77 26.47 -12.55
CA LYS D 457 -23.94 25.93 -11.87
C LYS D 457 -23.97 24.41 -11.92
N ARG D 458 -23.27 23.82 -12.88
CA ARG D 458 -23.03 22.39 -12.95
C ARG D 458 -21.71 22.17 -13.66
N LEU D 459 -21.46 20.93 -14.09
CA LEU D 459 -20.27 20.66 -14.88
C LEU D 459 -20.39 21.35 -16.23
N CYS D 460 -19.35 22.09 -16.60
CA CYS D 460 -19.42 22.88 -17.82
C CYS D 460 -18.42 22.47 -18.88
N GLN D 461 -17.39 21.70 -18.55
CA GLN D 461 -16.46 21.17 -19.56
C GLN D 461 -15.83 22.30 -20.37
N LEU D 462 -15.13 23.17 -19.66
CA LEU D 462 -14.55 24.34 -20.33
C LEU D 462 -13.37 23.93 -21.21
N LEU D 463 -12.85 24.91 -21.94
CA LEU D 463 -11.85 24.67 -22.98
C LEU D 463 -10.84 25.82 -22.89
N ARG D 464 -9.68 25.54 -22.31
CA ARG D 464 -8.75 26.59 -21.94
C ARG D 464 -7.66 26.80 -22.99
N MET D 465 -7.36 28.06 -23.27
CA MET D 465 -6.21 28.45 -24.08
C MET D 465 -5.44 29.53 -23.35
N ASN D 466 -4.14 29.32 -23.15
CA ASN D 466 -3.35 30.18 -22.30
C ASN D 466 -2.82 31.39 -23.07
N ARG D 467 -2.44 32.42 -22.32
CA ARG D 467 -1.95 33.69 -22.85
C ARG D 467 -0.76 33.50 -23.77
N THR D 468 0.36 33.03 -23.21
CA THR D 468 1.60 32.94 -23.97
C THR D 468 1.44 32.07 -25.21
N THR D 469 0.77 30.93 -25.09
CA THR D 469 0.53 30.09 -26.25
C THR D 469 -0.27 30.83 -27.30
N PHE D 470 -1.31 31.56 -26.88
CA PHE D 470 -2.10 32.32 -27.83
C PHE D 470 -1.23 33.30 -28.60
N LEU D 471 -0.47 34.13 -27.88
CA LEU D 471 0.29 35.18 -28.55
C LEU D 471 1.44 34.63 -29.39
N ASN D 472 2.13 33.57 -28.95
CA ASN D 472 3.19 33.05 -29.81
C ASN D 472 2.59 32.29 -30.98
N ILE D 473 1.29 31.97 -30.91
CA ILE D 473 0.59 31.52 -32.11
C ILE D 473 0.32 32.69 -33.05
N ILE D 474 -0.21 33.80 -32.52
CA ILE D 474 -0.63 34.89 -33.41
C ILE D 474 0.55 35.64 -34.02
N GLN D 475 1.72 35.66 -33.37
CA GLN D 475 2.85 36.37 -33.95
C GLN D 475 3.21 35.83 -35.32
N ALA D 476 3.40 34.51 -35.41
CA ALA D 476 3.44 33.86 -36.70
C ALA D 476 2.04 33.78 -37.28
N ASN D 477 1.97 33.49 -38.58
CA ASN D 477 0.69 33.47 -39.30
C ASN D 477 -0.02 34.81 -39.15
N VAL D 478 0.63 35.85 -39.69
CA VAL D 478 0.15 37.23 -39.51
C VAL D 478 -1.02 37.56 -40.42
N GLY D 479 -1.51 36.59 -41.21
CA GLY D 479 -2.72 36.82 -41.98
C GLY D 479 -3.86 37.28 -41.10
N ASP D 480 -4.07 36.59 -39.98
CA ASP D 480 -4.96 37.08 -38.95
C ASP D 480 -4.26 38.19 -38.16
N GLY D 481 -5.07 39.07 -37.59
CA GLY D 481 -4.59 40.23 -36.86
C GLY D 481 -5.39 41.43 -37.27
N THR D 482 -5.99 42.10 -36.28
CA THR D 482 -6.95 43.18 -36.36
C THR D 482 -8.30 42.73 -36.90
N ILE D 483 -8.42 41.51 -37.41
CA ILE D 483 -9.72 40.91 -37.68
C ILE D 483 -10.33 40.31 -36.42
N ILE D 484 -9.49 39.63 -35.63
CA ILE D 484 -9.84 39.32 -34.25
C ILE D 484 -10.40 40.56 -33.58
N MET D 485 -9.67 41.68 -33.67
CA MET D 485 -10.18 42.95 -33.16
C MET D 485 -11.43 43.40 -33.93
N ASN D 486 -11.39 43.32 -35.26
CA ASN D 486 -12.54 43.74 -36.07
C ASN D 486 -13.85 43.21 -35.52
N ASN D 487 -13.86 41.92 -35.14
CA ASN D 487 -15.08 41.36 -34.57
C ASN D 487 -15.11 41.49 -33.05
N LEU D 488 -13.98 41.84 -32.43
CA LEU D 488 -13.93 41.98 -30.98
C LEU D 488 -14.57 43.28 -30.53
N LEU D 489 -14.06 44.41 -31.01
CA LEU D 489 -14.63 45.69 -30.62
C LEU D 489 -15.99 45.96 -31.25
N GLN D 490 -16.58 44.98 -31.95
CA GLN D 490 -17.91 45.15 -32.50
C GLN D 490 -18.95 45.47 -31.42
N HIS D 491 -18.67 45.08 -30.17
CA HIS D 491 -19.58 45.36 -29.06
C HIS D 491 -18.80 45.75 -27.82
#